data_4NMC
#
_entry.id   4NMC
#
_cell.length_a   94.078
_cell.length_b   157.207
_cell.length_c   190.762
_cell.angle_alpha   90.000
_cell.angle_beta   90.000
_cell.angle_gamma   90.000
#
_symmetry.space_group_name_H-M   'P 21 21 21'
#
loop_
_entity.id
_entity.type
_entity.pdbx_description
1 polymer 'Proline dehydrogenase and Delta-1-pyrroline-5-carboxylate dehydrogenase'
2 non-polymer 'FLAVIN-ADENINE DINUCLEOTIDE'
3 non-polymer 'TETRAETHYLENE GLYCOL'
4 non-polymer 'POTASSIUM ION'
5 non-polymer N-DODECYL-N,N-DIMETHYL-3-AMMONIO-1-PROPANESULFONATE
6 non-polymer '(2S)-2-HYDROXYPROPANOIC ACID'
7 water water
#
_entity_poly.entity_id   1
_entity_poly.type   'polypeptide(L)'
_entity_poly.pdbx_seq_one_letter_code
;SMLNSELNTKIVNRGKEFFGSISGEKPSLFNKGAWMGKAMDWSMQNEQFKIQMFRFVDVFPSLTTSKLLTEHIREYFGNE
QDMPAFMSTGAKVAGMLGSFGGAVLNKVLTSNIEEMARQFIVGETTKEAVKNLEKLRKDGFAAVVDVLGEATLSEEEAEV
YTNTYLELLEALKKEQGSWKGLPGKGGDPGLDWGHAPKVNIAVKPTALFCLANPQDFEGSVVAILDRMRRIFKKVMELNG
FLCIDMESYRHKEIILEVFRRLKLEYRDYPHLGIVLQAYLKDNDKDLDDLLAWAKEHKVQISVRLVKGAYWDYETVKAKQ
NDWEVPVWTIKAESDAAYERQARKILENHQICHFACASHNIRTISAVMEMARELNVPEDRYEFQVLYGMAEPVRKGILKV
AGRIRLYAPYGNMVPGMGYLVRRLLENTANESFLRQSFAEDAQIERLLEDPAVTVERERAARAAKPKKERKGLGGLPPFN
NEAMVDFTRADHRAAFPKHIAQVRTQLGKTYPLFINGKEVRTNDLIPTVNPNKPSEVLGQICQAGTTEVGDAIAAAKAAF
PAWRDTDPRTRAEYLLKAAQAARKRLFELSAWQVLEIGKQWDQAYADVTEAIDFLEYYAREMIRLGQPQRVGHAPGELNH
YFYEPKGVAAVIAPWNFPLAISMGMASAAIVTGNCVVFKPSGITSIIGWHLVELFREAGLPEGVFNFTPGRGSVMGDYLV
DHPDISLIAFTGSMETGLRIIERAAKVHPGQANVKKIISEMGGKNAIIIDDDADLDEAVPHVLYSAFGFQGQKCSACSRV
IVLDAVYDKFIERLVSMAKATKVGPSEDPANYMGAVADDKAMKSIKEYAEIGKREGHVLYESPVPAGEGYFVPMTIIGGI
KPEHRIAQEEIFGPVLAVMRAKDFDQAIEWANSTQFALTGGIFSRSPEHLAKARREFRVGNLYINRNNTGALVERQPFGG
ARMSGVGTKAGGPDYLLHFMDPRVVTENTMRRGFAPIEEDDDWVD
;
_entity_poly.pdbx_strand_id   A,B
#
loop_
_chem_comp.id
_chem_comp.type
_chem_comp.name
_chem_comp.formula
2OP non-polymer '(2S)-2-HYDROXYPROPANOIC ACID' 'C3 H6 O3'
C15 non-polymer N-DODECYL-N,N-DIMETHYL-3-AMMONIO-1-PROPANESULFONATE 'C17 H38 N O3 S 1'
FAD non-polymer 'FLAVIN-ADENINE DINUCLEOTIDE' 'C27 H33 N9 O15 P2'
K non-polymer 'POTASSIUM ION' 'K 1'
PG4 non-polymer 'TETRAETHYLENE GLYCOL' 'C8 H18 O5'
#
# COMPACT_ATOMS: atom_id res chain seq x y z
N SER A 5 50.32 -10.39 -37.73
CA SER A 5 50.19 -11.44 -36.73
C SER A 5 51.47 -12.26 -36.61
N GLU A 6 52.61 -11.56 -36.62
CA GLU A 6 53.90 -12.21 -36.42
C GLU A 6 54.02 -12.74 -34.99
N LEU A 7 53.94 -11.83 -34.02
CA LEU A 7 54.05 -12.17 -32.61
C LEU A 7 52.96 -13.12 -32.13
N ASN A 8 51.73 -12.90 -32.60
CA ASN A 8 50.60 -13.74 -32.25
C ASN A 8 50.86 -15.21 -32.52
N THR A 9 51.24 -15.51 -33.77
CA THR A 9 51.61 -16.86 -34.15
C THR A 9 52.72 -17.38 -33.25
N LYS A 10 53.69 -16.52 -32.94
CA LYS A 10 54.78 -16.87 -32.05
C LYS A 10 54.33 -17.02 -30.59
N ILE A 11 53.26 -16.31 -30.23
CA ILE A 11 52.69 -16.44 -28.89
C ILE A 11 51.88 -17.74 -28.76
N VAL A 12 51.05 -18.03 -29.76
CA VAL A 12 50.26 -19.26 -29.79
C VAL A 12 51.16 -20.47 -29.64
N ASN A 13 52.30 -20.44 -30.33
CA ASN A 13 53.23 -21.57 -30.32
C ASN A 13 54.03 -21.70 -29.02
N ARG A 14 54.42 -20.57 -28.43
CA ARG A 14 55.02 -20.59 -27.10
C ARG A 14 54.03 -21.19 -26.11
N GLY A 15 52.74 -20.97 -26.38
CA GLY A 15 51.67 -21.52 -25.56
C GLY A 15 51.41 -23.01 -25.79
N LYS A 16 51.54 -23.43 -27.05
CA LYS A 16 51.36 -24.85 -27.38
C LYS A 16 52.48 -25.68 -26.77
N GLU A 17 53.70 -25.13 -26.78
CA GLU A 17 54.85 -25.72 -26.13
C GLU A 17 54.56 -25.94 -24.65
N PHE A 18 54.08 -24.87 -24.00
CA PHE A 18 53.66 -24.91 -22.61
C PHE A 18 52.66 -26.01 -22.33
N PHE A 19 51.58 -26.04 -23.12
CA PHE A 19 50.48 -26.98 -22.91
C PHE A 19 50.89 -28.46 -22.98
N GLY A 20 52.08 -28.73 -23.50
CA GLY A 20 52.58 -30.09 -23.57
C GLY A 20 53.74 -30.36 -22.63
N SER A 21 54.38 -29.28 -22.17
CA SER A 21 55.55 -29.38 -21.29
C SER A 21 55.23 -29.94 -19.92
N GLN A 48 26.15 -28.16 -4.62
CA GLN A 48 25.82 -27.56 -3.33
C GLN A 48 26.87 -27.94 -2.30
N PHE A 49 27.39 -29.17 -2.41
CA PHE A 49 28.34 -29.69 -1.44
C PHE A 49 29.62 -28.87 -1.37
N LYS A 50 30.13 -28.46 -2.52
CA LYS A 50 31.38 -27.71 -2.59
C LYS A 50 31.32 -26.37 -1.86
N ILE A 51 30.16 -25.73 -1.92
CA ILE A 51 29.96 -24.45 -1.25
C ILE A 51 29.92 -24.63 0.27
N GLN A 52 29.25 -25.68 0.71
CA GLN A 52 29.17 -26.00 2.13
C GLN A 52 30.55 -26.37 2.68
N MET A 53 31.34 -27.06 1.87
CA MET A 53 32.71 -27.42 2.25
C MET A 53 33.55 -26.16 2.43
N PHE A 54 33.45 -25.25 1.47
CA PHE A 54 34.20 -24.00 1.51
C PHE A 54 33.81 -23.18 2.74
N ARG A 55 32.50 -23.13 3.00
CA ARG A 55 31.99 -22.43 4.17
C ARG A 55 32.50 -23.04 5.45
N PHE A 56 32.65 -24.37 5.46
CA PHE A 56 33.12 -25.04 6.66
C PHE A 56 34.58 -24.71 6.95
N VAL A 57 35.42 -24.78 5.92
CA VAL A 57 36.85 -24.48 6.10
C VAL A 57 37.02 -23.03 6.56
N ASP A 58 36.24 -22.13 5.98
CA ASP A 58 36.27 -20.72 6.34
C ASP A 58 36.02 -20.49 7.82
N VAL A 59 34.98 -21.13 8.35
CA VAL A 59 34.58 -20.92 9.73
C VAL A 59 35.38 -21.80 10.70
N PHE A 60 36.06 -22.81 10.17
CA PHE A 60 36.78 -23.78 11.00
C PHE A 60 37.73 -23.20 12.08
N PRO A 61 38.52 -22.17 11.75
CA PRO A 61 39.44 -21.67 12.78
C PRO A 61 38.71 -21.12 14.01
N SER A 62 37.46 -20.70 13.83
CA SER A 62 36.65 -20.18 14.91
C SER A 62 35.99 -21.25 15.79
N LEU A 63 36.00 -22.49 15.34
CA LEU A 63 35.37 -23.57 16.10
C LEU A 63 36.31 -24.03 17.23
N THR A 64 36.42 -23.19 18.25
CA THR A 64 37.41 -23.42 19.32
C THR A 64 36.95 -24.38 20.41
N THR A 65 35.69 -24.82 20.36
CA THR A 65 35.18 -25.81 21.31
C THR A 65 34.54 -26.99 20.59
N SER A 66 34.51 -28.14 21.24
CA SER A 66 33.85 -29.32 20.70
C SER A 66 32.39 -29.04 20.36
N LYS A 67 31.74 -28.25 21.21
CA LYS A 67 30.33 -27.94 21.00
C LYS A 67 30.14 -27.11 19.72
N LEU A 68 30.97 -26.07 19.56
CA LEU A 68 31.01 -25.26 18.34
C LEU A 68 31.26 -26.11 17.11
N LEU A 69 32.19 -27.05 17.22
CA LEU A 69 32.56 -27.90 16.08
C LEU A 69 31.41 -28.81 15.64
N THR A 70 30.76 -29.47 16.61
CA THR A 70 29.70 -30.41 16.28
C THR A 70 28.45 -29.68 15.77
N GLU A 71 28.20 -28.49 16.32
CA GLU A 71 27.05 -27.70 15.90
C GLU A 71 27.18 -27.21 14.46
N HIS A 72 28.40 -26.83 14.08
CA HIS A 72 28.64 -26.37 12.71
C HIS A 72 28.66 -27.50 11.69
N ILE A 73 29.21 -28.66 12.08
CA ILE A 73 29.12 -29.84 11.22
C ILE A 73 27.66 -30.23 11.03
N ARG A 74 26.90 -30.26 12.11
CA ARG A 74 25.47 -30.61 12.05
C ARG A 74 24.69 -29.67 11.12
N GLU A 75 24.93 -28.37 11.28
CA GLU A 75 24.26 -27.35 10.48
C GLU A 75 24.72 -27.34 9.02
N TYR A 76 26.03 -27.33 8.81
CA TYR A 76 26.55 -27.13 7.45
C TYR A 76 26.26 -28.31 6.53
N PHE A 77 26.27 -29.52 7.08
CA PHE A 77 26.14 -30.72 6.26
C PHE A 77 24.86 -31.49 6.56
N GLY A 78 23.87 -30.79 7.09
CA GLY A 78 22.64 -31.43 7.53
C GLY A 78 21.58 -31.67 6.47
N ASN A 79 21.68 -30.99 5.33
CA ASN A 79 20.67 -31.13 4.29
C ASN A 79 20.65 -32.52 3.65
N GLU A 80 19.68 -33.33 4.06
CA GLU A 80 19.55 -34.71 3.61
C GLU A 80 19.56 -34.84 2.09
N GLN A 81 18.89 -33.90 1.42
CA GLN A 81 18.76 -33.91 -0.03
C GLN A 81 20.06 -33.57 -0.80
N ASP A 82 20.69 -32.45 -0.44
CA ASP A 82 21.82 -31.91 -1.20
C ASP A 82 23.19 -32.50 -0.85
N MET A 83 23.25 -33.27 0.23
CA MET A 83 24.53 -33.81 0.69
C MET A 83 24.70 -35.27 0.31
N PRO A 84 25.97 -35.69 0.09
CA PRO A 84 26.32 -37.11 0.11
C PRO A 84 25.82 -37.72 1.42
N ALA A 85 25.37 -38.98 1.38
CA ALA A 85 24.78 -39.58 2.57
C ALA A 85 25.78 -39.82 3.70
N PHE A 86 27.07 -39.92 3.36
CA PHE A 86 28.12 -40.04 4.37
C PHE A 86 28.13 -38.79 5.23
N MET A 87 28.28 -37.64 4.57
CA MET A 87 28.25 -36.34 5.23
C MET A 87 26.94 -36.11 5.98
N SER A 88 25.83 -36.33 5.29
CA SER A 88 24.49 -36.17 5.86
C SER A 88 24.29 -36.99 7.13
N THR A 89 24.75 -38.24 7.09
CA THR A 89 24.62 -39.14 8.24
C THR A 89 25.60 -38.76 9.36
N GLY A 90 26.80 -38.34 8.97
CA GLY A 90 27.81 -37.90 9.93
C GLY A 90 27.37 -36.66 10.67
N ALA A 91 26.85 -35.68 9.92
CA ALA A 91 26.33 -34.45 10.50
C ALA A 91 25.29 -34.74 11.59
N LYS A 92 24.34 -35.61 11.29
CA LYS A 92 23.32 -35.99 12.26
C LYS A 92 23.95 -36.67 13.49
N VAL A 93 24.93 -37.53 13.25
CA VAL A 93 25.68 -38.17 14.34
C VAL A 93 26.42 -37.13 15.18
N ALA A 94 27.10 -36.21 14.51
CA ALA A 94 27.83 -35.14 15.21
C ALA A 94 26.88 -34.36 16.11
N GLY A 95 25.69 -34.06 15.61
CA GLY A 95 24.69 -33.32 16.37
C GLY A 95 24.15 -34.06 17.57
N MET A 96 23.88 -35.36 17.42
CA MET A 96 23.35 -36.17 18.51
C MET A 96 24.36 -36.41 19.62
N LEU A 97 25.63 -36.58 19.25
CA LEU A 97 26.68 -36.74 20.23
C LEU A 97 26.95 -35.43 20.95
N GLY A 98 26.79 -34.32 20.23
CA GLY A 98 27.11 -33.02 20.78
C GLY A 98 28.59 -32.97 21.11
N SER A 99 28.94 -32.16 22.11
CA SER A 99 30.34 -31.95 22.48
C SER A 99 31.06 -33.24 22.83
N PHE A 100 30.31 -34.27 23.20
CA PHE A 100 30.90 -35.56 23.54
C PHE A 100 31.63 -36.18 22.36
N GLY A 101 31.17 -35.87 21.14
CA GLY A 101 31.81 -36.40 19.96
C GLY A 101 32.85 -35.46 19.36
N GLY A 102 32.97 -34.28 19.96
CA GLY A 102 33.86 -33.25 19.43
C GLY A 102 35.34 -33.59 19.34
N ALA A 103 35.89 -34.19 20.39
CA ALA A 103 37.33 -34.42 20.45
C ALA A 103 37.86 -35.26 19.28
N VAL A 104 37.16 -36.33 18.92
CA VAL A 104 37.63 -37.19 17.83
C VAL A 104 37.51 -36.46 16.48
N LEU A 105 36.45 -35.67 16.33
CA LEU A 105 36.24 -34.88 15.13
C LEU A 105 37.32 -33.81 14.97
N ASN A 106 37.64 -33.12 16.06
CA ASN A 106 38.66 -32.09 16.03
C ASN A 106 40.02 -32.66 15.63
N LYS A 107 40.40 -33.77 16.25
CA LYS A 107 41.67 -34.43 15.93
C LYS A 107 41.76 -34.78 14.44
N VAL A 108 40.71 -35.41 13.91
CA VAL A 108 40.68 -35.82 12.51
C VAL A 108 40.66 -34.62 11.56
N LEU A 109 39.73 -33.70 11.80
CA LEU A 109 39.56 -32.54 10.91
C LEU A 109 40.76 -31.59 10.92
N THR A 110 41.30 -31.31 12.10
CA THR A 110 42.50 -30.47 12.22
C THR A 110 43.66 -31.06 11.44
N SER A 111 43.93 -32.35 11.67
CA SER A 111 45.03 -33.05 11.02
C SER A 111 44.91 -32.98 9.49
N ASN A 112 43.73 -33.32 8.97
CA ASN A 112 43.49 -33.28 7.53
C ASN A 112 43.65 -31.88 6.94
N ILE A 113 43.08 -30.89 7.60
CA ILE A 113 43.17 -29.51 7.14
C ILE A 113 44.60 -28.96 7.19
N GLU A 114 45.34 -29.26 8.25
CA GLU A 114 46.75 -28.92 8.32
C GLU A 114 47.51 -29.52 7.14
N GLU A 115 47.20 -30.77 6.80
CA GLU A 115 47.82 -31.43 5.66
C GLU A 115 47.42 -30.74 4.35
N MET A 116 46.17 -30.34 4.24
CA MET A 116 45.69 -29.61 3.07
C MET A 116 46.41 -28.26 2.96
N ALA A 117 46.42 -27.51 4.05
CA ALA A 117 47.08 -26.20 4.10
C ALA A 117 48.55 -26.26 3.68
N ARG A 118 49.19 -27.39 3.93
CA ARG A 118 50.61 -27.57 3.64
C ARG A 118 50.92 -27.53 2.14
N GLN A 119 49.88 -27.60 1.31
CA GLN A 119 50.05 -27.56 -0.13
C GLN A 119 50.02 -26.13 -0.67
N PHE A 120 49.71 -25.17 0.21
CA PHE A 120 49.58 -23.77 -0.19
C PHE A 120 50.46 -22.82 0.63
N ILE A 121 50.84 -23.28 1.82
CA ILE A 121 51.63 -22.48 2.74
C ILE A 121 52.94 -23.20 3.02
N VAL A 122 54.08 -22.49 2.96
CA VAL A 122 55.40 -23.12 3.03
C VAL A 122 55.86 -23.46 4.44
N GLY A 123 55.06 -23.11 5.43
CA GLY A 123 55.42 -23.36 6.82
C GLY A 123 54.78 -22.36 7.75
N GLU A 124 54.79 -22.67 9.05
CA GLU A 124 54.28 -21.76 10.07
C GLU A 124 55.36 -21.45 11.09
N THR A 125 56.53 -22.02 10.88
CA THR A 125 57.74 -21.64 11.59
C THR A 125 58.82 -21.31 10.59
N THR A 126 59.74 -20.42 10.97
CA THR A 126 60.85 -20.05 10.11
C THR A 126 61.67 -21.29 9.77
N LYS A 127 61.82 -22.17 10.76
CA LYS A 127 62.55 -23.42 10.57
C LYS A 127 61.89 -24.28 9.51
N GLU A 128 60.58 -24.47 9.63
CA GLU A 128 59.80 -25.20 8.64
C GLU A 128 59.84 -24.48 7.28
N ALA A 129 59.80 -23.15 7.32
CA ALA A 129 59.88 -22.35 6.11
C ALA A 129 61.16 -22.67 5.34
N VAL A 130 62.28 -22.15 5.85
CA VAL A 130 63.63 -22.43 5.33
C VAL A 130 63.80 -23.83 4.74
N LYS A 131 63.36 -24.84 5.48
CA LYS A 131 63.49 -26.23 5.07
C LYS A 131 62.80 -26.53 3.73
N ASN A 132 61.62 -25.94 3.52
CA ASN A 132 60.88 -26.12 2.28
C ASN A 132 61.31 -25.13 1.19
N LEU A 133 61.76 -23.95 1.63
CA LEU A 133 62.37 -22.98 0.73
C LEU A 133 63.62 -23.58 0.09
N GLU A 134 64.29 -24.46 0.83
CA GLU A 134 65.51 -25.12 0.35
C GLU A 134 65.19 -26.32 -0.53
N LYS A 135 64.12 -27.05 -0.20
CA LYS A 135 63.62 -28.12 -1.06
C LYS A 135 63.10 -27.51 -2.37
N LEU A 136 62.75 -26.23 -2.30
CA LEU A 136 62.29 -25.48 -3.46
C LEU A 136 63.46 -25.05 -4.35
N ARG A 137 64.52 -24.51 -3.75
CA ARG A 137 65.73 -24.16 -4.50
C ARG A 137 66.27 -25.39 -5.19
N LYS A 138 66.38 -26.48 -4.43
CA LYS A 138 66.89 -27.75 -4.93
C LYS A 138 65.97 -28.41 -5.94
N ASP A 139 65.02 -27.63 -6.48
CA ASP A 139 64.05 -28.13 -7.45
C ASP A 139 63.96 -27.23 -8.69
N GLY A 140 64.59 -26.06 -8.63
CA GLY A 140 64.62 -25.16 -9.76
C GLY A 140 63.78 -23.90 -9.62
N PHE A 141 63.35 -23.59 -8.40
CA PHE A 141 62.47 -22.44 -8.16
C PHE A 141 63.04 -21.41 -7.20
N ALA A 142 63.00 -20.13 -7.61
CA ALA A 142 63.24 -19.02 -6.69
C ALA A 142 61.99 -18.84 -5.84
N ALA A 143 62.01 -17.89 -4.91
CA ALA A 143 60.87 -17.69 -4.02
C ALA A 143 60.70 -16.25 -3.56
N VAL A 144 59.44 -15.82 -3.48
CA VAL A 144 59.08 -14.61 -2.75
C VAL A 144 58.18 -15.03 -1.59
N VAL A 145 58.45 -14.50 -0.40
CA VAL A 145 57.74 -14.95 0.79
C VAL A 145 56.80 -13.86 1.30
N ASP A 146 55.56 -14.26 1.60
CA ASP A 146 54.57 -13.32 2.13
C ASP A 146 53.91 -13.90 3.38
N VAL A 147 53.65 -13.04 4.36
CA VAL A 147 53.02 -13.50 5.60
C VAL A 147 51.52 -13.56 5.43
N LEU A 148 50.93 -14.73 5.67
CA LEU A 148 49.49 -14.92 5.61
C LEU A 148 48.97 -14.98 7.04
N GLY A 149 48.15 -14.01 7.42
CA GLY A 149 47.63 -13.94 8.78
C GLY A 149 46.29 -13.22 8.84
N GLU A 150 45.89 -12.82 10.03
CA GLU A 150 44.62 -12.12 10.19
C GLU A 150 44.82 -10.66 9.81
N ALA A 151 43.75 -9.97 9.47
CA ALA A 151 43.82 -8.56 9.14
C ALA A 151 44.38 -7.81 10.33
N THR A 152 45.25 -6.84 10.08
CA THR A 152 45.81 -6.03 11.15
C THR A 152 44.76 -5.07 11.68
N LEU A 153 44.45 -5.19 12.96
CA LEU A 153 43.39 -4.37 13.56
C LEU A 153 43.92 -3.49 14.69
N SER A 154 45.23 -3.47 14.88
CA SER A 154 45.81 -2.70 15.98
C SER A 154 47.27 -2.42 15.75
N GLU A 155 47.84 -1.53 16.56
CA GLU A 155 49.25 -1.23 16.43
C GLU A 155 50.09 -2.44 16.85
N GLU A 156 49.63 -3.14 17.88
CA GLU A 156 50.32 -4.36 18.31
C GLU A 156 50.35 -5.39 17.19
N GLU A 157 49.20 -5.60 16.54
CA GLU A 157 49.14 -6.55 15.44
C GLU A 157 50.05 -6.16 14.27
N ALA A 158 50.16 -4.86 13.99
CA ALA A 158 51.06 -4.37 12.96
C ALA A 158 52.49 -4.72 13.33
N GLU A 159 52.82 -4.56 14.61
CA GLU A 159 54.16 -4.88 15.10
C GLU A 159 54.47 -6.37 15.03
N VAL A 160 53.49 -7.21 15.31
CA VAL A 160 53.66 -8.67 15.20
C VAL A 160 53.97 -9.05 13.75
N TYR A 161 53.21 -8.47 12.83
CA TYR A 161 53.39 -8.68 11.40
C TYR A 161 54.79 -8.19 10.96
N THR A 162 55.10 -6.96 11.31
CA THR A 162 56.40 -6.37 11.00
C THR A 162 57.55 -7.23 11.55
N ASN A 163 57.45 -7.59 12.83
CA ASN A 163 58.49 -8.37 13.47
C ASN A 163 58.63 -9.77 12.87
N THR A 164 57.55 -10.28 12.28
CA THR A 164 57.60 -11.58 11.62
C THR A 164 58.47 -11.49 10.36
N TYR A 165 58.41 -10.35 9.67
CA TYR A 165 59.29 -10.13 8.53
C TYR A 165 60.74 -9.97 8.99
N LEU A 166 60.96 -9.19 10.04
CA LEU A 166 62.30 -9.01 10.60
C LEU A 166 62.87 -10.37 11.01
N GLU A 167 62.00 -11.23 11.53
CA GLU A 167 62.41 -12.55 12.00
C GLU A 167 62.76 -13.50 10.87
N LEU A 168 62.05 -13.41 9.75
CA LEU A 168 62.34 -14.23 8.57
C LEU A 168 63.61 -13.76 7.88
N LEU A 169 63.84 -12.44 7.90
CA LEU A 169 65.05 -11.87 7.30
C LEU A 169 66.32 -12.26 8.05
N GLU A 170 66.23 -12.31 9.39
CA GLU A 170 67.37 -12.71 10.21
C GLU A 170 67.71 -14.17 9.97
N ALA A 171 66.67 -15.00 9.88
CA ALA A 171 66.82 -16.42 9.60
C ALA A 171 67.36 -16.68 8.19
N LEU A 172 66.96 -15.83 7.25
CA LEU A 172 67.41 -15.94 5.86
C LEU A 172 68.81 -15.39 5.63
N LYS A 173 69.15 -14.31 6.34
CA LYS A 173 70.50 -13.76 6.32
C LYS A 173 71.45 -14.88 6.70
N LYS A 174 71.18 -15.48 7.85
CA LYS A 174 72.00 -16.57 8.40
C LYS A 174 71.99 -17.84 7.56
N GLU A 175 71.44 -17.76 6.34
CA GLU A 175 71.26 -18.95 5.52
C GLU A 175 71.63 -18.78 4.04
N GLN A 176 71.48 -17.58 3.49
CA GLN A 176 71.69 -17.37 2.06
C GLN A 176 73.15 -17.46 1.63
N GLY A 177 74.06 -17.39 2.59
CA GLY A 177 75.47 -17.62 2.32
C GLY A 177 75.69 -19.02 1.79
N SER A 178 75.13 -20.01 2.50
CA SER A 178 75.30 -21.41 2.13
C SER A 178 74.40 -21.85 0.97
N TRP A 179 73.83 -20.88 0.25
CA TRP A 179 72.89 -21.17 -0.82
C TRP A 179 73.47 -21.10 -2.23
N LYS A 180 73.50 -22.25 -2.91
CA LYS A 180 74.02 -22.31 -4.28
C LYS A 180 73.04 -21.69 -5.27
N GLY A 181 73.41 -20.52 -5.80
CA GLY A 181 72.56 -19.75 -6.70
C GLY A 181 71.97 -20.57 -7.83
N LEU A 182 70.72 -20.28 -8.20
CA LEU A 182 70.04 -21.06 -9.23
C LEU A 182 70.75 -20.96 -10.56
N PRO A 183 70.83 -22.09 -11.28
CA PRO A 183 71.42 -22.25 -12.62
C PRO A 183 71.18 -21.04 -13.52
N GLY A 184 72.20 -20.66 -14.30
CA GLY A 184 72.08 -19.49 -15.14
C GLY A 184 72.96 -19.53 -16.37
N LYS A 185 73.06 -18.37 -17.03
CA LYS A 185 73.88 -18.23 -18.22
C LYS A 185 74.68 -16.94 -18.15
N GLY A 186 75.67 -16.92 -17.27
CA GLY A 186 76.48 -15.74 -17.02
C GLY A 186 76.30 -15.22 -15.61
N GLY A 187 76.89 -14.06 -15.32
CA GLY A 187 76.72 -13.40 -14.03
C GLY A 187 77.23 -14.16 -12.82
N ASP A 188 76.99 -13.57 -11.64
CA ASP A 188 77.39 -14.14 -10.36
C ASP A 188 76.68 -15.46 -10.08
N PRO A 189 77.43 -16.55 -9.83
CA PRO A 189 76.75 -17.80 -9.52
C PRO A 189 76.36 -17.90 -8.05
N GLY A 190 76.64 -16.82 -7.29
CA GLY A 190 76.18 -16.69 -5.92
C GLY A 190 74.92 -15.85 -5.92
N LEU A 191 74.33 -15.73 -7.10
CA LEU A 191 73.04 -15.08 -7.30
C LEU A 191 72.10 -16.05 -8.01
N ASP A 192 70.80 -15.79 -7.92
CA ASP A 192 69.83 -16.58 -8.65
C ASP A 192 69.83 -16.18 -10.13
N TRP A 193 70.07 -17.18 -10.99
CA TRP A 193 70.18 -16.98 -12.43
C TRP A 193 71.33 -16.05 -12.81
N GLY A 194 72.16 -15.71 -11.84
CA GLY A 194 73.32 -14.86 -12.08
C GLY A 194 73.08 -13.37 -11.91
N HIS A 195 71.95 -13.01 -11.31
CA HIS A 195 71.53 -11.61 -11.30
C HIS A 195 70.38 -11.26 -10.36
N ALA A 196 69.84 -12.25 -9.65
CA ALA A 196 68.66 -12.02 -8.81
C ALA A 196 68.92 -12.37 -7.35
N PRO A 197 68.67 -11.41 -6.45
CA PRO A 197 68.88 -11.64 -5.01
C PRO A 197 68.17 -12.91 -4.54
N LYS A 198 68.78 -13.62 -3.60
CA LYS A 198 68.27 -14.91 -3.16
C LYS A 198 67.10 -14.77 -2.19
N VAL A 199 67.06 -13.65 -1.48
CA VAL A 199 65.99 -13.38 -0.54
C VAL A 199 65.01 -12.34 -1.11
N ASN A 200 63.76 -12.76 -1.30
CA ASN A 200 62.74 -11.88 -1.84
C ASN A 200 61.51 -11.95 -0.95
N ILE A 201 61.06 -10.81 -0.44
CA ILE A 201 59.84 -10.77 0.37
C ILE A 201 58.81 -9.82 -0.21
N ALA A 202 57.54 -10.17 -0.05
CA ALA A 202 56.43 -9.31 -0.45
C ALA A 202 55.70 -8.88 0.81
N VAL A 203 55.25 -7.62 0.85
CA VAL A 203 54.61 -7.09 2.05
C VAL A 203 53.29 -6.41 1.71
N LYS A 204 52.25 -6.71 2.50
CA LYS A 204 50.95 -6.09 2.30
C LYS A 204 50.82 -4.79 3.11
N PRO A 205 50.75 -3.64 2.42
CA PRO A 205 50.71 -2.30 3.04
C PRO A 205 49.71 -2.10 4.19
N THR A 206 48.45 -2.48 4.03
CA THR A 206 47.44 -2.25 5.05
C THR A 206 47.64 -3.08 6.33
N ALA A 207 48.47 -4.11 6.24
CA ALA A 207 48.80 -4.93 7.40
C ALA A 207 49.72 -4.16 8.35
N LEU A 208 50.30 -3.07 7.84
CA LEU A 208 51.20 -2.23 8.61
C LEU A 208 50.48 -1.08 9.34
N PHE A 209 49.23 -0.82 8.99
CA PHE A 209 48.48 0.26 9.61
C PHE A 209 46.98 -0.02 9.60
N CYS A 210 46.41 -0.22 10.79
CA CYS A 210 45.05 -0.73 10.90
C CYS A 210 43.98 0.31 10.54
N LEU A 211 44.38 1.58 10.44
CA LEU A 211 43.41 2.63 10.12
C LEU A 211 43.72 3.25 8.75
N ALA A 212 44.48 2.53 7.94
CA ALA A 212 44.79 2.97 6.58
C ALA A 212 43.50 3.35 5.84
N ASN A 213 43.44 4.58 5.36
CA ASN A 213 42.19 5.15 4.82
C ASN A 213 42.54 6.41 4.05
N PRO A 214 42.10 6.51 2.80
CA PRO A 214 42.41 7.70 2.01
C PRO A 214 41.74 8.97 2.56
N GLN A 215 40.75 8.79 3.44
CA GLN A 215 40.17 9.93 4.16
C GLN A 215 41.26 10.64 4.97
N ASP A 216 42.20 9.88 5.53
CA ASP A 216 43.44 10.44 6.07
C ASP A 216 44.61 9.94 5.22
N PHE A 217 44.75 10.53 4.04
CA PHE A 217 45.74 10.10 3.06
C PHE A 217 47.16 10.17 3.60
N GLU A 218 47.57 11.35 4.05
CA GLU A 218 48.94 11.56 4.51
C GLU A 218 49.30 10.71 5.73
N GLY A 219 48.37 10.59 6.68
CA GLY A 219 48.63 9.82 7.88
C GLY A 219 48.79 8.35 7.59
N SER A 220 47.98 7.85 6.66
CA SER A 220 48.04 6.48 6.19
C SER A 220 49.38 6.23 5.49
N VAL A 221 49.76 7.12 4.58
CA VAL A 221 51.05 7.03 3.91
C VAL A 221 52.19 6.93 4.93
N VAL A 222 52.22 7.84 5.90
CA VAL A 222 53.33 7.90 6.84
C VAL A 222 53.39 6.69 7.78
N ALA A 223 52.24 6.31 8.33
CA ALA A 223 52.18 5.15 9.21
C ALA A 223 52.72 3.90 8.52
N ILE A 224 52.29 3.67 7.27
CA ILE A 224 52.74 2.51 6.50
C ILE A 224 54.21 2.62 6.11
N LEU A 225 54.59 3.78 5.58
CA LEU A 225 55.98 4.02 5.17
C LEU A 225 56.95 3.79 6.32
N ASP A 226 56.61 4.28 7.51
CA ASP A 226 57.45 4.15 8.69
C ASP A 226 57.77 2.68 9.00
N ARG A 227 56.78 1.81 8.83
CA ARG A 227 56.98 0.38 9.03
C ARG A 227 57.62 -0.30 7.84
N MET A 228 57.24 0.11 6.62
CA MET A 228 57.84 -0.44 5.42
C MET A 228 59.34 -0.10 5.37
N ARG A 229 59.70 1.05 5.91
CA ARG A 229 61.10 1.51 5.93
C ARG A 229 61.96 0.63 6.85
N ARG A 230 61.40 0.25 7.99
CA ARG A 230 62.11 -0.62 8.93
C ARG A 230 62.37 -2.00 8.33
N ILE A 231 61.39 -2.52 7.61
CA ILE A 231 61.54 -3.81 6.95
C ILE A 231 62.56 -3.73 5.80
N PHE A 232 62.48 -2.64 5.05
CA PHE A 232 63.33 -2.42 3.87
C PHE A 232 64.82 -2.35 4.21
N LYS A 233 65.17 -1.67 5.30
CA LYS A 233 66.56 -1.57 5.72
C LYS A 233 67.15 -2.95 5.99
N LYS A 234 66.37 -3.80 6.64
CA LYS A 234 66.80 -5.17 6.90
C LYS A 234 66.96 -5.93 5.59
N VAL A 235 66.08 -5.63 4.63
CA VAL A 235 66.21 -6.21 3.29
C VAL A 235 67.47 -5.71 2.60
N MET A 236 67.75 -4.42 2.72
CA MET A 236 68.94 -3.83 2.09
C MET A 236 70.22 -4.28 2.79
N GLU A 237 70.09 -4.66 4.06
CA GLU A 237 71.24 -5.16 4.82
C GLU A 237 71.74 -6.48 4.28
N LEU A 238 70.86 -7.30 3.71
CA LEU A 238 71.26 -8.55 3.08
C LEU A 238 71.14 -8.51 1.56
N ASN A 239 71.08 -7.30 1.01
CA ASN A 239 70.97 -7.10 -0.42
C ASN A 239 69.86 -7.96 -1.06
N GLY A 240 68.68 -7.91 -0.46
CA GLY A 240 67.55 -8.69 -0.92
C GLY A 240 66.56 -7.86 -1.70
N PHE A 241 65.41 -8.43 -2.01
CA PHE A 241 64.39 -7.75 -2.80
C PHE A 241 63.11 -7.59 -1.99
N LEU A 242 62.62 -6.35 -1.89
CA LEU A 242 61.34 -6.10 -1.23
C LEU A 242 60.30 -5.69 -2.27
N CYS A 243 59.16 -6.39 -2.26
CA CYS A 243 58.09 -6.08 -3.20
C CYS A 243 56.83 -5.66 -2.42
N ILE A 244 56.27 -4.52 -2.80
CA ILE A 244 55.12 -3.98 -2.10
C ILE A 244 53.83 -4.41 -2.81
N ASP A 245 53.04 -5.27 -2.16
CA ASP A 245 51.79 -5.75 -2.74
C ASP A 245 50.80 -4.61 -2.99
N MET A 246 49.87 -4.85 -3.92
CA MET A 246 48.79 -3.90 -4.15
C MET A 246 47.48 -4.51 -3.68
N GLU A 247 46.68 -3.73 -2.96
CA GLU A 247 45.44 -4.23 -2.38
C GLU A 247 44.23 -3.58 -3.08
N SER A 248 43.15 -3.34 -2.35
CA SER A 248 41.93 -2.81 -3.00
C SER A 248 42.10 -1.37 -3.47
N TYR A 249 41.18 -0.93 -4.32
CA TYR A 249 41.30 0.37 -4.99
C TYR A 249 41.31 1.53 -4.00
N ARG A 250 40.66 1.31 -2.86
CA ARG A 250 40.58 2.29 -1.78
C ARG A 250 41.98 2.76 -1.35
N HIS A 251 42.96 1.88 -1.42
CA HIS A 251 44.29 2.17 -0.91
C HIS A 251 45.34 2.29 -2.01
N LYS A 252 44.92 2.25 -3.27
CA LYS A 252 45.89 2.24 -4.38
C LYS A 252 46.78 3.47 -4.39
N GLU A 253 46.17 4.65 -4.30
CA GLU A 253 46.97 5.88 -4.36
C GLU A 253 47.86 6.04 -3.13
N ILE A 254 47.39 5.54 -1.98
CA ILE A 254 48.20 5.53 -0.77
C ILE A 254 49.45 4.68 -0.98
N ILE A 255 49.25 3.46 -1.48
CA ILE A 255 50.36 2.53 -1.71
C ILE A 255 51.38 3.05 -2.74
N LEU A 256 50.90 3.64 -3.82
CA LEU A 256 51.81 4.22 -4.82
C LEU A 256 52.71 5.31 -4.21
N GLU A 257 52.13 6.15 -3.37
CA GLU A 257 52.90 7.23 -2.75
C GLU A 257 53.93 6.68 -1.76
N VAL A 258 53.60 5.57 -1.11
CA VAL A 258 54.52 4.93 -0.17
C VAL A 258 55.76 4.42 -0.92
N PHE A 259 55.51 3.78 -2.06
CA PHE A 259 56.57 3.21 -2.88
C PHE A 259 57.53 4.30 -3.34
N ARG A 260 56.96 5.40 -3.85
CA ARG A 260 57.74 6.54 -4.30
C ARG A 260 58.62 7.12 -3.19
N ARG A 261 57.99 7.46 -2.06
CA ARG A 261 58.70 8.08 -0.94
C ARG A 261 59.85 7.19 -0.50
N LEU A 262 59.60 5.89 -0.52
CA LEU A 262 60.62 4.93 -0.13
C LEU A 262 61.73 4.83 -1.18
N LYS A 263 61.36 4.84 -2.46
CA LYS A 263 62.36 4.75 -3.52
C LYS A 263 63.32 5.94 -3.48
N LEU A 264 62.76 7.15 -3.40
CA LEU A 264 63.58 8.36 -3.36
C LEU A 264 64.47 8.44 -2.12
N GLU A 265 64.05 7.79 -1.03
CA GLU A 265 64.87 7.71 0.18
C GLU A 265 66.10 6.85 -0.08
N TYR A 266 65.97 5.92 -1.02
CA TYR A 266 67.07 5.03 -1.37
C TYR A 266 67.15 4.85 -2.88
N ARG A 267 67.34 5.96 -3.59
CA ARG A 267 67.37 6.02 -5.05
C ARG A 267 68.25 4.96 -5.70
N ASP A 268 69.39 4.69 -5.06
CA ASP A 268 70.40 3.85 -5.67
C ASP A 268 70.14 2.36 -5.43
N TYR A 269 69.42 2.03 -4.37
CA TYR A 269 69.07 0.63 -4.14
C TYR A 269 68.00 0.20 -5.16
N PRO A 270 68.35 -0.78 -6.00
CA PRO A 270 67.54 -1.20 -7.15
C PRO A 270 66.49 -2.26 -6.84
N HIS A 271 66.57 -2.89 -5.67
CA HIS A 271 65.70 -4.03 -5.38
C HIS A 271 64.48 -3.68 -4.53
N LEU A 272 63.68 -2.76 -5.06
CA LEU A 272 62.40 -2.40 -4.50
C LEU A 272 61.36 -2.56 -5.60
N GLY A 273 60.27 -3.27 -5.30
CA GLY A 273 59.26 -3.54 -6.32
C GLY A 273 57.87 -3.10 -5.91
N ILE A 274 57.01 -2.85 -6.91
CA ILE A 274 55.61 -2.49 -6.67
C ILE A 274 54.70 -3.36 -7.54
N VAL A 275 53.54 -3.70 -7.01
CA VAL A 275 52.54 -4.44 -7.76
C VAL A 275 51.60 -3.47 -8.49
N LEU A 276 51.36 -3.69 -9.78
CA LEU A 276 50.34 -2.94 -10.48
C LEU A 276 49.30 -3.89 -11.06
N GLN A 277 48.03 -3.47 -10.99
CA GLN A 277 46.92 -4.32 -11.40
C GLN A 277 46.36 -3.91 -12.75
N ALA A 278 46.39 -4.83 -13.71
CA ALA A 278 45.92 -4.57 -15.06
C ALA A 278 44.41 -4.40 -15.18
N TYR A 279 43.65 -4.90 -14.20
CA TYR A 279 42.19 -4.80 -14.28
C TYR A 279 41.66 -3.41 -13.99
N LEU A 280 42.54 -2.53 -13.51
CA LEU A 280 42.18 -1.13 -13.24
C LEU A 280 42.25 -0.25 -14.49
N LYS A 281 41.20 0.53 -14.72
CA LYS A 281 41.19 1.49 -15.82
C LYS A 281 42.25 2.54 -15.61
N ASP A 282 42.60 2.78 -14.35
CA ASP A 282 43.66 3.72 -13.99
C ASP A 282 45.04 3.25 -14.41
N ASN A 283 45.21 1.95 -14.63
CA ASN A 283 46.56 1.39 -14.73
C ASN A 283 47.40 1.94 -15.87
N ASP A 284 46.76 2.21 -17.02
CA ASP A 284 47.48 2.76 -18.17
C ASP A 284 48.15 4.09 -17.81
N LYS A 285 47.38 5.02 -17.25
CA LYS A 285 47.93 6.29 -16.80
C LYS A 285 48.87 6.13 -15.61
N ASP A 286 48.49 5.29 -14.65
CA ASP A 286 49.33 5.00 -13.50
C ASP A 286 50.71 4.44 -13.92
N LEU A 287 50.71 3.54 -14.89
CA LEU A 287 51.94 2.95 -15.41
C LEU A 287 52.80 4.02 -16.10
N ASP A 288 52.20 4.73 -17.05
CA ASP A 288 52.91 5.77 -17.78
C ASP A 288 53.46 6.84 -16.83
N ASP A 289 52.67 7.25 -15.85
CA ASP A 289 53.11 8.25 -14.87
C ASP A 289 54.31 7.76 -14.05
N LEU A 290 54.29 6.49 -13.66
CA LEU A 290 55.36 5.91 -12.86
C LEU A 290 56.68 5.82 -13.61
N LEU A 291 56.62 5.40 -14.87
CA LEU A 291 57.80 5.31 -15.73
C LEU A 291 58.41 6.69 -15.94
N ALA A 292 57.54 7.66 -16.21
CA ALA A 292 57.94 9.04 -16.36
C ALA A 292 58.66 9.53 -15.11
N TRP A 293 57.94 9.51 -14.00
CA TRP A 293 58.45 9.83 -12.66
C TRP A 293 59.84 9.25 -12.41
N ALA A 294 60.01 7.97 -12.75
CA ALA A 294 61.28 7.30 -12.59
C ALA A 294 62.38 8.02 -13.37
N LYS A 295 62.20 8.06 -14.69
CA LYS A 295 63.14 8.73 -15.59
C LYS A 295 63.53 10.12 -15.10
N GLU A 296 62.53 10.92 -14.74
CA GLU A 296 62.74 12.28 -14.24
C GLU A 296 63.63 12.32 -13.01
N HIS A 297 63.38 11.43 -12.06
CA HIS A 297 64.18 11.38 -10.84
C HIS A 297 65.44 10.53 -11.00
N LYS A 298 65.68 10.05 -12.22
CA LYS A 298 66.85 9.22 -12.53
C LYS A 298 67.02 8.04 -11.57
N VAL A 299 65.97 7.23 -11.44
CA VAL A 299 66.02 6.00 -10.65
C VAL A 299 65.50 4.82 -11.46
N GLN A 300 65.81 3.61 -11.00
CA GLN A 300 65.23 2.40 -11.56
C GLN A 300 64.09 1.93 -10.67
N ILE A 301 63.17 1.15 -11.24
CA ILE A 301 62.09 0.56 -10.46
C ILE A 301 61.85 -0.87 -10.90
N SER A 302 61.04 -1.57 -10.12
CA SER A 302 60.59 -2.92 -10.48
C SER A 302 59.08 -3.01 -10.32
N VAL A 303 58.44 -3.68 -11.27
CA VAL A 303 56.99 -3.82 -11.26
C VAL A 303 56.55 -5.27 -11.37
N ARG A 304 55.80 -5.76 -10.39
CA ARG A 304 55.14 -7.04 -10.52
C ARG A 304 53.74 -6.81 -11.05
N LEU A 305 53.54 -7.10 -12.32
CA LEU A 305 52.24 -6.86 -12.93
C LEU A 305 51.31 -8.04 -12.71
N VAL A 306 50.16 -7.76 -12.10
CA VAL A 306 49.14 -8.77 -11.88
C VAL A 306 47.86 -8.34 -12.59
N LYS A 307 46.85 -9.21 -12.58
CA LYS A 307 45.56 -8.83 -13.11
C LYS A 307 44.72 -8.10 -12.08
N GLY A 308 44.63 -8.68 -10.88
CA GLY A 308 43.88 -8.05 -9.81
C GLY A 308 43.06 -9.09 -9.05
N ALA A 309 43.09 -9.00 -7.73
CA ALA A 309 42.48 -10.01 -6.87
C ALA A 309 41.12 -9.62 -6.26
N TYR A 310 40.67 -8.40 -6.51
CA TYR A 310 39.48 -7.88 -5.84
C TYR A 310 38.33 -7.50 -6.76
N TRP A 311 38.20 -8.21 -7.88
CA TRP A 311 37.23 -7.84 -8.90
C TRP A 311 35.79 -7.75 -8.38
N ASP A 312 35.31 -8.79 -7.72
CA ASP A 312 33.94 -8.79 -7.22
C ASP A 312 33.74 -7.73 -6.15
N TYR A 313 34.73 -7.60 -5.27
CA TYR A 313 34.69 -6.58 -4.23
C TYR A 313 34.54 -5.18 -4.84
N GLU A 314 35.40 -4.87 -5.80
CA GLU A 314 35.38 -3.53 -6.41
C GLU A 314 34.04 -3.20 -7.07
N THR A 315 33.50 -4.15 -7.83
CA THR A 315 32.25 -3.91 -8.55
C THR A 315 31.07 -3.71 -7.59
N VAL A 316 31.02 -4.50 -6.52
CA VAL A 316 29.92 -4.41 -5.55
C VAL A 316 30.01 -3.10 -4.79
N LYS A 317 31.21 -2.76 -4.30
CA LYS A 317 31.41 -1.53 -3.53
C LYS A 317 31.08 -0.29 -4.37
N ALA A 318 31.55 -0.28 -5.62
CA ALA A 318 31.25 0.81 -6.52
C ALA A 318 29.72 0.97 -6.66
N LYS A 319 29.03 -0.13 -6.98
CA LYS A 319 27.58 -0.07 -7.14
C LYS A 319 26.82 0.30 -5.86
N GLN A 320 27.36 -0.04 -4.69
CA GLN A 320 26.67 0.30 -3.44
C GLN A 320 26.76 1.80 -3.14
N ASN A 321 27.75 2.46 -3.73
CA ASN A 321 28.03 3.87 -3.39
C ASN A 321 27.87 4.81 -4.57
N ASP A 322 27.48 4.26 -5.71
CA ASP A 322 27.45 4.98 -6.98
C ASP A 322 28.81 5.63 -7.29
N TRP A 323 29.89 4.92 -6.97
CA TRP A 323 31.24 5.35 -7.38
C TRP A 323 31.52 4.85 -8.79
N GLU A 324 32.52 5.42 -9.47
CA GLU A 324 32.91 4.87 -10.76
C GLU A 324 33.42 3.44 -10.50
N VAL A 325 33.07 2.50 -11.37
CA VAL A 325 33.62 1.14 -11.28
C VAL A 325 35.07 1.19 -11.75
N PRO A 326 36.03 0.85 -10.87
CA PRO A 326 37.45 1.09 -11.18
C PRO A 326 38.06 -0.02 -12.04
N VAL A 327 37.34 -1.11 -12.22
CA VAL A 327 37.84 -2.22 -13.02
C VAL A 327 37.08 -2.36 -14.34
N TRP A 328 37.72 -2.98 -15.34
CA TRP A 328 37.01 -3.41 -16.54
C TRP A 328 36.02 -4.48 -16.12
N THR A 329 34.98 -4.70 -16.91
CA THR A 329 33.97 -5.71 -16.57
C THR A 329 33.86 -6.80 -17.63
N ILE A 330 34.73 -6.73 -18.64
CA ILE A 330 34.93 -7.84 -19.58
C ILE A 330 36.28 -8.45 -19.26
N LYS A 331 36.29 -9.74 -18.91
CA LYS A 331 37.52 -10.41 -18.48
C LYS A 331 38.66 -10.22 -19.48
N ALA A 332 38.35 -10.36 -20.76
CA ALA A 332 39.34 -10.20 -21.83
C ALA A 332 40.02 -8.83 -21.80
N GLU A 333 39.26 -7.80 -21.41
CA GLU A 333 39.83 -6.45 -21.29
C GLU A 333 41.01 -6.41 -20.33
N SER A 334 40.92 -7.20 -19.26
CA SER A 334 42.03 -7.35 -18.32
C SER A 334 43.17 -8.17 -18.92
N ASP A 335 42.82 -9.23 -19.67
CA ASP A 335 43.82 -10.04 -20.35
C ASP A 335 44.51 -9.24 -21.44
N ALA A 336 43.79 -8.27 -22.00
CA ALA A 336 44.34 -7.42 -23.05
C ALA A 336 45.17 -6.28 -22.47
N ALA A 337 44.64 -5.66 -21.41
CA ALA A 337 45.35 -4.60 -20.71
C ALA A 337 46.70 -5.10 -20.18
N TYR A 338 46.72 -6.33 -19.70
CA TYR A 338 47.95 -6.92 -19.18
C TYR A 338 49.03 -6.94 -20.26
N GLU A 339 48.66 -7.42 -21.45
CA GLU A 339 49.62 -7.54 -22.53
C GLU A 339 50.07 -6.18 -23.06
N ARG A 340 49.12 -5.25 -23.17
CA ARG A 340 49.41 -3.85 -23.44
C ARG A 340 50.48 -3.32 -22.49
N GLN A 341 50.24 -3.53 -21.20
CA GLN A 341 51.07 -2.95 -20.15
C GLN A 341 52.39 -3.68 -19.94
N ALA A 342 52.40 -4.98 -20.14
CA ALA A 342 53.63 -5.75 -20.05
C ALA A 342 54.59 -5.32 -21.14
N ARG A 343 54.05 -5.10 -22.34
CA ARG A 343 54.82 -4.62 -23.47
C ARG A 343 55.53 -3.31 -23.12
N LYS A 344 54.74 -2.29 -22.80
CA LYS A 344 55.22 -0.97 -22.41
C LYS A 344 56.34 -1.05 -21.36
N ILE A 345 56.16 -1.92 -20.38
CA ILE A 345 57.19 -2.17 -19.37
C ILE A 345 58.46 -2.73 -19.98
N LEU A 346 58.31 -3.76 -20.81
CA LEU A 346 59.46 -4.41 -21.45
C LEU A 346 60.24 -3.44 -22.33
N GLU A 347 59.52 -2.58 -23.05
CA GLU A 347 60.12 -1.51 -23.83
C GLU A 347 61.05 -0.66 -22.99
N ASN A 348 60.61 -0.34 -21.77
CA ASN A 348 61.36 0.53 -20.87
C ASN A 348 62.20 -0.25 -19.85
N HIS A 349 62.68 -1.42 -20.24
CA HIS A 349 63.39 -2.34 -19.34
C HIS A 349 64.63 -1.76 -18.66
N GLN A 350 65.27 -0.79 -19.31
CA GLN A 350 66.51 -0.22 -18.80
C GLN A 350 66.26 0.45 -17.46
N ILE A 351 65.02 0.85 -17.26
CA ILE A 351 64.62 1.61 -16.09
C ILE A 351 63.64 0.80 -15.24
N CYS A 352 63.01 -0.21 -15.84
CA CYS A 352 61.97 -0.98 -15.16
C CYS A 352 62.14 -2.49 -15.27
N HIS A 353 62.57 -3.11 -14.18
CA HIS A 353 62.60 -4.56 -14.05
C HIS A 353 61.16 -5.06 -14.02
N PHE A 354 60.95 -6.33 -14.34
CA PHE A 354 59.60 -6.82 -14.55
C PHE A 354 59.35 -8.24 -14.06
N ALA A 355 58.30 -8.40 -13.26
CA ALA A 355 57.88 -9.71 -12.77
C ALA A 355 56.48 -10.05 -13.31
N CYS A 356 56.40 -11.11 -14.09
CA CYS A 356 55.12 -11.58 -14.61
C CYS A 356 54.46 -12.53 -13.61
N ALA A 357 53.31 -12.12 -13.09
CA ALA A 357 52.59 -12.90 -12.10
C ALA A 357 51.21 -13.29 -12.59
N SER A 358 51.12 -14.48 -13.17
CA SER A 358 49.87 -15.00 -13.71
C SER A 358 49.98 -16.52 -13.85
N HIS A 359 48.85 -17.20 -13.83
CA HIS A 359 48.82 -18.63 -14.10
C HIS A 359 48.27 -18.87 -15.49
N ASN A 360 48.04 -17.79 -16.22
CA ASN A 360 47.54 -17.89 -17.58
C ASN A 360 48.66 -18.12 -18.58
N ILE A 361 48.57 -19.24 -19.30
CA ILE A 361 49.56 -19.64 -20.29
C ILE A 361 49.73 -18.56 -21.37
N ARG A 362 48.62 -18.10 -21.90
CA ARG A 362 48.61 -17.05 -22.91
C ARG A 362 49.33 -15.79 -22.43
N THR A 363 49.08 -15.42 -21.18
CA THR A 363 49.67 -14.22 -20.60
C THR A 363 51.18 -14.37 -20.42
N ILE A 364 51.61 -15.55 -19.96
CA ILE A 364 53.02 -15.84 -19.76
C ILE A 364 53.72 -15.95 -21.10
N SER A 365 53.09 -16.68 -22.03
CA SER A 365 53.60 -16.83 -23.39
C SER A 365 53.80 -15.48 -24.07
N ALA A 366 52.78 -14.63 -24.00
CA ALA A 366 52.81 -13.34 -24.67
C ALA A 366 53.86 -12.38 -24.10
N VAL A 367 54.14 -12.51 -22.81
CA VAL A 367 55.20 -11.74 -22.16
C VAL A 367 56.55 -12.22 -22.64
N MET A 368 56.68 -13.55 -22.68
CA MET A 368 57.91 -14.21 -23.06
C MET A 368 58.41 -13.76 -24.44
N GLU A 369 57.51 -13.81 -25.41
CA GLU A 369 57.84 -13.47 -26.79
C GLU A 369 58.04 -11.98 -27.00
N MET A 370 57.22 -11.17 -26.34
CA MET A 370 57.34 -9.71 -26.42
C MET A 370 58.71 -9.24 -25.94
N ALA A 371 59.21 -9.88 -24.88
CA ALA A 371 60.55 -9.60 -24.38
C ALA A 371 61.60 -10.09 -25.37
N ARG A 372 61.42 -11.30 -25.86
CA ARG A 372 62.36 -11.89 -26.83
C ARG A 372 62.20 -11.30 -28.23
N GLU A 373 61.16 -10.49 -28.42
CA GLU A 373 60.97 -9.76 -29.68
C GLU A 373 61.38 -8.30 -29.53
N LEU A 374 61.89 -7.95 -28.36
CA LEU A 374 62.47 -6.63 -28.12
C LEU A 374 63.86 -6.79 -27.51
N ASN A 375 64.34 -8.03 -27.51
CA ASN A 375 65.68 -8.36 -27.02
C ASN A 375 65.98 -7.83 -25.64
N VAL A 376 65.02 -7.99 -24.74
CA VAL A 376 65.21 -7.65 -23.35
C VAL A 376 66.12 -8.70 -22.73
N PRO A 377 67.22 -8.26 -22.12
CA PRO A 377 68.10 -9.18 -21.38
C PRO A 377 67.31 -9.86 -20.26
N GLU A 378 67.68 -11.09 -19.92
CA GLU A 378 66.88 -11.88 -18.98
C GLU A 378 67.02 -11.44 -17.53
N ASP A 379 68.03 -10.61 -17.26
CA ASP A 379 68.17 -10.00 -15.94
C ASP A 379 67.10 -8.94 -15.73
N ARG A 380 66.21 -8.77 -16.70
CA ARG A 380 65.20 -7.74 -16.65
C ARG A 380 63.75 -8.25 -16.58
N TYR A 381 63.57 -9.57 -16.56
CA TYR A 381 62.23 -10.13 -16.38
C TYR A 381 62.21 -11.57 -15.85
N GLU A 382 61.32 -11.82 -14.90
CA GLU A 382 61.17 -13.14 -14.30
C GLU A 382 59.70 -13.52 -14.24
N PHE A 383 59.41 -14.77 -13.93
CA PHE A 383 58.04 -15.22 -13.84
C PHE A 383 57.68 -15.70 -12.43
N GLN A 384 56.47 -15.37 -12.01
CA GLN A 384 56.01 -15.70 -10.66
C GLN A 384 54.68 -16.42 -10.68
N VAL A 385 54.59 -17.50 -9.92
CA VAL A 385 53.37 -18.28 -9.78
C VAL A 385 53.17 -18.67 -8.32
N LEU A 386 51.97 -19.13 -7.98
CA LEU A 386 51.66 -19.49 -6.60
C LEU A 386 52.31 -20.81 -6.18
N TYR A 387 52.88 -20.80 -4.98
CA TYR A 387 53.45 -22.00 -4.37
C TYR A 387 52.45 -23.16 -4.36
N GLY A 388 51.16 -22.81 -4.30
CA GLY A 388 50.10 -23.79 -4.30
C GLY A 388 49.73 -24.37 -5.66
N MET A 389 50.32 -23.82 -6.72
CA MET A 389 50.12 -24.37 -8.06
C MET A 389 50.56 -25.82 -8.07
N ALA A 390 49.81 -26.66 -8.77
CA ALA A 390 50.11 -28.09 -8.88
C ALA A 390 51.57 -28.30 -9.29
N GLU A 391 52.26 -29.18 -8.58
CA GLU A 391 53.68 -29.43 -8.83
C GLU A 391 54.08 -29.71 -10.29
N PRO A 392 53.34 -30.60 -11.00
CA PRO A 392 53.71 -30.83 -12.40
C PRO A 392 53.57 -29.59 -13.28
N VAL A 393 52.49 -28.83 -13.08
CA VAL A 393 52.32 -27.55 -13.78
C VAL A 393 53.45 -26.60 -13.43
N ARG A 394 53.83 -26.57 -12.16
CA ARG A 394 54.91 -25.71 -11.68
C ARG A 394 56.27 -26.05 -12.32
N LYS A 395 56.55 -27.35 -12.46
CA LYS A 395 57.83 -27.80 -13.03
C LYS A 395 57.85 -27.69 -14.55
N GLY A 396 56.78 -28.17 -15.19
CA GLY A 396 56.67 -28.12 -16.64
C GLY A 396 56.72 -26.70 -17.19
N ILE A 397 56.35 -25.74 -16.36
CA ILE A 397 56.43 -24.33 -16.73
C ILE A 397 57.87 -23.80 -16.58
N LEU A 398 58.56 -24.27 -15.54
CA LEU A 398 59.98 -23.94 -15.34
C LEU A 398 60.84 -24.37 -16.53
N LYS A 399 60.50 -25.51 -17.13
CA LYS A 399 61.28 -26.09 -18.22
C LYS A 399 61.13 -25.34 -19.54
N VAL A 400 60.33 -24.28 -19.52
CA VAL A 400 60.11 -23.50 -20.72
C VAL A 400 60.50 -22.04 -20.47
N ALA A 401 60.14 -21.53 -19.29
CA ALA A 401 60.38 -20.13 -18.93
C ALA A 401 61.72 -19.88 -18.25
N GLY A 402 62.25 -20.91 -17.58
CA GLY A 402 63.58 -20.83 -16.98
C GLY A 402 63.65 -20.22 -15.60
N ARG A 403 63.11 -19.03 -15.45
CA ARG A 403 63.22 -18.30 -14.19
C ARG A 403 61.86 -18.12 -13.52
N ILE A 404 61.52 -19.07 -12.65
CA ILE A 404 60.25 -19.06 -11.95
C ILE A 404 60.43 -18.77 -10.46
N ARG A 405 59.75 -17.74 -9.97
CA ARG A 405 59.75 -17.43 -8.54
C ARG A 405 58.40 -17.83 -7.95
N LEU A 406 58.45 -18.55 -6.83
CA LEU A 406 57.23 -19.01 -6.18
C LEU A 406 56.76 -18.03 -5.12
N TYR A 407 55.50 -17.62 -5.23
CA TYR A 407 54.86 -16.82 -4.20
C TYR A 407 54.49 -17.73 -3.04
N ALA A 408 55.22 -17.62 -1.95
CA ALA A 408 55.13 -18.58 -0.85
C ALA A 408 54.59 -17.96 0.44
N PRO A 409 53.28 -18.16 0.70
CA PRO A 409 52.61 -17.66 1.91
C PRO A 409 53.18 -18.33 3.16
N TYR A 410 53.17 -17.63 4.27
CA TYR A 410 53.81 -18.11 5.49
C TYR A 410 52.97 -17.75 6.71
N GLY A 411 52.65 -18.75 7.53
CA GLY A 411 51.84 -18.51 8.72
C GLY A 411 51.10 -19.73 9.22
N ASN A 412 50.26 -19.51 10.23
CA ASN A 412 49.45 -20.57 10.83
C ASN A 412 48.60 -21.34 9.81
N MET A 413 48.77 -22.66 9.79
CA MET A 413 48.15 -23.54 8.79
C MET A 413 46.62 -23.53 8.78
N VAL A 414 46.00 -23.78 9.93
CA VAL A 414 44.54 -23.81 10.00
C VAL A 414 43.86 -22.47 9.67
N PRO A 415 44.27 -21.37 10.35
CA PRO A 415 43.66 -20.08 9.97
C PRO A 415 44.01 -19.70 8.54
N GLY A 416 45.22 -20.05 8.10
CA GLY A 416 45.66 -19.74 6.75
C GLY A 416 44.79 -20.37 5.68
N MET A 417 44.42 -21.63 5.90
CA MET A 417 43.56 -22.35 4.97
C MET A 417 42.14 -21.78 4.95
N GLY A 418 41.71 -21.22 6.08
CA GLY A 418 40.41 -20.58 6.16
C GLY A 418 40.35 -19.38 5.24
N TYR A 419 41.47 -18.65 5.17
CA TYR A 419 41.57 -17.50 4.28
C TYR A 419 41.65 -17.94 2.81
N LEU A 420 41.97 -19.21 2.58
CA LEU A 420 42.15 -19.73 1.23
C LEU A 420 41.07 -20.75 0.83
N GLU A 445 43.99 -23.19 -27.69
CA GLU A 445 42.98 -23.10 -28.74
C GLU A 445 42.37 -21.70 -28.77
N ARG A 446 41.15 -21.58 -28.25
CA ARG A 446 40.56 -20.27 -28.03
C ARG A 446 41.23 -19.64 -26.81
N LEU A 447 41.78 -20.51 -25.96
CA LEU A 447 42.52 -20.08 -24.77
C LEU A 447 43.78 -19.28 -25.10
N LEU A 448 44.27 -19.41 -26.33
CA LEU A 448 45.52 -18.76 -26.74
C LEU A 448 45.33 -17.60 -27.71
N GLU A 449 44.07 -17.22 -27.91
CA GLU A 449 43.71 -16.13 -28.81
C GLU A 449 44.22 -14.77 -28.29
N ASP A 450 44.51 -13.84 -29.21
CA ASP A 450 44.79 -12.46 -28.84
C ASP A 450 43.59 -11.90 -28.08
N PRO A 451 43.79 -11.55 -26.80
CA PRO A 451 42.66 -11.06 -26.00
C PRO A 451 42.04 -9.80 -26.59
N ALA A 452 42.83 -9.00 -27.31
CA ALA A 452 42.31 -7.80 -27.98
C ALA A 452 41.23 -8.13 -29.02
N VAL A 453 41.41 -9.26 -29.71
CA VAL A 453 40.37 -9.77 -30.61
C VAL A 453 39.13 -10.16 -29.82
N THR A 454 39.35 -10.94 -28.76
CA THR A 454 38.27 -11.35 -27.85
C THR A 454 37.49 -10.14 -27.34
N VAL A 455 38.20 -9.05 -27.09
CA VAL A 455 37.59 -7.82 -26.57
C VAL A 455 36.67 -7.18 -27.62
N GLU A 456 37.21 -6.92 -28.81
CA GLU A 456 36.44 -6.29 -29.89
C GLU A 456 35.14 -7.05 -30.18
N ARG A 457 35.18 -8.37 -29.96
CA ARG A 457 34.05 -9.25 -30.23
C ARG A 457 32.99 -9.25 -29.11
N GLU A 458 33.44 -9.45 -27.88
CA GLU A 458 32.54 -9.51 -26.74
C GLU A 458 31.90 -8.15 -26.45
N ARG A 459 32.69 -7.10 -26.62
CA ARG A 459 32.19 -5.73 -26.56
C ARG A 459 31.05 -5.55 -27.54
N ALA A 460 31.31 -5.92 -28.80
CA ALA A 460 30.35 -5.76 -29.88
C ALA A 460 29.01 -6.46 -29.61
N ALA A 461 29.08 -7.67 -29.05
CA ALA A 461 27.89 -8.44 -28.71
C ALA A 461 26.96 -7.65 -27.77
N ARG A 462 27.56 -6.94 -26.81
CA ARG A 462 26.81 -6.15 -25.85
C ARG A 462 26.15 -4.93 -26.50
N LYS A 471 13.78 0.91 -15.11
CA LYS A 471 13.08 2.01 -15.76
C LYS A 471 12.24 2.82 -14.76
N GLY A 472 11.99 4.08 -15.08
CA GLY A 472 11.33 4.99 -14.16
C GLY A 472 9.98 5.54 -14.57
N LEU A 473 9.23 6.01 -13.59
CA LEU A 473 7.85 6.47 -13.79
C LEU A 473 7.69 7.99 -13.66
N GLY A 474 6.54 8.50 -14.10
CA GLY A 474 6.29 9.92 -14.10
C GLY A 474 7.23 10.67 -15.03
N GLY A 475 7.83 9.95 -15.98
CA GLY A 475 8.83 10.52 -16.86
C GLY A 475 10.17 10.68 -16.15
N LEU A 476 10.20 10.36 -14.87
CA LEU A 476 11.40 10.50 -14.06
C LEU A 476 12.21 9.22 -14.06
N PRO A 477 13.54 9.34 -14.01
CA PRO A 477 14.40 8.16 -13.82
C PRO A 477 14.09 7.51 -12.47
N PRO A 478 14.38 6.21 -12.33
CA PRO A 478 14.14 5.53 -11.04
C PRO A 478 15.00 6.16 -9.95
N PHE A 479 14.51 6.17 -8.71
CA PHE A 479 15.31 6.65 -7.60
C PHE A 479 16.65 5.91 -7.52
N ASN A 480 17.71 6.66 -7.19
CA ASN A 480 18.97 6.05 -6.82
C ASN A 480 19.65 6.93 -5.79
N ASN A 481 20.24 6.31 -4.78
CA ASN A 481 20.91 7.06 -3.73
C ASN A 481 22.04 7.91 -4.29
N GLU A 482 22.14 9.15 -3.81
CA GLU A 482 23.19 10.07 -4.20
C GLU A 482 24.55 9.45 -3.87
N ALA A 483 25.52 9.62 -4.76
CA ALA A 483 26.83 9.00 -4.61
C ALA A 483 27.50 9.47 -3.31
N MET A 484 28.17 8.55 -2.62
CA MET A 484 28.90 8.90 -1.41
C MET A 484 30.21 9.56 -1.85
N VAL A 485 30.75 10.42 -1.00
CA VAL A 485 32.04 11.03 -1.28
C VAL A 485 33.07 9.91 -1.46
N ASP A 486 34.02 10.11 -2.36
CA ASP A 486 35.01 9.09 -2.67
C ASP A 486 36.41 9.67 -2.44
N PHE A 487 37.04 9.37 -1.32
CA PHE A 487 38.34 9.97 -1.03
C PHE A 487 39.52 9.32 -1.76
N THR A 488 39.24 8.39 -2.67
CA THR A 488 40.26 7.99 -3.64
C THR A 488 40.45 9.09 -4.70
N ARG A 489 39.51 10.03 -4.74
CA ARG A 489 39.60 11.15 -5.69
C ARG A 489 40.35 12.32 -5.07
N ALA A 490 41.38 12.81 -5.78
CA ALA A 490 42.14 13.95 -5.30
C ALA A 490 41.24 15.17 -5.11
N ASP A 491 40.27 15.38 -6.01
CA ASP A 491 39.40 16.53 -5.88
C ASP A 491 38.50 16.45 -4.64
N HIS A 492 38.06 15.25 -4.29
CA HIS A 492 37.27 15.09 -3.07
C HIS A 492 38.10 15.31 -1.80
N ARG A 493 39.36 14.90 -1.82
CA ARG A 493 40.24 15.12 -0.68
C ARG A 493 40.56 16.61 -0.51
N ALA A 494 40.79 17.29 -1.63
CA ALA A 494 41.07 18.72 -1.63
C ALA A 494 39.87 19.55 -1.22
N ALA A 495 38.66 19.03 -1.45
CA ALA A 495 37.44 19.82 -1.27
C ALA A 495 37.14 20.22 0.16
N PHE A 496 37.38 19.34 1.13
CA PHE A 496 37.01 19.67 2.50
C PHE A 496 37.84 20.81 3.12
N PRO A 497 39.18 20.73 3.10
CA PRO A 497 39.91 21.88 3.64
C PRO A 497 39.50 23.18 2.96
N LYS A 498 39.30 23.18 1.65
CA LYS A 498 38.85 24.38 0.97
C LYS A 498 37.49 24.89 1.47
N HIS A 499 36.50 24.02 1.53
CA HIS A 499 35.16 24.45 1.91
C HIS A 499 35.04 24.80 3.40
N ILE A 500 35.81 24.13 4.24
CA ILE A 500 35.87 24.49 5.64
C ILE A 500 36.44 25.92 5.80
N ALA A 501 37.51 26.22 5.07
CA ALA A 501 38.06 27.57 5.13
C ALA A 501 37.08 28.60 4.57
N GLN A 502 36.38 28.26 3.49
CA GLN A 502 35.37 29.16 2.93
C GLN A 502 34.24 29.45 3.92
N VAL A 503 33.79 28.41 4.61
CA VAL A 503 32.79 28.58 5.67
C VAL A 503 33.31 29.56 6.73
N ARG A 504 34.59 29.46 7.06
CA ARG A 504 35.18 30.36 8.05
C ARG A 504 35.27 31.82 7.62
N THR A 505 35.06 32.10 6.33
CA THR A 505 35.01 33.49 5.88
C THR A 505 33.62 34.04 6.05
N GLN A 506 32.68 33.15 6.38
CA GLN A 506 31.28 33.51 6.44
C GLN A 506 30.71 33.54 7.85
N LEU A 507 31.57 33.57 8.87
CA LEU A 507 31.12 33.51 10.25
C LEU A 507 30.62 34.88 10.74
N GLY A 508 29.83 34.88 11.82
CA GLY A 508 29.43 36.13 12.45
C GLY A 508 28.14 36.75 11.94
N LYS A 509 27.45 36.04 11.05
CA LYS A 509 26.17 36.51 10.55
C LYS A 509 25.05 36.28 11.57
N THR A 510 23.99 37.08 11.45
CA THR A 510 22.79 36.87 12.24
C THR A 510 21.73 36.20 11.39
N TYR A 511 21.24 35.06 11.85
CA TYR A 511 20.29 34.27 11.09
C TYR A 511 18.89 34.54 11.61
N PRO A 512 18.01 35.06 10.74
CA PRO A 512 16.69 35.53 11.14
C PRO A 512 15.67 34.41 11.09
N LEU A 513 14.47 34.63 11.62
CA LEU A 513 13.35 33.73 11.35
C LEU A 513 12.98 33.89 9.88
N PHE A 514 12.30 32.88 9.32
CA PHE A 514 11.75 32.98 7.98
C PHE A 514 10.26 32.62 8.06
N ILE A 515 9.41 33.62 7.92
CA ILE A 515 7.97 33.45 8.05
C ILE A 515 7.26 34.07 6.87
N ASN A 516 6.37 33.30 6.24
CA ASN A 516 5.58 33.83 5.12
C ASN A 516 6.46 34.47 4.03
N GLY A 517 7.56 33.82 3.68
CA GLY A 517 8.42 34.31 2.62
C GLY A 517 9.29 35.49 3.00
N LYS A 518 9.29 35.86 4.28
CA LYS A 518 10.06 37.02 4.72
C LYS A 518 10.98 36.71 5.89
N GLU A 519 12.16 37.34 5.90
CA GLU A 519 13.05 37.26 7.06
C GLU A 519 12.52 38.16 8.17
N VAL A 520 12.47 37.61 9.39
CA VAL A 520 11.95 38.34 10.54
C VAL A 520 12.98 38.29 11.65
N ARG A 521 13.46 39.45 12.09
CA ARG A 521 14.45 39.50 13.15
C ARG A 521 13.82 39.68 14.53
N THR A 522 14.48 39.15 15.55
CA THR A 522 14.06 39.36 16.93
C THR A 522 15.27 39.78 17.77
N ASN A 523 15.00 40.33 18.95
CA ASN A 523 16.09 40.78 19.83
C ASN A 523 16.87 39.65 20.52
N ASP A 524 16.27 38.48 20.64
CA ASP A 524 16.91 37.36 21.37
C ASP A 524 17.79 36.52 20.44
N LEU A 525 19.11 36.61 20.65
CA LEU A 525 20.07 35.88 19.83
C LEU A 525 20.79 34.79 20.63
N ILE A 526 20.95 33.61 20.03
CA ILE A 526 21.75 32.55 20.63
C ILE A 526 22.92 32.28 19.72
N PRO A 527 24.15 32.44 20.25
CA PRO A 527 25.31 32.10 19.42
C PRO A 527 25.34 30.61 19.15
N THR A 528 25.73 30.22 17.95
CA THR A 528 26.02 28.82 17.69
C THR A 528 27.54 28.70 17.57
N VAL A 529 28.10 27.68 18.21
CA VAL A 529 29.56 27.54 18.29
C VAL A 529 30.06 26.17 17.81
N ASN A 530 31.38 26.09 17.59
CA ASN A 530 32.06 24.85 17.20
C ASN A 530 32.26 23.99 18.43
N PRO A 531 31.65 22.79 18.46
CA PRO A 531 31.82 21.97 19.66
C PRO A 531 33.27 21.50 19.89
N ASN A 532 34.07 21.46 18.82
CA ASN A 532 35.47 21.11 19.00
C ASN A 532 36.32 22.30 19.41
N LYS A 533 35.74 23.49 19.32
CA LYS A 533 36.43 24.73 19.70
C LYS A 533 35.42 25.82 20.01
N PRO A 534 34.78 25.74 21.20
CA PRO A 534 33.60 26.54 21.55
C PRO A 534 33.86 28.06 21.56
N SER A 535 35.11 28.49 21.70
CA SER A 535 35.44 29.89 21.52
C SER A 535 35.14 30.37 20.10
N GLU A 536 35.13 29.43 19.14
CA GLU A 536 34.81 29.82 17.78
C GLU A 536 33.29 29.95 17.59
N VAL A 537 32.82 31.19 17.48
CA VAL A 537 31.39 31.46 17.30
C VAL A 537 31.07 31.55 15.80
N LEU A 538 30.19 30.67 15.34
CA LEU A 538 29.89 30.57 13.90
C LEU A 538 28.86 31.60 13.46
N GLY A 539 27.98 31.97 14.37
CA GLY A 539 26.91 32.91 14.06
C GLY A 539 25.98 33.14 15.23
N GLN A 540 25.01 34.04 15.06
CA GLN A 540 23.99 34.33 16.06
C GLN A 540 22.62 34.00 15.45
N ILE A 541 21.77 33.33 16.22
CA ILE A 541 20.45 32.92 15.72
C ILE A 541 19.29 33.67 16.39
N CYS A 542 18.43 34.30 15.60
CA CYS A 542 17.23 34.93 16.18
C CYS A 542 16.29 33.88 16.77
N GLN A 543 15.70 34.18 17.91
CA GLN A 543 14.79 33.23 18.56
C GLN A 543 13.37 33.70 18.43
N ALA A 544 12.48 32.78 18.07
CA ALA A 544 11.07 33.11 18.00
C ALA A 544 10.41 32.99 19.37
N GLY A 545 9.70 34.03 19.77
CA GLY A 545 8.81 33.94 20.92
C GLY A 545 7.51 33.32 20.45
N THR A 546 6.56 33.19 21.37
CA THR A 546 5.27 32.59 21.01
C THR A 546 4.52 33.42 19.98
N THR A 547 4.69 34.75 20.00
CA THR A 547 4.06 35.62 19.01
C THR A 547 4.51 35.27 17.58
N GLU A 548 5.82 35.17 17.39
CA GLU A 548 6.38 34.81 16.09
C GLU A 548 5.99 33.39 15.65
N VAL A 549 5.97 32.44 16.58
CA VAL A 549 5.53 31.08 16.23
C VAL A 549 4.06 31.09 15.80
N GLY A 550 3.26 31.91 16.46
CA GLY A 550 1.88 32.08 16.08
C GLY A 550 1.77 32.68 14.69
N ASP A 551 2.63 33.66 14.40
CA ASP A 551 2.60 34.27 13.08
C ASP A 551 2.96 33.22 12.01
N ALA A 552 3.89 32.34 12.34
CA ALA A 552 4.31 31.30 11.41
C ALA A 552 3.18 30.32 11.19
N ILE A 553 2.52 29.94 12.28
CA ILE A 553 1.37 29.03 12.19
C ILE A 553 0.25 29.64 11.33
N ALA A 554 -0.03 30.92 11.54
CA ALA A 554 -1.07 31.61 10.77
C ALA A 554 -0.70 31.73 9.29
N ALA A 555 0.58 31.97 9.01
CA ALA A 555 1.05 32.03 7.62
C ALA A 555 0.90 30.67 6.95
N ALA A 556 1.28 29.62 7.66
CA ALA A 556 1.13 28.26 7.14
C ALA A 556 -0.31 27.93 6.84
N LYS A 557 -1.18 28.31 7.78
CA LYS A 557 -2.60 28.00 7.67
C LYS A 557 -3.21 28.75 6.49
N ALA A 558 -2.77 29.99 6.28
CA ALA A 558 -3.26 30.81 5.17
C ALA A 558 -2.78 30.28 3.82
N ALA A 559 -1.54 29.78 3.80
CA ALA A 559 -0.97 29.15 2.60
C ALA A 559 -1.56 27.76 2.28
N PHE A 560 -2.12 27.09 3.28
CA PHE A 560 -2.53 25.69 3.14
C PHE A 560 -3.58 25.40 2.04
N PRO A 561 -4.65 26.21 1.94
CA PRO A 561 -5.66 25.81 0.94
C PRO A 561 -5.12 25.82 -0.49
N ALA A 562 -4.31 26.82 -0.85
CA ALA A 562 -3.77 26.91 -2.19
C ALA A 562 -2.72 25.83 -2.43
N TRP A 563 -1.99 25.46 -1.38
CA TRP A 563 -0.97 24.43 -1.49
C TRP A 563 -1.58 23.04 -1.55
N ARG A 564 -2.62 22.80 -0.74
CA ARG A 564 -3.36 21.53 -0.79
C ARG A 564 -3.92 21.30 -2.19
N ASP A 565 -4.35 22.37 -2.83
CA ASP A 565 -4.92 22.29 -4.18
C ASP A 565 -3.87 22.25 -5.29
N THR A 566 -2.60 22.39 -4.92
CA THR A 566 -1.53 22.29 -5.92
C THR A 566 -1.34 20.82 -6.33
N ASP A 567 -1.30 20.58 -7.64
CA ASP A 567 -1.12 19.24 -8.20
C ASP A 567 0.07 18.50 -7.54
N PRO A 568 -0.13 17.22 -7.17
CA PRO A 568 0.97 16.49 -6.52
C PRO A 568 2.27 16.48 -7.32
N ARG A 569 2.19 16.42 -8.65
CA ARG A 569 3.39 16.42 -9.48
C ARG A 569 4.12 17.76 -9.41
N THR A 570 3.36 18.83 -9.23
CA THR A 570 3.96 20.14 -9.10
C THR A 570 4.63 20.27 -7.73
N ARG A 571 3.96 19.80 -6.69
CA ARG A 571 4.59 19.81 -5.36
C ARG A 571 5.88 19.00 -5.38
N ALA A 572 5.86 17.86 -6.06
CA ALA A 572 7.05 17.01 -6.16
C ALA A 572 8.17 17.75 -6.90
N GLU A 573 7.79 18.55 -7.90
CA GLU A 573 8.79 19.32 -8.65
C GLU A 573 9.59 20.28 -7.75
N TYR A 574 8.93 20.89 -6.78
CA TYR A 574 9.66 21.74 -5.84
C TYR A 574 10.73 20.95 -5.08
N LEU A 575 10.41 19.72 -4.66
CA LEU A 575 11.39 18.89 -3.96
C LEU A 575 12.57 18.54 -4.86
N LEU A 576 12.29 18.23 -6.12
CA LEU A 576 13.34 17.92 -7.09
C LEU A 576 14.27 19.12 -7.30
N LYS A 577 13.69 20.33 -7.28
CA LYS A 577 14.48 21.56 -7.42
C LYS A 577 15.32 21.84 -6.18
N ALA A 578 14.76 21.57 -5.01
CA ALA A 578 15.52 21.70 -3.77
C ALA A 578 16.67 20.70 -3.78
N ALA A 579 16.40 19.51 -4.31
CA ALA A 579 17.45 18.50 -4.39
C ALA A 579 18.59 18.92 -5.32
N GLN A 580 18.24 19.52 -6.46
CA GLN A 580 19.27 19.97 -7.36
C GLN A 580 20.09 21.09 -6.72
N ALA A 581 19.42 21.92 -5.93
CA ALA A 581 20.08 23.04 -5.26
C ALA A 581 21.09 22.55 -4.21
N ALA A 582 20.72 21.49 -3.50
CA ALA A 582 21.58 20.94 -2.47
C ALA A 582 22.77 20.24 -3.11
N ARG A 583 22.51 19.52 -4.18
CA ARG A 583 23.56 18.82 -4.94
C ARG A 583 24.63 19.80 -5.42
N LYS A 584 24.20 20.97 -5.84
CA LYS A 584 25.08 22.02 -6.31
C LYS A 584 26.00 22.51 -5.20
N ARG A 585 25.56 22.36 -3.95
CA ARG A 585 26.27 22.89 -2.79
C ARG A 585 26.76 21.81 -1.81
N LEU A 586 26.92 20.59 -2.30
CA LEU A 586 27.19 19.43 -1.43
C LEU A 586 28.41 19.57 -0.49
N PHE A 587 29.56 19.98 -1.01
CA PHE A 587 30.72 20.14 -0.13
C PHE A 587 30.55 21.31 0.83
N GLU A 588 29.97 22.41 0.35
CA GLU A 588 29.71 23.58 1.19
C GLU A 588 28.79 23.22 2.35
N LEU A 589 27.67 22.58 2.03
CA LEU A 589 26.71 22.18 3.05
C LEU A 589 27.37 21.23 4.05
N SER A 590 28.23 20.35 3.56
CA SER A 590 28.93 19.43 4.44
C SER A 590 29.89 20.15 5.39
N ALA A 591 30.65 21.10 4.85
CA ALA A 591 31.65 21.80 5.64
C ALA A 591 31.02 22.52 6.82
N TRP A 592 29.82 23.05 6.62
CA TRP A 592 29.10 23.72 7.68
C TRP A 592 28.85 22.79 8.87
N GLN A 593 28.46 21.54 8.58
CA GLN A 593 28.13 20.57 9.63
C GLN A 593 29.39 20.14 10.37
N VAL A 594 30.50 20.08 9.65
CA VAL A 594 31.78 19.74 10.27
C VAL A 594 32.03 20.73 11.40
N LEU A 595 31.85 22.01 11.12
CA LEU A 595 32.10 23.04 12.12
C LEU A 595 30.98 23.19 13.15
N GLU A 596 29.71 23.17 12.73
CA GLU A 596 28.64 23.50 13.66
C GLU A 596 28.29 22.38 14.66
N ILE A 597 28.48 21.13 14.27
CA ILE A 597 28.09 20.02 15.16
C ILE A 597 29.16 18.93 15.31
N GLY A 598 30.33 19.15 14.72
CA GLY A 598 31.43 18.23 14.90
C GLY A 598 31.30 16.93 14.10
N LYS A 599 30.64 17.01 12.95
CA LYS A 599 30.63 15.89 12.01
C LYS A 599 32.03 15.68 11.42
N GLN A 600 32.45 14.42 11.31
CA GLN A 600 33.65 14.09 10.55
C GLN A 600 33.31 14.23 9.06
N TRP A 601 34.32 14.29 8.20
CA TRP A 601 34.11 14.57 6.76
C TRP A 601 33.09 13.65 6.10
N ASP A 602 33.25 12.34 6.28
CA ASP A 602 32.33 11.38 5.68
C ASP A 602 30.94 11.45 6.31
N GLN A 603 30.86 11.70 7.61
CA GLN A 603 29.58 11.83 8.30
C GLN A 603 28.80 13.04 7.78
N ALA A 604 29.50 14.14 7.56
CA ALA A 604 28.90 15.38 7.08
C ALA A 604 28.34 15.17 5.69
N TYR A 605 29.16 14.61 4.83
CA TYR A 605 28.77 14.38 3.45
C TYR A 605 27.57 13.42 3.37
N ALA A 606 27.58 12.38 4.21
CA ALA A 606 26.47 11.42 4.22
C ALA A 606 25.16 12.04 4.74
N ASP A 607 25.28 13.05 5.59
CA ASP A 607 24.10 13.77 6.06
C ASP A 607 23.44 14.51 4.88
N VAL A 608 24.26 15.22 4.13
CA VAL A 608 23.73 15.99 3.01
C VAL A 608 23.16 15.09 1.91
N THR A 609 23.86 13.99 1.60
CA THR A 609 23.39 13.10 0.57
C THR A 609 22.07 12.45 0.99
N GLU A 610 21.92 12.15 2.28
CA GLU A 610 20.64 11.61 2.76
C GLU A 610 19.52 12.64 2.62
N ALA A 611 19.83 13.91 2.88
CA ALA A 611 18.84 14.99 2.68
C ALA A 611 18.39 15.01 1.22
N ILE A 612 19.35 14.95 0.31
CA ILE A 612 19.04 14.87 -1.11
C ILE A 612 18.20 13.65 -1.43
N ASP A 613 18.54 12.50 -0.84
CA ASP A 613 17.78 11.28 -1.10
C ASP A 613 16.33 11.36 -0.66
N PHE A 614 16.09 11.96 0.52
CA PHE A 614 14.72 12.13 0.97
C PHE A 614 13.94 12.98 -0.05
N LEU A 615 14.58 14.04 -0.55
CA LEU A 615 13.92 14.91 -1.52
C LEU A 615 13.55 14.15 -2.79
N GLU A 616 14.51 13.40 -3.31
CA GLU A 616 14.30 12.62 -4.53
C GLU A 616 13.29 11.50 -4.36
N TYR A 617 13.36 10.84 -3.22
CA TYR A 617 12.51 9.68 -2.95
C TYR A 617 11.08 10.09 -2.65
N TYR A 618 10.91 11.10 -1.80
CA TYR A 618 9.56 11.54 -1.42
C TYR A 618 8.87 12.23 -2.60
N ALA A 619 9.64 12.86 -3.48
CA ALA A 619 9.07 13.41 -4.72
C ALA A 619 8.42 12.28 -5.51
N ARG A 620 9.15 11.18 -5.69
CA ARG A 620 8.63 10.03 -6.43
C ARG A 620 7.46 9.33 -5.73
N GLU A 621 7.55 9.21 -4.41
CA GLU A 621 6.46 8.66 -3.63
C GLU A 621 5.16 9.47 -3.77
N MET A 622 5.25 10.79 -3.79
CA MET A 622 4.03 11.59 -3.95
C MET A 622 3.44 11.42 -5.34
N ILE A 623 4.30 11.34 -6.36
CA ILE A 623 3.82 11.08 -7.71
C ILE A 623 3.10 9.74 -7.77
N ARG A 624 3.64 8.73 -7.09
CA ARG A 624 3.01 7.42 -7.05
C ARG A 624 1.67 7.49 -6.32
N LEU A 625 1.64 8.17 -5.17
CA LEU A 625 0.45 8.22 -4.32
C LEU A 625 -0.60 9.24 -4.75
N GLY A 626 -0.24 10.15 -5.66
CA GLY A 626 -1.07 11.29 -5.98
C GLY A 626 -2.20 11.04 -6.95
N GLN A 627 -2.23 9.85 -7.54
CA GLN A 627 -3.26 9.49 -8.52
C GLN A 627 -4.36 8.66 -7.85
N PRO A 628 -5.62 9.18 -7.87
CA PRO A 628 -6.75 8.43 -7.31
C PRO A 628 -6.89 7.07 -7.99
N GLN A 629 -7.26 6.05 -7.23
CA GLN A 629 -7.40 4.70 -7.78
C GLN A 629 -8.85 4.27 -7.66
N ARG A 630 -9.38 3.68 -8.72
CA ARG A 630 -10.73 3.12 -8.63
C ARG A 630 -10.67 1.90 -7.73
N VAL A 631 -11.59 1.80 -6.78
CA VAL A 631 -11.68 0.60 -5.95
C VAL A 631 -13.06 -0.05 -6.13
N GLY A 632 -13.10 -1.37 -6.04
CA GLY A 632 -14.31 -2.11 -6.40
C GLY A 632 -14.48 -2.19 -7.91
N HIS A 633 -15.42 -3.02 -8.35
CA HIS A 633 -15.60 -3.28 -9.76
C HIS A 633 -17.08 -3.45 -10.15
N ALA A 634 -17.98 -2.99 -9.29
CA ALA A 634 -19.41 -3.03 -9.59
C ALA A 634 -19.76 -2.03 -10.67
N PRO A 635 -20.61 -2.43 -11.63
CA PRO A 635 -21.05 -1.49 -12.68
C PRO A 635 -21.99 -0.43 -12.14
N GLY A 636 -22.24 0.62 -12.91
CA GLY A 636 -23.13 1.69 -12.50
C GLY A 636 -22.61 2.45 -11.30
N GLU A 637 -21.32 2.28 -11.01
CA GLU A 637 -20.72 2.85 -9.81
C GLU A 637 -19.23 3.10 -10.00
N LEU A 638 -18.76 4.25 -9.52
CA LEU A 638 -17.34 4.57 -9.51
C LEU A 638 -16.94 4.94 -8.09
N ASN A 639 -16.07 4.15 -7.49
CA ASN A 639 -15.47 4.56 -6.23
C ASN A 639 -14.01 4.92 -6.45
N HIS A 640 -13.60 6.12 -6.04
CA HIS A 640 -12.18 6.49 -6.15
C HIS A 640 -11.58 6.82 -4.79
N TYR A 641 -10.42 6.22 -4.51
CA TYR A 641 -9.75 6.29 -3.22
C TYR A 641 -8.50 7.14 -3.46
N PHE A 642 -8.29 8.15 -2.62
CA PHE A 642 -7.16 9.07 -2.84
C PHE A 642 -6.79 9.71 -1.52
N TYR A 643 -5.75 10.54 -1.54
CA TYR A 643 -5.20 11.08 -0.30
C TYR A 643 -5.24 12.58 -0.26
N GLU A 644 -5.43 13.14 0.92
CA GLU A 644 -5.34 14.58 1.11
C GLU A 644 -4.48 14.94 2.32
N PRO A 645 -3.88 16.13 2.29
CA PRO A 645 -3.08 16.58 3.43
C PRO A 645 -3.94 16.90 4.65
N LYS A 646 -3.27 17.14 5.78
CA LYS A 646 -3.94 17.43 7.05
C LYS A 646 -4.05 18.92 7.38
N GLY A 647 -2.99 19.67 7.16
CA GLY A 647 -3.03 21.09 7.48
C GLY A 647 -1.65 21.63 7.78
N VAL A 648 -1.47 22.18 8.98
CA VAL A 648 -0.17 22.70 9.40
C VAL A 648 0.58 21.63 10.21
N ALA A 649 1.82 21.37 9.81
CA ALA A 649 2.71 20.44 10.49
C ALA A 649 3.79 21.15 11.29
N ALA A 650 3.94 20.78 12.56
CA ALA A 650 5.07 21.24 13.35
C ALA A 650 6.19 20.22 13.15
N VAL A 651 7.36 20.69 12.74
CA VAL A 651 8.49 19.78 12.56
C VAL A 651 9.60 20.22 13.52
N ILE A 652 9.95 19.32 14.43
CA ILE A 652 10.84 19.59 15.55
C ILE A 652 12.01 18.62 15.39
N ALA A 653 13.17 19.16 15.00
CA ALA A 653 14.30 18.35 14.51
C ALA A 653 15.46 18.26 15.50
N PRO A 654 16.26 17.19 15.40
CA PRO A 654 17.37 17.01 16.32
C PRO A 654 18.64 17.60 15.72
N TRP A 655 19.72 17.68 16.48
CA TRP A 655 20.98 18.24 15.99
C TRP A 655 21.87 17.19 15.36
N ASN A 656 21.59 15.91 15.64
CA ASN A 656 22.58 14.88 15.27
C ASN A 656 22.64 14.52 13.78
N PHE A 657 21.49 14.63 13.10
CA PHE A 657 21.50 14.59 11.63
C PHE A 657 20.76 15.83 11.16
N PRO A 658 21.43 16.98 11.25
CA PRO A 658 20.78 18.28 11.24
C PRO A 658 20.19 18.68 9.90
N LEU A 659 20.71 18.16 8.78
CA LEU A 659 20.08 18.42 7.49
C LEU A 659 19.22 17.24 7.07
N ALA A 660 19.72 16.02 7.27
CA ALA A 660 19.03 14.84 6.74
C ALA A 660 17.65 14.64 7.37
N ILE A 661 17.60 14.55 8.69
CA ILE A 661 16.33 14.28 9.36
C ILE A 661 15.38 15.48 9.25
N SER A 662 15.92 16.69 9.36
CA SER A 662 15.15 17.91 9.19
C SER A 662 14.47 17.91 7.81
N MET A 663 15.28 17.77 6.76
CA MET A 663 14.78 17.81 5.39
C MET A 663 13.79 16.67 5.14
N GLY A 664 14.10 15.49 5.68
CA GLY A 664 13.21 14.35 5.55
C GLY A 664 11.81 14.61 6.08
N MET A 665 11.71 15.06 7.33
CA MET A 665 10.40 15.32 7.94
C MET A 665 9.72 16.51 7.29
N ALA A 666 10.50 17.56 7.00
CA ALA A 666 9.93 18.76 6.41
C ALA A 666 9.44 18.50 4.98
N SER A 667 10.27 17.86 4.16
CA SER A 667 9.91 17.65 2.76
C SER A 667 8.76 16.66 2.64
N ALA A 668 8.70 15.67 3.53
CA ALA A 668 7.58 14.72 3.49
C ALA A 668 6.27 15.44 3.76
N ALA A 669 6.25 16.30 4.78
CA ALA A 669 5.06 17.08 5.10
C ALA A 669 4.69 18.00 3.96
N ILE A 670 5.70 18.68 3.39
CA ILE A 670 5.45 19.63 2.32
C ILE A 670 4.96 18.96 1.05
N VAL A 671 5.63 17.90 0.61
CA VAL A 671 5.24 17.29 -0.66
C VAL A 671 3.84 16.66 -0.61
N THR A 672 3.40 16.27 0.58
CA THR A 672 2.06 15.69 0.73
C THR A 672 0.95 16.75 0.82
N GLY A 673 1.32 18.02 0.79
CA GLY A 673 0.36 19.10 0.73
C GLY A 673 0.11 19.81 2.04
N ASN A 674 0.90 19.51 3.07
CA ASN A 674 0.83 20.26 4.32
C ASN A 674 1.75 21.48 4.26
N CYS A 675 1.53 22.43 5.16
CA CYS A 675 2.47 23.53 5.33
C CYS A 675 3.20 23.36 6.65
N VAL A 676 4.45 23.81 6.71
CA VAL A 676 5.35 23.46 7.81
C VAL A 676 5.81 24.65 8.66
N VAL A 677 5.75 24.47 9.98
CA VAL A 677 6.43 25.36 10.91
C VAL A 677 7.57 24.51 11.50
N PHE A 678 8.80 24.95 11.27
CA PHE A 678 9.99 24.14 11.53
C PHE A 678 10.91 24.72 12.62
N LYS A 679 11.20 23.91 13.63
CA LYS A 679 12.08 24.33 14.73
C LYS A 679 13.34 23.47 14.67
N PRO A 680 14.46 24.05 14.19
CA PRO A 680 15.69 23.25 14.21
C PRO A 680 16.17 23.16 15.65
N SER A 681 17.09 22.25 15.94
CA SER A 681 17.75 22.25 17.25
C SER A 681 18.48 23.56 17.48
N GLY A 682 18.47 24.04 18.72
CA GLY A 682 19.16 25.26 19.06
C GLY A 682 20.68 25.24 18.87
N ILE A 683 21.26 24.06 18.68
CA ILE A 683 22.70 24.00 18.43
C ILE A 683 23.10 23.73 16.96
N THR A 684 22.12 23.50 16.11
CA THR A 684 22.37 23.38 14.66
C THR A 684 21.43 24.23 13.82
N SER A 685 21.24 25.48 14.22
CA SER A 685 20.28 26.35 13.54
C SER A 685 20.80 26.91 12.20
N ILE A 686 22.12 26.95 12.03
CA ILE A 686 22.64 27.35 10.72
C ILE A 686 22.35 26.24 9.71
N ILE A 687 22.56 24.98 10.10
CA ILE A 687 22.19 23.87 9.23
C ILE A 687 20.67 23.95 8.98
N GLY A 688 19.91 24.32 10.01
CA GLY A 688 18.48 24.56 9.84
C GLY A 688 18.20 25.64 8.80
N TRP A 689 18.96 26.72 8.83
CA TRP A 689 18.84 27.77 7.83
C TRP A 689 19.07 27.26 6.39
N HIS A 690 19.83 26.19 6.25
CA HIS A 690 20.04 25.62 4.92
C HIS A 690 18.71 25.18 4.27
N LEU A 691 17.79 24.66 5.07
CA LEU A 691 16.46 24.32 4.56
C LEU A 691 15.78 25.57 4.01
N VAL A 692 15.94 26.70 4.71
CA VAL A 692 15.40 27.96 4.21
C VAL A 692 15.98 28.31 2.85
N GLU A 693 17.31 28.30 2.75
CA GLU A 693 18.02 28.57 1.49
C GLU A 693 17.56 27.67 0.35
N LEU A 694 17.47 26.37 0.63
CA LEU A 694 17.10 25.40 -0.41
C LEU A 694 15.66 25.55 -0.90
N PHE A 695 14.70 25.73 -0.01
CA PHE A 695 13.32 25.89 -0.47
C PHE A 695 13.13 27.23 -1.14
N ARG A 696 13.94 28.21 -0.72
CA ARG A 696 13.89 29.54 -1.31
C ARG A 696 14.38 29.46 -2.75
N GLU A 697 15.49 28.75 -2.96
CA GLU A 697 16.03 28.56 -4.29
C GLU A 697 15.07 27.76 -5.17
N ALA A 698 14.33 26.83 -4.58
CA ALA A 698 13.33 26.08 -5.32
C ALA A 698 12.09 26.92 -5.64
N GLY A 699 11.98 28.09 -5.02
CA GLY A 699 10.83 28.97 -5.23
C GLY A 699 9.56 28.50 -4.57
N LEU A 700 9.66 27.79 -3.44
CA LEU A 700 8.46 27.30 -2.73
C LEU A 700 7.55 28.49 -2.39
N PRO A 701 6.22 28.31 -2.55
CA PRO A 701 5.31 29.43 -2.26
C PRO A 701 5.38 29.92 -0.81
N GLU A 702 5.07 31.19 -0.58
CA GLU A 702 5.24 31.79 0.73
C GLU A 702 4.33 31.13 1.75
N GLY A 703 4.85 30.89 2.95
CA GLY A 703 4.04 30.31 4.01
C GLY A 703 4.05 28.80 4.07
N VAL A 704 4.45 28.15 2.98
CA VAL A 704 4.50 26.68 2.94
C VAL A 704 5.60 26.12 3.86
N PHE A 705 6.75 26.79 3.90
CA PHE A 705 7.82 26.43 4.83
C PHE A 705 8.24 27.64 5.66
N ASN A 706 8.14 27.51 6.98
CA ASN A 706 8.47 28.57 7.92
C ASN A 706 9.51 28.08 8.93
N PHE A 707 10.50 28.94 9.21
CA PHE A 707 11.67 28.62 10.01
C PHE A 707 11.61 29.44 11.28
N THR A 708 11.37 28.76 12.40
CA THR A 708 11.23 29.42 13.68
C THR A 708 12.04 28.72 14.76
N PRO A 709 13.37 28.88 14.72
CA PRO A 709 14.17 28.47 15.88
C PRO A 709 13.66 29.27 17.08
N GLY A 710 13.63 28.62 18.23
CA GLY A 710 13.19 29.27 19.45
C GLY A 710 13.62 28.44 20.64
N ARG A 711 13.57 29.05 21.82
CA ARG A 711 13.88 28.29 23.03
C ARG A 711 12.70 27.38 23.37
N GLY A 712 12.97 26.09 23.50
CA GLY A 712 11.94 25.12 23.82
C GLY A 712 11.17 25.50 25.07
N SER A 713 11.89 26.02 26.05
CA SER A 713 11.27 26.49 27.29
C SER A 713 10.32 27.65 27.02
N VAL A 714 10.59 28.44 25.99
CA VAL A 714 9.78 29.60 25.67
C VAL A 714 8.62 29.23 24.74
N MET A 715 8.91 28.45 23.70
CA MET A 715 7.87 28.23 22.68
C MET A 715 7.53 26.77 22.35
N GLY A 716 8.23 25.82 22.97
CA GLY A 716 8.02 24.41 22.68
C GLY A 716 6.61 23.88 22.88
N ASP A 717 6.08 24.03 24.10
CA ASP A 717 4.71 23.60 24.35
C ASP A 717 3.71 24.39 23.50
N TYR A 718 3.93 25.68 23.34
CA TYR A 718 3.05 26.53 22.55
C TYR A 718 2.87 25.99 21.13
N LEU A 719 4.00 25.62 20.50
CA LEU A 719 3.98 25.03 19.17
C LEU A 719 3.20 23.70 19.15
N VAL A 720 3.50 22.80 20.08
CA VAL A 720 2.81 21.51 20.14
C VAL A 720 1.32 21.63 20.48
N ASP A 721 1.00 22.54 21.41
CA ASP A 721 -0.36 22.71 21.93
C ASP A 721 -1.29 23.46 20.97
N HIS A 722 -0.73 24.16 19.97
CA HIS A 722 -1.53 25.11 19.19
C HIS A 722 -2.70 24.41 18.48
N PRO A 723 -3.90 25.01 18.54
CA PRO A 723 -5.08 24.36 17.94
C PRO A 723 -5.00 24.25 16.43
N ASP A 724 -4.19 25.08 15.78
CA ASP A 724 -4.09 25.04 14.31
C ASP A 724 -3.07 24.02 13.79
N ILE A 725 -2.45 23.27 14.71
CA ILE A 725 -1.50 22.22 14.31
C ILE A 725 -2.27 20.90 14.13
N SER A 726 -2.03 20.20 13.01
CA SER A 726 -2.70 18.92 12.74
C SER A 726 -1.75 17.72 12.77
N LEU A 727 -0.45 17.99 12.70
CA LEU A 727 0.53 16.91 12.65
C LEU A 727 1.79 17.40 13.33
N ILE A 728 2.44 16.51 14.07
CA ILE A 728 3.74 16.85 14.67
C ILE A 728 4.71 15.76 14.28
N ALA A 729 5.79 16.17 13.62
CA ALA A 729 6.87 15.27 13.23
C ALA A 729 8.06 15.58 14.14
N PHE A 730 8.43 14.60 14.96
CA PHE A 730 9.46 14.80 15.96
C PHE A 730 10.51 13.71 15.88
N THR A 731 11.77 14.11 15.96
CA THR A 731 12.84 13.14 16.17
C THR A 731 13.71 13.68 17.29
N GLY A 732 13.90 12.88 18.34
CA GLY A 732 14.62 13.36 19.50
C GLY A 732 14.60 12.35 20.64
N SER A 733 14.71 12.83 21.87
CA SER A 733 14.80 11.91 22.99
C SER A 733 13.43 11.37 23.37
N MET A 734 13.40 10.19 23.98
CA MET A 734 12.16 9.57 24.39
C MET A 734 11.39 10.48 25.35
N GLU A 735 12.11 11.10 26.28
CA GLU A 735 11.47 11.94 27.29
C GLU A 735 10.66 13.07 26.64
N THR A 736 11.27 13.74 25.68
CA THR A 736 10.59 14.84 24.97
C THR A 736 9.47 14.30 24.06
N GLY A 737 9.72 13.17 23.41
CA GLY A 737 8.76 12.63 22.48
C GLY A 737 7.49 12.18 23.19
N LEU A 738 7.65 11.53 24.34
CA LEU A 738 6.48 11.04 25.08
C LEU A 738 5.67 12.21 25.60
N ARG A 739 6.36 13.27 26.00
CA ARG A 739 5.68 14.46 26.48
C ARG A 739 4.85 15.09 25.35
N ILE A 740 5.46 15.18 24.17
CA ILE A 740 4.78 15.70 23.01
C ILE A 740 3.55 14.86 22.70
N ILE A 741 3.71 13.54 22.73
CA ILE A 741 2.59 12.63 22.52
C ILE A 741 1.45 12.87 23.51
N GLU A 742 1.75 13.12 24.78
CA GLU A 742 0.68 13.36 25.77
C GLU A 742 -0.03 14.68 25.52
N ARG A 743 0.73 15.72 25.20
CA ARG A 743 0.15 17.05 25.04
C ARG A 743 -0.62 17.14 23.72
N ALA A 744 -0.16 16.44 22.70
CA ALA A 744 -0.79 16.51 21.36
C ALA A 744 -2.12 15.79 21.35
N ALA A 745 -2.30 14.87 22.30
CA ALA A 745 -3.53 14.06 22.37
C ALA A 745 -4.75 14.91 22.66
N LYS A 746 -4.56 15.99 23.41
CA LYS A 746 -5.65 16.89 23.76
C LYS A 746 -6.22 17.66 22.56
N VAL A 747 -7.55 17.75 22.49
CA VAL A 747 -8.20 18.54 21.44
C VAL A 747 -8.71 19.85 22.02
N HIS A 748 -8.10 20.96 21.61
CA HIS A 748 -8.42 22.29 22.14
C HIS A 748 -9.56 22.93 21.34
N PRO A 749 -10.22 23.94 21.93
CA PRO A 749 -11.29 24.62 21.17
C PRO A 749 -10.75 25.18 19.85
N GLY A 750 -11.48 24.95 18.76
CA GLY A 750 -11.09 25.42 17.43
C GLY A 750 -10.17 24.48 16.67
N GLN A 751 -9.69 23.45 17.35
CA GLN A 751 -8.77 22.52 16.72
C GLN A 751 -9.52 21.60 15.74
N ALA A 752 -9.07 21.56 14.49
CA ALA A 752 -9.79 20.84 13.44
C ALA A 752 -9.64 19.32 13.45
N ASN A 753 -8.45 18.84 13.77
CA ASN A 753 -8.15 17.41 13.68
C ASN A 753 -7.62 16.84 14.98
N VAL A 754 -7.68 15.52 15.09
CA VAL A 754 -6.89 14.84 16.10
C VAL A 754 -5.47 14.88 15.56
N LYS A 755 -4.55 15.37 16.40
CA LYS A 755 -3.18 15.56 15.95
C LYS A 755 -2.46 14.26 15.66
N LYS A 756 -1.88 14.16 14.47
CA LYS A 756 -1.12 12.98 14.07
C LYS A 756 0.32 13.08 14.55
N ILE A 757 0.82 12.00 15.13
CA ILE A 757 2.17 11.96 15.70
C ILE A 757 3.13 11.15 14.84
N ILE A 758 4.23 11.77 14.42
CA ILE A 758 5.33 11.04 13.79
C ILE A 758 6.54 11.27 14.71
N SER A 759 6.97 10.21 15.39
CA SER A 759 7.94 10.33 16.47
C SER A 759 8.98 9.23 16.33
N GLU A 760 10.25 9.62 16.37
CA GLU A 760 11.34 8.66 16.47
C GLU A 760 12.11 9.04 17.73
N MET A 761 12.28 8.11 18.66
CA MET A 761 12.75 8.44 20.01
C MET A 761 13.99 7.70 20.53
N GLY A 762 14.90 7.31 19.66
CA GLY A 762 16.17 6.79 20.15
C GLY A 762 16.17 5.30 20.45
N GLY A 763 17.31 4.80 20.92
CA GLY A 763 17.46 3.37 21.13
C GLY A 763 18.55 3.03 22.13
N LYS A 764 18.64 1.76 22.49
CA LYS A 764 19.78 1.27 23.26
C LYS A 764 20.23 0.03 22.51
N ASN A 765 20.91 0.25 21.39
CA ASN A 765 21.07 -0.79 20.38
C ASN A 765 22.23 -1.75 20.63
N ALA A 766 21.95 -3.04 20.48
CA ALA A 766 22.94 -4.06 20.70
C ALA A 766 23.44 -4.63 19.38
N ILE A 767 24.73 -4.99 19.33
CA ILE A 767 25.24 -5.90 18.31
C ILE A 767 25.64 -7.20 19.02
N ILE A 768 25.14 -8.34 18.52
CA ILE A 768 25.53 -9.62 19.08
C ILE A 768 26.73 -10.15 18.30
N ILE A 769 27.78 -10.55 19.03
CA ILE A 769 28.94 -11.20 18.43
C ILE A 769 28.86 -12.69 18.77
N ASP A 770 28.42 -13.51 17.80
CA ASP A 770 28.27 -14.95 18.02
C ASP A 770 29.68 -15.54 18.11
N ASP A 771 29.81 -16.74 18.68
CA ASP A 771 31.17 -17.27 18.88
C ASP A 771 31.88 -17.72 17.60
N ASP A 772 31.14 -17.82 16.50
CA ASP A 772 31.75 -18.17 15.21
C ASP A 772 31.92 -16.96 14.28
N ALA A 773 31.72 -15.77 14.82
CA ALA A 773 31.81 -14.54 14.05
C ALA A 773 33.21 -14.34 13.44
N ASP A 774 33.26 -13.72 12.25
CA ASP A 774 34.53 -13.31 11.65
C ASP A 774 35.04 -12.05 12.33
N LEU A 775 36.04 -12.18 13.19
CA LEU A 775 36.47 -11.05 14.00
C LEU A 775 37.15 -9.93 13.21
N ASP A 776 37.79 -10.27 12.09
CA ASP A 776 38.38 -9.26 11.22
C ASP A 776 37.32 -8.29 10.69
N GLU A 777 36.07 -8.74 10.59
CA GLU A 777 34.96 -7.89 10.16
C GLU A 777 34.23 -7.27 11.36
N ALA A 778 33.90 -8.11 12.33
CA ALA A 778 33.12 -7.68 13.49
C ALA A 778 33.77 -6.57 14.32
N VAL A 779 35.08 -6.66 14.56
CA VAL A 779 35.73 -5.67 15.41
C VAL A 779 35.63 -4.24 14.83
N PRO A 780 36.06 -4.04 13.57
CA PRO A 780 35.96 -2.65 13.08
C PRO A 780 34.53 -2.17 12.89
N HIS A 781 33.61 -3.07 12.53
CA HIS A 781 32.20 -2.67 12.40
C HIS A 781 31.63 -2.26 13.76
N VAL A 782 32.01 -2.97 14.81
CA VAL A 782 31.54 -2.61 16.14
C VAL A 782 32.13 -1.26 16.58
N LEU A 783 33.42 -1.07 16.33
CA LEU A 783 34.06 0.18 16.70
C LEU A 783 33.38 1.36 16.00
N TYR A 784 33.10 1.21 14.72
CA TYR A 784 32.40 2.26 13.97
C TYR A 784 30.97 2.49 14.48
N SER A 785 30.24 1.40 14.73
CA SER A 785 28.85 1.50 15.18
C SER A 785 28.76 2.21 16.52
N ALA A 786 29.75 1.98 17.39
CA ALA A 786 29.76 2.56 18.72
C ALA A 786 30.25 3.99 18.75
N PHE A 787 31.32 4.26 17.99
CA PHE A 787 32.06 5.53 18.13
C PHE A 787 32.04 6.45 16.90
N GLY A 788 31.48 6.00 15.79
CA GLY A 788 31.31 6.90 14.65
C GLY A 788 30.45 8.07 15.08
N PHE A 789 30.83 9.28 14.68
CA PHE A 789 30.21 10.50 15.16
C PHE A 789 30.05 10.52 16.70
N GLN A 790 31.08 10.03 17.39
CA GLN A 790 31.10 10.11 18.85
C GLN A 790 29.94 9.35 19.49
N GLY A 791 29.34 8.39 18.78
CA GLY A 791 28.24 7.63 19.34
C GLY A 791 26.93 8.40 19.37
N GLN A 792 26.89 9.53 18.67
CA GLN A 792 25.69 10.39 18.74
C GLN A 792 24.64 10.03 17.68
N LYS A 793 24.23 8.78 17.65
CA LYS A 793 23.20 8.37 16.69
C LYS A 793 22.13 7.58 17.39
N CYS A 794 20.89 7.76 16.97
CA CYS A 794 19.82 6.94 17.52
C CYS A 794 20.04 5.47 17.18
N SER A 795 20.78 5.23 16.10
CA SER A 795 21.11 3.89 15.64
C SER A 795 22.38 3.30 16.26
N ALA A 796 23.12 4.08 17.05
CA ALA A 796 24.46 3.67 17.50
C ALA A 796 24.44 2.40 18.32
N CYS A 797 25.52 1.62 18.19
CA CYS A 797 25.71 0.47 19.06
C CYS A 797 26.20 0.95 20.42
N SER A 798 25.39 0.76 21.46
CA SER A 798 25.80 1.14 22.81
C SER A 798 26.00 -0.10 23.70
N ARG A 799 25.62 -1.27 23.18
CA ARG A 799 25.81 -2.53 23.89
C ARG A 799 26.36 -3.54 22.92
N VAL A 800 27.51 -4.13 23.23
CA VAL A 800 27.99 -5.21 22.39
C VAL A 800 27.92 -6.48 23.22
N ILE A 801 27.12 -7.43 22.76
CA ILE A 801 26.81 -8.62 23.53
C ILE A 801 27.60 -9.77 22.92
N VAL A 802 28.56 -10.28 23.68
CA VAL A 802 29.58 -11.13 23.10
C VAL A 802 29.53 -12.53 23.70
N LEU A 803 29.44 -13.54 22.85
CA LEU A 803 29.33 -14.92 23.33
C LEU A 803 30.60 -15.35 24.07
N ASP A 804 30.41 -16.10 25.16
CA ASP A 804 31.49 -16.47 26.08
C ASP A 804 32.74 -17.05 25.43
N ALA A 805 32.55 -17.97 24.49
CA ALA A 805 33.70 -18.69 23.89
C ALA A 805 34.62 -17.82 23.04
N VAL A 806 34.10 -16.69 22.55
CA VAL A 806 34.91 -15.81 21.70
C VAL A 806 35.27 -14.52 22.45
N TYR A 807 34.69 -14.35 23.64
CA TYR A 807 34.79 -13.09 24.37
C TYR A 807 36.21 -12.54 24.55
N ASP A 808 37.11 -13.34 25.12
CA ASP A 808 38.46 -12.83 25.45
C ASP A 808 39.22 -12.39 24.20
N LYS A 809 39.10 -13.18 23.14
CA LYS A 809 39.76 -12.81 21.90
C LYS A 809 39.13 -11.54 21.28
N PHE A 810 37.80 -11.51 21.23
CA PHE A 810 37.12 -10.33 20.69
C PHE A 810 37.46 -9.06 21.45
N ILE A 811 37.41 -9.11 22.77
CA ILE A 811 37.58 -7.87 23.55
C ILE A 811 39.03 -7.38 23.47
N GLU A 812 39.96 -8.31 23.30
CA GLU A 812 41.37 -7.94 23.14
C GLU A 812 41.56 -7.16 21.85
N ARG A 813 40.98 -7.66 20.77
CA ARG A 813 41.16 -7.01 19.47
C ARG A 813 40.41 -5.68 19.38
N LEU A 814 39.21 -5.61 19.96
CA LEU A 814 38.42 -4.39 19.95
C LEU A 814 39.11 -3.27 20.73
N VAL A 815 39.56 -3.58 21.94
CA VAL A 815 40.23 -2.59 22.77
C VAL A 815 41.54 -2.14 22.12
N SER A 816 42.29 -3.08 21.55
CA SER A 816 43.53 -2.72 20.88
C SER A 816 43.28 -1.87 19.65
N MET A 817 42.17 -2.08 18.96
CA MET A 817 41.85 -1.19 17.85
C MET A 817 41.49 0.19 18.35
N ALA A 818 40.62 0.26 19.35
CA ALA A 818 40.25 1.54 19.95
C ALA A 818 41.51 2.34 20.33
N LYS A 819 42.48 1.66 20.94
CA LYS A 819 43.75 2.31 21.32
C LYS A 819 44.50 2.95 20.17
N ALA A 820 44.31 2.42 18.97
CA ALA A 820 45.01 2.96 17.80
C ALA A 820 44.38 4.24 17.26
N THR A 821 43.13 4.48 17.63
CA THR A 821 42.36 5.64 17.14
C THR A 821 42.65 6.89 17.97
N LYS A 822 42.45 8.05 17.36
CA LYS A 822 42.69 9.32 18.03
C LYS A 822 41.40 10.11 18.18
N VAL A 823 41.23 10.77 19.32
CA VAL A 823 40.09 11.65 19.51
C VAL A 823 40.55 13.09 19.32
N GLY A 824 39.82 13.88 18.53
CA GLY A 824 40.17 15.27 18.29
C GLY A 824 39.23 15.94 17.29
N PRO A 825 39.46 17.22 16.98
CA PRO A 825 38.63 18.01 16.04
C PRO A 825 38.21 17.21 14.80
N SER A 826 36.93 17.29 14.43
CA SER A 826 36.43 16.51 13.31
C SER A 826 36.82 17.10 11.96
N GLU A 827 37.26 18.35 11.92
CA GLU A 827 37.81 18.91 10.69
C GLU A 827 39.15 18.26 10.32
N ASP A 828 39.81 17.64 11.29
CA ASP A 828 41.04 16.88 11.04
C ASP A 828 40.69 15.41 10.76
N PRO A 829 40.90 14.99 9.51
CA PRO A 829 40.43 13.68 9.05
C PRO A 829 41.16 12.51 9.70
N ALA A 830 42.34 12.78 10.27
CA ALA A 830 43.11 11.76 11.00
C ALA A 830 42.41 11.30 12.29
N ASN A 831 41.50 12.10 12.82
CA ASN A 831 40.83 11.77 14.08
C ASN A 831 39.62 10.86 13.84
N TYR A 832 39.42 9.85 14.69
CA TYR A 832 38.33 8.90 14.49
C TYR A 832 37.00 9.51 14.91
N MET A 833 37.00 10.19 16.05
CA MET A 833 35.81 10.86 16.58
C MET A 833 36.31 12.11 17.29
N GLY A 834 35.40 13.00 17.66
CA GLY A 834 35.75 14.25 18.32
C GLY A 834 34.80 14.65 19.45
N ALA A 835 34.68 15.95 19.66
CA ALA A 835 33.84 16.50 20.74
C ALA A 835 32.36 16.15 20.56
N VAL A 836 31.66 15.97 21.68
CA VAL A 836 30.22 15.74 21.62
C VAL A 836 29.54 17.10 21.44
N ALA A 837 28.21 17.09 21.34
CA ALA A 837 27.47 18.22 20.78
C ALA A 837 27.59 19.55 21.54
N ASP A 838 27.50 19.52 22.87
CA ASP A 838 27.57 20.74 23.65
C ASP A 838 27.99 20.44 25.08
N ASP A 839 28.06 21.48 25.90
CA ASP A 839 28.55 21.32 27.28
C ASP A 839 27.60 20.47 28.12
N LYS A 840 26.29 20.60 27.86
CA LYS A 840 25.30 19.79 28.57
C LYS A 840 25.44 18.30 28.25
N ALA A 841 25.59 17.97 26.97
CA ALA A 841 25.84 16.58 26.57
C ALA A 841 27.11 16.04 27.22
N MET A 842 28.17 16.84 27.19
CA MET A 842 29.44 16.42 27.77
C MET A 842 29.30 16.10 29.25
N LYS A 843 28.65 16.99 30.01
CA LYS A 843 28.46 16.76 31.44
C LYS A 843 27.59 15.51 31.69
N SER A 844 26.55 15.36 30.88
CA SER A 844 25.64 14.23 31.04
C SER A 844 26.33 12.91 30.71
N ILE A 845 27.05 12.87 29.59
CA ILE A 845 27.73 11.67 29.17
C ILE A 845 28.81 11.27 30.17
N LYS A 846 29.57 12.25 30.66
CA LYS A 846 30.63 11.97 31.63
C LYS A 846 30.08 11.36 32.93
N GLU A 847 28.91 11.81 33.37
CA GLU A 847 28.35 11.21 34.59
C GLU A 847 27.89 9.77 34.34
N TYR A 848 27.33 9.52 33.16
CA TYR A 848 27.00 8.14 32.76
C TYR A 848 28.25 7.26 32.73
N ALA A 849 29.36 7.81 32.23
CA ALA A 849 30.62 7.06 32.22
C ALA A 849 31.04 6.69 33.66
N GLU A 850 30.95 7.64 34.58
CA GLU A 850 31.26 7.35 35.99
C GLU A 850 30.32 6.30 36.58
N ILE A 851 29.03 6.40 36.26
CA ILE A 851 28.07 5.37 36.68
C ILE A 851 28.49 4.01 36.12
N GLY A 852 28.78 3.96 34.83
CA GLY A 852 29.17 2.72 34.18
C GLY A 852 30.41 2.09 34.79
N LYS A 853 31.41 2.93 35.09
CA LYS A 853 32.66 2.45 35.65
C LYS A 853 32.47 1.85 37.04
N ARG A 854 31.49 2.34 37.78
CA ARG A 854 31.12 1.73 39.06
C ARG A 854 30.39 0.40 38.84
N GLU A 855 29.54 0.35 37.82
CA GLU A 855 28.73 -0.84 37.56
C GLU A 855 29.55 -2.00 37.00
N GLY A 856 30.48 -1.68 36.11
CA GLY A 856 31.27 -2.69 35.43
C GLY A 856 32.75 -2.43 35.63
N HIS A 857 33.56 -2.69 34.60
CA HIS A 857 35.00 -2.56 34.70
C HIS A 857 35.51 -1.84 33.47
N VAL A 858 36.17 -0.71 33.66
CA VAL A 858 36.64 0.07 32.53
C VAL A 858 37.69 -0.73 31.79
N LEU A 859 37.55 -0.86 30.47
CA LEU A 859 38.49 -1.61 29.65
C LEU A 859 39.39 -0.65 28.88
N TYR A 860 38.81 0.48 28.47
CA TYR A 860 39.53 1.49 27.73
C TYR A 860 38.92 2.87 27.97
N GLU A 861 39.78 3.85 28.20
CA GLU A 861 39.40 5.25 28.26
C GLU A 861 40.49 6.03 27.52
N SER A 862 40.14 6.60 26.37
CA SER A 862 41.12 7.22 25.49
C SER A 862 41.63 8.53 26.06
N PRO A 863 42.82 8.96 25.60
CA PRO A 863 43.18 10.35 25.88
C PRO A 863 42.24 11.27 25.10
N VAL A 864 42.17 12.53 25.50
CA VAL A 864 41.51 13.56 24.70
C VAL A 864 42.45 14.76 24.61
N PRO A 865 42.21 15.66 23.64
CA PRO A 865 43.10 16.82 23.58
C PRO A 865 42.99 17.69 24.83
N ALA A 866 44.10 18.29 25.24
CA ALA A 866 44.08 19.30 26.29
C ALA A 866 43.49 20.58 25.69
N GLY A 867 42.93 21.44 26.54
CA GLY A 867 42.40 22.70 26.05
C GLY A 867 40.91 22.60 25.82
N GLU A 868 40.34 23.60 25.16
CA GLU A 868 38.88 23.68 25.03
C GLU A 868 38.32 22.62 24.08
N GLY A 869 37.01 22.45 24.12
CA GLY A 869 36.36 21.44 23.30
C GLY A 869 35.59 20.48 24.17
N TYR A 870 34.42 20.06 23.70
CA TYR A 870 33.55 19.22 24.51
C TYR A 870 33.93 17.74 24.39
N PHE A 871 35.14 17.41 24.82
CA PHE A 871 35.69 16.08 24.57
C PHE A 871 35.29 15.05 25.65
N VAL A 872 34.70 13.95 25.22
CA VAL A 872 34.52 12.78 26.09
C VAL A 872 35.42 11.68 25.55
N PRO A 873 36.15 11.00 26.43
CA PRO A 873 37.01 9.89 25.99
C PRO A 873 36.20 8.79 25.32
N MET A 874 36.79 8.18 24.30
CA MET A 874 36.28 6.94 23.74
C MET A 874 36.37 5.95 24.88
N THR A 875 35.22 5.43 25.30
CA THR A 875 35.15 4.66 26.55
C THR A 875 34.49 3.29 26.35
N ILE A 876 35.16 2.24 26.80
CA ILE A 876 34.65 0.89 26.72
C ILE A 876 34.61 0.31 28.13
N ILE A 877 33.48 -0.28 28.52
CA ILE A 877 33.29 -0.78 29.88
C ILE A 877 32.75 -2.20 29.82
N GLY A 878 33.43 -3.15 30.47
CA GLY A 878 32.98 -4.55 30.46
C GLY A 878 32.28 -4.92 31.76
N GLY A 879 31.80 -6.16 31.84
CA GLY A 879 31.11 -6.65 33.03
C GLY A 879 29.67 -6.18 33.12
N ILE A 880 29.13 -5.65 32.02
CA ILE A 880 27.81 -5.05 32.06
C ILE A 880 26.72 -6.10 31.84
N LYS A 881 25.67 -6.02 32.64
CA LYS A 881 24.54 -6.96 32.62
C LYS A 881 23.25 -6.15 32.47
N PRO A 882 22.15 -6.80 32.06
CA PRO A 882 20.92 -6.06 31.76
C PRO A 882 20.39 -5.20 32.89
N GLU A 883 20.67 -5.58 34.12
CA GLU A 883 20.22 -4.86 35.30
CA GLU A 883 20.17 -4.83 35.26
C GLU A 883 20.89 -3.49 35.43
N HIS A 884 22.02 -3.33 34.77
CA HIS A 884 22.80 -2.10 34.92
C HIS A 884 22.19 -0.91 34.20
N ARG A 885 22.37 0.28 34.79
CA ARG A 885 21.87 1.49 34.17
C ARG A 885 22.45 1.73 32.79
N ILE A 886 23.76 1.51 32.59
CA ILE A 886 24.27 1.76 31.24
C ILE A 886 23.98 0.64 30.24
N ALA A 887 23.24 -0.37 30.68
CA ALA A 887 22.71 -1.39 29.78
C ALA A 887 21.27 -1.05 29.40
N GLN A 888 20.75 0.05 29.95
CA GLN A 888 19.33 0.39 29.79
C GLN A 888 19.06 1.80 29.30
N GLU A 889 19.86 2.75 29.78
CA GLU A 889 19.58 4.16 29.52
C GLU A 889 20.44 4.69 28.37
N GLU A 890 19.79 5.39 27.43
CA GLU A 890 20.49 5.96 26.27
C GLU A 890 21.46 7.05 26.72
N ILE A 891 22.74 6.84 26.43
CA ILE A 891 23.76 7.80 26.82
C ILE A 891 24.03 8.82 25.69
N PHE A 892 23.92 8.35 24.45
CA PHE A 892 24.15 9.21 23.30
C PHE A 892 25.55 9.80 23.26
N GLY A 893 26.55 8.97 23.54
CA GLY A 893 27.93 9.41 23.53
C GLY A 893 28.88 8.24 23.39
N PRO A 894 30.18 8.50 23.47
CA PRO A 894 31.12 7.41 23.15
C PRO A 894 31.37 6.52 24.37
N VAL A 895 30.30 5.86 24.83
CA VAL A 895 30.37 4.94 25.95
C VAL A 895 29.76 3.60 25.55
N LEU A 896 30.62 2.60 25.38
CA LEU A 896 30.19 1.29 24.89
C LEU A 896 30.19 0.25 26.00
N ALA A 897 29.03 -0.36 26.27
CA ALA A 897 28.95 -1.41 27.28
C ALA A 897 29.20 -2.77 26.62
N VAL A 898 30.05 -3.59 27.25
CA VAL A 898 30.35 -4.92 26.73
C VAL A 898 29.76 -5.95 27.68
N MET A 899 28.94 -6.85 27.13
CA MET A 899 28.16 -7.77 27.94
C MET A 899 28.52 -9.21 27.56
N ARG A 900 28.90 -10.03 28.54
CA ARG A 900 29.35 -11.39 28.26
C ARG A 900 28.20 -12.39 28.41
N ALA A 901 27.73 -12.93 27.28
CA ALA A 901 26.56 -13.80 27.32
C ALA A 901 27.01 -15.25 27.34
N LYS A 902 26.32 -16.06 28.13
CA LYS A 902 26.78 -17.44 28.36
C LYS A 902 26.44 -18.35 27.18
N ASP A 903 25.41 -18.01 26.43
CA ASP A 903 25.04 -18.80 25.25
C ASP A 903 24.17 -17.96 24.32
N PHE A 904 23.84 -18.49 23.14
CA PHE A 904 23.16 -17.66 22.16
C PHE A 904 21.74 -17.25 22.60
N ASP A 905 21.04 -18.18 23.23
CA ASP A 905 19.72 -17.89 23.80
C ASP A 905 19.81 -16.70 24.75
N GLN A 906 20.82 -16.67 25.63
CA GLN A 906 20.95 -15.55 26.55
C GLN A 906 21.26 -14.25 25.81
N ALA A 907 22.13 -14.34 24.80
CA ALA A 907 22.45 -13.18 23.96
C ALA A 907 21.19 -12.53 23.37
N ILE A 908 20.28 -13.35 22.85
CA ILE A 908 19.01 -12.85 22.31
C ILE A 908 18.17 -12.22 23.42
N GLU A 909 18.06 -12.91 24.54
CA GLU A 909 17.26 -12.39 25.64
C GLU A 909 17.85 -11.06 26.14
N TRP A 910 19.17 -10.97 26.23
CA TRP A 910 19.80 -9.72 26.64
C TRP A 910 19.60 -8.62 25.61
N ALA A 911 19.70 -8.99 24.34
CA ALA A 911 19.44 -8.02 23.25
C ALA A 911 18.06 -7.39 23.37
N ASN A 912 17.06 -8.19 23.74
CA ASN A 912 15.68 -7.72 23.90
C ASN A 912 15.35 -7.13 25.28
N SER A 913 16.35 -6.93 26.14
CA SER A 913 16.09 -6.62 27.54
C SER A 913 15.89 -5.13 27.87
N THR A 914 15.87 -4.27 26.86
CA THR A 914 15.67 -2.85 27.12
C THR A 914 14.27 -2.43 26.69
N GLN A 915 13.92 -1.18 26.94
CA GLN A 915 12.60 -0.69 26.50
C GLN A 915 12.64 -0.18 25.07
N PHE A 916 13.83 -0.14 24.46
CA PHE A 916 13.98 0.35 23.09
C PHE A 916 14.07 -0.79 22.08
N ALA A 917 13.88 -0.47 20.79
CA ALA A 917 13.97 -1.49 19.76
C ALA A 917 14.22 -0.87 18.39
N LEU A 918 15.24 0.00 18.32
CA LEU A 918 15.49 0.75 17.09
C LEU A 918 16.33 -0.04 16.08
N THR A 919 17.61 -0.24 16.40
CA THR A 919 18.46 -1.05 15.53
C THR A 919 19.10 -2.19 16.30
N GLY A 920 19.69 -3.13 15.56
CA GLY A 920 20.45 -4.19 16.20
C GLY A 920 21.38 -4.74 15.15
N GLY A 921 22.34 -5.54 15.57
CA GLY A 921 23.23 -6.17 14.61
C GLY A 921 23.62 -7.53 15.14
N ILE A 922 24.06 -8.39 14.24
CA ILE A 922 24.59 -9.67 14.65
C ILE A 922 25.68 -10.12 13.68
N PHE A 923 26.79 -10.57 14.24
CA PHE A 923 27.82 -11.20 13.44
C PHE A 923 27.77 -12.69 13.78
N SER A 924 27.47 -13.51 12.78
CA SER A 924 27.39 -14.96 12.99
C SER A 924 27.56 -15.64 11.66
N ARG A 925 28.07 -16.86 11.69
CA ARG A 925 28.09 -17.70 10.49
C ARG A 925 27.30 -18.98 10.75
N SER A 926 26.30 -18.88 11.63
CA SER A 926 25.41 -20.01 11.90
C SER A 926 24.04 -19.68 11.37
N PRO A 927 23.59 -20.40 10.34
CA PRO A 927 22.27 -20.14 9.75
C PRO A 927 21.16 -20.21 10.77
N GLU A 928 21.22 -21.17 11.70
CA GLU A 928 20.19 -21.27 12.73
C GLU A 928 20.18 -20.08 13.68
N HIS A 929 21.35 -19.62 14.08
CA HIS A 929 21.41 -18.44 14.94
C HIS A 929 20.90 -17.20 14.21
N LEU A 930 21.25 -17.08 12.93
CA LEU A 930 20.79 -15.94 12.12
C LEU A 930 19.28 -15.95 11.96
N ALA A 931 18.70 -17.13 11.73
CA ALA A 931 17.24 -17.24 11.58
C ALA A 931 16.54 -16.91 12.89
N LYS A 932 17.13 -17.33 14.01
CA LYS A 932 16.58 -16.99 15.32
C LYS A 932 16.63 -15.47 15.54
N ALA A 933 17.73 -14.85 15.14
CA ALA A 933 17.85 -13.40 15.25
C ALA A 933 16.83 -12.68 14.36
N ARG A 934 16.66 -13.12 13.12
CA ARG A 934 15.71 -12.48 12.21
C ARG A 934 14.32 -12.49 12.82
N ARG A 935 13.97 -13.60 13.47
CA ARG A 935 12.64 -13.72 14.06
C ARG A 935 12.53 -13.02 15.43
N GLU A 936 13.50 -13.24 16.32
CA GLU A 936 13.35 -12.86 17.73
C GLU A 936 14.04 -11.57 18.16
N PHE A 937 15.09 -11.15 17.45
CA PHE A 937 15.77 -9.89 17.74
C PHE A 937 14.94 -8.78 17.10
N ARG A 938 13.84 -8.44 17.77
CA ARG A 938 12.81 -7.61 17.15
C ARG A 938 13.12 -6.13 17.31
N VAL A 939 13.88 -5.62 16.35
CA VAL A 939 14.14 -4.20 16.24
C VAL A 939 13.65 -3.68 14.89
N GLY A 940 13.56 -2.37 14.74
CA GLY A 940 13.11 -1.79 13.49
C GLY A 940 14.05 -2.08 12.33
N ASN A 941 15.35 -2.06 12.61
CA ASN A 941 16.37 -2.33 11.60
C ASN A 941 17.43 -3.26 12.14
N LEU A 942 17.43 -4.50 11.65
CA LEU A 942 18.39 -5.50 12.09
C LEU A 942 19.41 -5.69 10.98
N TYR A 943 20.69 -5.65 11.33
CA TYR A 943 21.75 -5.79 10.35
C TYR A 943 22.54 -7.05 10.61
N ILE A 944 22.79 -7.81 9.56
CA ILE A 944 23.49 -9.08 9.70
C ILE A 944 24.88 -8.94 9.07
N ASN A 945 25.90 -9.19 9.89
CA ASN A 945 27.30 -9.18 9.43
C ASN A 945 27.79 -7.85 8.85
N ARG A 946 27.29 -6.75 9.41
CA ARG A 946 27.85 -5.42 9.15
C ARG A 946 27.38 -4.51 10.26
N ASN A 947 27.89 -3.28 10.31
CA ASN A 947 27.48 -2.31 11.31
C ASN A 947 25.97 -2.06 11.33
N ASN A 948 25.45 -1.51 12.43
CA ASN A 948 24.00 -1.29 12.55
C ASN A 948 23.61 0.17 12.39
N THR A 949 24.50 0.97 11.82
CA THR A 949 24.22 2.37 11.56
C THR A 949 24.20 2.64 10.06
N GLY A 950 23.91 3.89 9.65
CA GLY A 950 24.05 4.24 8.24
C GLY A 950 22.96 3.72 7.32
N ALA A 951 21.73 3.70 7.80
CA ALA A 951 20.57 3.34 7.00
C ALA A 951 20.45 4.27 5.78
N LEU A 952 20.25 3.70 4.59
CA LEU A 952 20.10 4.50 3.39
C LEU A 952 18.63 4.57 2.96
N VAL A 953 18.24 5.68 2.33
CA VAL A 953 16.86 5.83 1.86
C VAL A 953 16.53 4.71 0.87
N GLU A 954 15.31 4.18 0.99
CA GLU A 954 14.80 3.05 0.17
C GLU A 954 15.39 1.70 0.55
N ARG A 955 16.72 1.62 0.61
CA ARG A 955 17.40 0.38 0.99
C ARG A 955 17.10 -0.02 2.43
N GLN A 956 17.08 0.95 3.33
CA GLN A 956 16.84 0.68 4.73
C GLN A 956 15.90 1.69 5.33
N PRO A 957 14.60 1.54 5.05
CA PRO A 957 13.62 2.44 5.68
C PRO A 957 13.77 2.35 7.18
N PHE A 958 13.74 3.48 7.88
CA PHE A 958 14.33 3.55 9.22
C PHE A 958 13.30 3.97 10.26
N GLY A 959 13.24 3.22 11.35
CA GLY A 959 12.33 3.54 12.45
C GLY A 959 11.88 2.28 13.15
N GLY A 960 11.45 2.41 14.41
CA GLY A 960 11.02 1.25 15.16
C GLY A 960 9.80 1.55 16.01
N ALA A 961 9.45 0.58 16.85
CA ALA A 961 8.33 0.67 17.77
C ALA A 961 8.86 0.62 19.20
N ARG A 962 8.10 0.01 20.12
CA ARG A 962 8.43 0.05 21.54
C ARG A 962 8.67 1.48 22.00
N MET A 963 9.70 1.75 22.79
CA MET A 963 9.91 3.14 23.18
C MET A 963 10.78 3.91 22.17
N SER A 964 11.05 3.28 21.03
CA SER A 964 11.88 3.88 19.99
C SER A 964 11.11 4.69 18.94
N GLY A 965 9.79 4.57 18.91
CA GLY A 965 9.01 5.29 17.92
C GLY A 965 7.58 4.81 17.86
N VAL A 966 6.83 5.26 16.86
CA VAL A 966 5.45 4.86 16.72
C VAL A 966 5.22 4.03 15.47
N GLY A 967 6.30 3.47 14.92
CA GLY A 967 6.19 2.55 13.80
C GLY A 967 6.17 3.22 12.42
N THR A 968 6.65 4.46 12.37
CA THR A 968 6.86 5.15 11.13
C THR A 968 8.30 4.90 10.66
N LYS A 969 8.47 4.65 9.37
CA LYS A 969 9.80 4.38 8.84
C LYS A 969 10.16 5.37 7.74
N ALA A 970 11.00 6.33 8.09
CA ALA A 970 11.50 7.32 7.15
C ALA A 970 12.19 6.62 5.98
N GLY A 971 12.08 7.21 4.78
CA GLY A 971 12.75 6.66 3.62
C GLY A 971 12.19 5.37 3.09
N GLY A 972 10.93 5.09 3.41
CA GLY A 972 10.29 3.90 2.90
C GLY A 972 8.90 4.14 2.34
N PRO A 973 8.28 3.09 1.78
CA PRO A 973 7.08 3.24 0.96
C PRO A 973 5.77 3.32 1.77
N ASP A 974 5.84 3.32 3.11
CA ASP A 974 4.64 3.57 3.92
C ASP A 974 4.66 4.96 4.53
N TYR A 975 5.77 5.68 4.37
CA TYR A 975 5.99 6.90 5.15
C TYR A 975 5.07 8.07 4.81
N LEU A 976 4.92 8.37 3.53
CA LEU A 976 4.15 9.54 3.15
C LEU A 976 2.69 9.43 3.59
N LEU A 977 2.17 8.21 3.69
CA LEU A 977 0.76 8.05 4.07
C LEU A 977 0.47 8.61 5.46
N HIS A 978 1.48 8.62 6.33
CA HIS A 978 1.28 9.15 7.69
C HIS A 978 1.01 10.64 7.74
N PHE A 979 1.27 11.35 6.64
CA PHE A 979 1.10 12.80 6.60
C PHE A 979 -0.19 13.19 5.89
N MET A 980 -1.00 12.18 5.56
CA MET A 980 -2.24 12.43 4.81
C MET A 980 -3.40 11.67 5.42
N ASP A 981 -4.60 11.97 4.94
CA ASP A 981 -5.79 11.18 5.28
C ASP A 981 -6.45 10.72 3.99
N PRO A 982 -7.03 9.50 3.99
CA PRO A 982 -7.65 9.02 2.76
C PRO A 982 -9.10 9.51 2.62
N ARG A 983 -9.56 9.64 1.39
CA ARG A 983 -10.93 10.01 1.07
C ARG A 983 -11.44 9.10 -0.04
N VAL A 984 -12.75 8.86 -0.05
CA VAL A 984 -13.36 8.09 -1.12
C VAL A 984 -14.50 8.91 -1.71
N VAL A 985 -14.59 8.94 -3.03
CA VAL A 985 -15.76 9.51 -3.67
C VAL A 985 -16.47 8.38 -4.38
N THR A 986 -17.77 8.25 -4.14
CA THR A 986 -18.58 7.19 -4.73
C THR A 986 -19.69 7.81 -5.57
N GLU A 987 -19.71 7.48 -6.85
CA GLU A 987 -20.69 8.08 -7.73
C GLU A 987 -21.61 7.02 -8.30
N ASN A 988 -22.92 7.24 -8.16
CA ASN A 988 -23.90 6.46 -8.87
C ASN A 988 -23.98 6.98 -10.31
N THR A 989 -23.58 6.17 -11.27
CA THR A 989 -23.53 6.59 -12.66
C THR A 989 -24.77 6.18 -13.45
N MET A 990 -25.67 5.43 -12.81
CA MET A 990 -26.92 5.06 -13.47
C MET A 990 -27.90 6.23 -13.47
N ARG A 991 -28.37 6.64 -14.65
CA ARG A 991 -29.41 7.65 -14.76
C ARG A 991 -30.56 7.09 -15.57
N ARG A 992 -31.77 7.10 -14.99
CA ARG A 992 -32.96 6.67 -15.71
C ARG A 992 -32.81 5.28 -16.35
N GLY A 993 -32.10 4.39 -15.67
CA GLY A 993 -32.03 3.01 -16.11
C GLY A 993 -30.84 2.63 -16.99
N PHE A 994 -29.85 3.52 -17.13
CA PHE A 994 -28.66 3.14 -17.86
C PHE A 994 -27.39 3.76 -17.27
N ALA A 995 -26.27 3.05 -17.42
CA ALA A 995 -24.99 3.54 -16.95
C ALA A 995 -23.91 3.35 -18.01
N PRO A 996 -22.94 4.28 -18.07
CA PRO A 996 -21.75 4.12 -18.92
C PRO A 996 -21.03 2.82 -18.54
N ILE A 997 -20.54 2.07 -19.53
CA ILE A 997 -19.79 0.85 -19.25
C ILE A 997 -18.32 1.22 -19.08
N GLU A 998 -17.74 0.86 -17.93
CA GLU A 998 -16.31 1.11 -17.70
C GLU A 998 -15.50 -0.16 -17.98
N GLU A 999 -14.27 0.03 -18.45
CA GLU A 999 -13.38 -1.08 -18.79
C GLU A 999 -13.14 -2.03 -17.61
N ASP A 1000 -13.02 -1.47 -16.41
CA ASP A 1000 -12.74 -2.28 -15.23
C ASP A 1000 -13.99 -2.83 -14.52
N ASP A 1001 -15.15 -2.72 -15.18
CA ASP A 1001 -16.40 -3.23 -14.61
C ASP A 1001 -16.45 -4.76 -14.60
N ASP A 1002 -17.09 -5.35 -13.60
CA ASP A 1002 -17.54 -6.74 -13.73
C ASP A 1002 -18.86 -6.73 -14.48
N TRP A 1003 -18.87 -7.25 -15.71
CA TRP A 1003 -20.05 -7.14 -16.56
C TRP A 1003 -20.49 -8.49 -17.10
N ASN B 4 -38.82 -27.33 -35.16
CA ASN B 4 -39.24 -28.10 -36.34
C ASN B 4 -38.84 -27.41 -37.65
N SER B 5 -38.14 -28.14 -38.51
CA SER B 5 -37.55 -27.57 -39.73
C SER B 5 -38.59 -26.99 -40.68
N GLU B 6 -39.74 -27.65 -40.79
CA GLU B 6 -40.82 -27.20 -41.68
C GLU B 6 -41.45 -25.90 -41.21
N LEU B 7 -41.69 -25.79 -39.91
CA LEU B 7 -42.24 -24.57 -39.33
C LEU B 7 -41.26 -23.41 -39.46
N ASN B 8 -39.99 -23.69 -39.16
CA ASN B 8 -38.99 -22.63 -39.22
C ASN B 8 -38.82 -22.08 -40.63
N THR B 9 -38.91 -22.96 -41.62
CA THR B 9 -38.81 -22.57 -43.02
C THR B 9 -39.92 -21.60 -43.39
N LYS B 10 -41.15 -21.90 -42.97
CA LYS B 10 -42.29 -21.02 -43.20
C LYS B 10 -42.07 -19.66 -42.54
N ILE B 11 -41.53 -19.68 -41.33
CA ILE B 11 -41.30 -18.46 -40.57
C ILE B 11 -40.26 -17.59 -41.27
N VAL B 12 -39.19 -18.20 -41.74
CA VAL B 12 -38.12 -17.49 -42.43
C VAL B 12 -38.67 -16.89 -43.72
N ASN B 13 -39.42 -17.68 -44.48
CA ASN B 13 -40.02 -17.21 -45.72
C ASN B 13 -40.99 -16.04 -45.52
N ARG B 14 -41.79 -16.11 -44.47
CA ARG B 14 -42.68 -15.00 -44.16
C ARG B 14 -41.88 -13.77 -43.75
N GLY B 15 -40.86 -13.97 -42.92
CA GLY B 15 -39.97 -12.90 -42.53
C GLY B 15 -39.32 -12.23 -43.73
N LYS B 16 -38.96 -13.03 -44.73
CA LYS B 16 -38.32 -12.52 -45.94
C LYS B 16 -39.29 -11.69 -46.77
N GLU B 17 -40.53 -12.15 -46.86
CA GLU B 17 -41.56 -11.41 -47.58
C GLU B 17 -41.83 -10.08 -46.86
N PHE B 18 -41.79 -10.13 -45.53
CA PHE B 18 -42.02 -8.96 -44.70
C PHE B 18 -40.93 -7.90 -44.95
N PHE B 19 -39.66 -8.32 -44.89
CA PHE B 19 -38.52 -7.45 -45.15
C PHE B 19 -38.58 -6.85 -46.55
N GLY B 20 -38.93 -7.70 -47.53
CA GLY B 20 -39.04 -7.27 -48.91
C GLY B 20 -40.08 -6.19 -49.09
N SER B 21 -41.16 -6.30 -48.31
CA SER B 21 -42.27 -5.36 -48.39
C SER B 21 -41.94 -3.99 -47.77
N ILE B 22 -41.01 -3.98 -46.82
CA ILE B 22 -40.64 -2.74 -46.13
C ILE B 22 -39.27 -2.23 -46.57
N SER B 23 -38.74 -2.81 -47.65
CA SER B 23 -37.42 -2.46 -48.16
C SER B 23 -37.33 -0.96 -48.43
N GLY B 24 -36.40 -0.28 -47.76
CA GLY B 24 -36.19 1.14 -48.00
C GLY B 24 -36.91 2.06 -47.02
N GLU B 25 -38.01 1.57 -46.44
CA GLU B 25 -38.74 2.34 -45.43
C GLU B 25 -37.99 2.32 -44.12
N LYS B 26 -38.13 3.40 -43.35
CA LYS B 26 -37.51 3.47 -42.03
C LYS B 26 -38.50 4.04 -41.04
N PRO B 27 -38.39 3.65 -39.77
CA PRO B 27 -39.21 4.26 -38.73
C PRO B 27 -38.94 5.77 -38.67
N SER B 28 -39.97 6.55 -38.36
CA SER B 28 -39.88 8.01 -38.38
C SER B 28 -38.75 8.53 -37.49
N LEU B 29 -38.55 7.84 -36.37
CA LEU B 29 -37.53 8.21 -35.38
C LEU B 29 -36.13 8.33 -35.99
N PHE B 30 -35.85 7.55 -37.03
CA PHE B 30 -34.52 7.55 -37.64
C PHE B 30 -34.39 8.59 -38.75
N ASN B 31 -35.48 9.31 -39.04
CA ASN B 31 -35.46 10.32 -40.10
C ASN B 31 -34.47 11.44 -39.79
N LYS B 32 -33.45 11.58 -40.62
CA LYS B 32 -32.42 12.57 -40.37
C LYS B 32 -32.77 13.98 -40.86
N GLY B 33 -33.99 14.16 -41.38
CA GLY B 33 -34.48 15.48 -41.73
C GLY B 33 -34.95 16.23 -40.48
N ALA B 34 -34.90 15.54 -39.35
CA ALA B 34 -35.36 16.09 -38.07
C ALA B 34 -34.27 16.00 -37.02
N TRP B 35 -34.35 16.86 -36.00
CA TRP B 35 -33.38 16.81 -34.89
C TRP B 35 -33.31 15.43 -34.24
N MET B 36 -34.46 14.83 -33.97
CA MET B 36 -34.55 13.53 -33.34
C MET B 36 -33.65 12.53 -34.08
N GLY B 37 -33.84 12.42 -35.39
CA GLY B 37 -33.07 11.49 -36.20
C GLY B 37 -31.57 11.72 -36.19
N LYS B 38 -31.14 12.98 -36.27
CA LYS B 38 -29.72 13.29 -36.23
C LYS B 38 -29.11 12.91 -34.89
N ALA B 39 -29.85 13.19 -33.82
CA ALA B 39 -29.36 12.92 -32.48
C ALA B 39 -29.21 11.43 -32.25
N MET B 40 -30.17 10.65 -32.77
CA MET B 40 -30.11 9.20 -32.61
C MET B 40 -28.95 8.63 -33.44
N ASP B 41 -28.76 9.16 -34.64
CA ASP B 41 -27.63 8.77 -35.51
C ASP B 41 -26.32 9.01 -34.78
N TRP B 42 -26.15 10.21 -34.23
CA TRP B 42 -24.94 10.56 -33.51
C TRP B 42 -24.75 9.67 -32.29
N SER B 43 -25.85 9.32 -31.64
CA SER B 43 -25.82 8.48 -30.46
C SER B 43 -25.40 7.06 -30.80
N MET B 44 -25.83 6.59 -31.97
CA MET B 44 -25.48 5.23 -32.38
C MET B 44 -24.03 5.17 -32.86
N GLN B 45 -23.52 6.30 -33.36
CA GLN B 45 -22.14 6.38 -33.83
C GLN B 45 -21.12 6.55 -32.70
N ASN B 46 -21.53 7.17 -31.60
CA ASN B 46 -20.58 7.61 -30.58
C ASN B 46 -21.11 7.41 -29.15
N GLU B 47 -20.58 6.43 -28.44
CA GLU B 47 -21.12 6.06 -27.14
C GLU B 47 -21.05 7.20 -26.13
N GLN B 48 -19.96 7.96 -26.19
CA GLN B 48 -19.77 9.09 -25.28
C GLN B 48 -20.86 10.14 -25.51
N PHE B 49 -21.16 10.44 -26.77
CA PHE B 49 -22.22 11.39 -27.08
C PHE B 49 -23.60 10.86 -26.64
N LYS B 50 -23.87 9.59 -26.91
CA LYS B 50 -25.13 8.97 -26.49
C LYS B 50 -25.37 9.17 -25.01
N ILE B 51 -24.35 8.91 -24.19
CA ILE B 51 -24.47 9.06 -22.75
C ILE B 51 -24.78 10.52 -22.39
N GLN B 52 -24.01 11.45 -22.96
CA GLN B 52 -24.25 12.88 -22.71
C GLN B 52 -25.62 13.32 -23.20
N MET B 53 -25.99 12.88 -24.39
CA MET B 53 -27.30 13.23 -24.94
C MET B 53 -28.44 12.72 -24.07
N PHE B 54 -28.41 11.44 -23.72
CA PHE B 54 -29.51 10.87 -22.97
C PHE B 54 -29.56 11.47 -21.58
N ARG B 55 -28.39 11.73 -21.00
CA ARG B 55 -28.33 12.39 -19.70
C ARG B 55 -28.85 13.84 -19.79
N PHE B 56 -28.59 14.49 -20.92
CA PHE B 56 -29.09 15.85 -21.10
C PHE B 56 -30.61 15.88 -21.23
N VAL B 57 -31.18 14.89 -21.92
CA VAL B 57 -32.64 14.76 -21.99
C VAL B 57 -33.23 14.64 -20.58
N ASP B 58 -32.61 13.81 -19.75
CA ASP B 58 -33.08 13.61 -18.38
C ASP B 58 -33.07 14.90 -17.54
N VAL B 59 -31.98 15.66 -17.59
CA VAL B 59 -31.86 16.86 -16.76
C VAL B 59 -32.66 18.04 -17.32
N PHE B 60 -32.95 18.02 -18.61
CA PHE B 60 -33.60 19.14 -19.29
C PHE B 60 -34.78 19.85 -18.58
N PRO B 61 -35.77 19.08 -18.08
CA PRO B 61 -36.90 19.78 -17.46
C PRO B 61 -36.55 20.62 -16.23
N SER B 62 -35.39 20.37 -15.63
CA SER B 62 -34.91 21.13 -14.47
CA SER B 62 -34.97 21.16 -14.47
C SER B 62 -34.24 22.44 -14.88
N LEU B 63 -33.94 22.58 -16.17
CA LEU B 63 -33.23 23.77 -16.63
C LEU B 63 -34.22 24.91 -16.89
N THR B 64 -34.61 25.58 -15.82
CA THR B 64 -35.72 26.53 -15.86
C THR B 64 -35.27 27.95 -16.16
N THR B 65 -33.96 28.19 -16.14
CA THR B 65 -33.41 29.50 -16.46
C THR B 65 -32.43 29.42 -17.63
N SER B 66 -32.12 30.57 -18.20
CA SER B 66 -31.19 30.65 -19.32
C SER B 66 -29.80 30.22 -18.87
N LYS B 67 -29.41 30.66 -17.68
CA LYS B 67 -28.13 30.28 -17.08
C LYS B 67 -28.02 28.76 -16.95
N LEU B 68 -29.04 28.12 -16.38
CA LEU B 68 -29.01 26.67 -16.22
C LEU B 68 -28.87 25.96 -17.56
N LEU B 69 -29.68 26.39 -18.54
CA LEU B 69 -29.68 25.78 -19.86
C LEU B 69 -28.32 25.91 -20.55
N THR B 70 -27.80 27.13 -20.63
CA THR B 70 -26.56 27.35 -21.37
C THR B 70 -25.36 26.68 -20.71
N GLU B 71 -25.29 26.76 -19.37
CA GLU B 71 -24.22 26.10 -18.63
C GLU B 71 -24.23 24.58 -18.76
N HIS B 72 -25.41 23.98 -18.72
CA HIS B 72 -25.48 22.52 -18.88
C HIS B 72 -25.12 22.10 -20.30
N ILE B 73 -25.53 22.89 -21.29
CA ILE B 73 -25.12 22.62 -22.67
C ILE B 73 -23.58 22.63 -22.79
N ARG B 74 -22.94 23.65 -22.23
CA ARG B 74 -21.48 23.73 -22.27
C ARG B 74 -20.82 22.60 -21.48
N GLU B 75 -21.36 22.30 -20.29
CA GLU B 75 -20.78 21.26 -19.45
C GLU B 75 -20.96 19.86 -20.02
N TYR B 76 -22.07 19.63 -20.71
CA TYR B 76 -22.35 18.31 -21.29
C TYR B 76 -21.70 18.10 -22.67
N PHE B 77 -21.71 19.15 -23.50
CA PHE B 77 -21.31 18.98 -24.89
C PHE B 77 -20.08 19.79 -25.28
N GLY B 78 -19.59 20.63 -24.38
CA GLY B 78 -18.46 21.50 -24.70
C GLY B 78 -17.14 20.75 -24.84
N GLY B 101 -33.23 37.26 -28.86
CA GLY B 101 -32.00 36.58 -29.22
C GLY B 101 -31.81 35.29 -28.44
N GLY B 102 -31.27 35.42 -27.23
CA GLY B 102 -31.09 34.28 -26.34
C GLY B 102 -32.41 33.58 -26.05
N ALA B 103 -33.48 34.37 -26.00
CA ALA B 103 -34.83 33.84 -25.83
C ALA B 103 -35.17 32.87 -26.96
N VAL B 104 -34.94 33.31 -28.19
CA VAL B 104 -35.21 32.49 -29.38
C VAL B 104 -34.35 31.21 -29.37
N LEU B 105 -33.08 31.36 -29.02
CA LEU B 105 -32.20 30.19 -28.89
C LEU B 105 -32.68 29.25 -27.79
N ASN B 106 -33.23 29.81 -26.71
CA ASN B 106 -33.81 28.99 -25.66
C ASN B 106 -34.95 28.13 -26.21
N LYS B 107 -35.81 28.74 -27.02
CA LYS B 107 -36.97 28.05 -27.58
C LYS B 107 -36.62 27.04 -28.67
N VAL B 108 -35.51 27.28 -29.37
CA VAL B 108 -35.00 26.31 -30.35
C VAL B 108 -34.61 25.02 -29.64
N LEU B 109 -33.87 25.14 -28.55
CA LEU B 109 -33.41 23.99 -27.79
C LEU B 109 -34.57 23.29 -27.10
N THR B 110 -35.47 24.07 -26.53
CA THR B 110 -36.63 23.53 -25.83
C THR B 110 -37.52 22.75 -26.79
N SER B 111 -37.74 23.31 -27.97
CA SER B 111 -38.54 22.65 -28.99
C SER B 111 -37.93 21.32 -29.43
N ASN B 112 -36.59 21.27 -29.48
CA ASN B 112 -35.90 20.06 -29.90
C ASN B 112 -36.10 18.91 -28.94
N ILE B 113 -35.96 19.19 -27.65
CA ILE B 113 -36.15 18.16 -26.64
C ILE B 113 -37.62 17.75 -26.56
N GLU B 114 -38.53 18.71 -26.74
CA GLU B 114 -39.95 18.40 -26.69
C GLU B 114 -40.35 17.50 -27.86
N GLU B 115 -39.72 17.73 -29.01
CA GLU B 115 -39.90 16.87 -30.17
C GLU B 115 -39.53 15.42 -29.84
N MET B 116 -38.47 15.22 -29.05
CA MET B 116 -38.02 13.88 -28.71
C MET B 116 -39.08 13.21 -27.84
N ALA B 117 -39.65 13.96 -26.91
CA ALA B 117 -40.69 13.41 -26.05
C ALA B 117 -41.99 13.17 -26.81
N ARG B 118 -42.36 14.11 -27.69
CA ARG B 118 -43.61 14.01 -28.43
C ARG B 118 -43.61 12.82 -29.39
N GLN B 119 -42.41 12.37 -29.75
CA GLN B 119 -42.24 11.20 -30.62
C GLN B 119 -42.99 9.98 -30.10
N PHE B 120 -42.98 9.80 -28.78
CA PHE B 120 -43.54 8.58 -28.18
C PHE B 120 -44.85 8.73 -27.42
N ILE B 121 -45.45 9.92 -27.43
CA ILE B 121 -46.69 10.17 -26.68
C ILE B 121 -47.86 10.61 -27.57
N VAL B 122 -49.10 10.24 -27.22
CA VAL B 122 -50.28 10.67 -27.99
C VAL B 122 -50.88 11.97 -27.48
N GLY B 123 -50.22 12.61 -26.50
CA GLY B 123 -50.74 13.84 -25.95
C GLY B 123 -50.21 14.17 -24.55
N GLU B 124 -50.61 15.34 -24.06
CA GLU B 124 -50.18 15.79 -22.74
C GLU B 124 -51.32 15.78 -21.73
N THR B 125 -52.55 15.85 -22.25
CA THR B 125 -53.75 15.82 -21.41
C THR B 125 -54.68 14.71 -21.86
N THR B 126 -55.65 14.37 -21.02
CA THR B 126 -56.65 13.36 -21.36
C THR B 126 -57.40 13.75 -22.63
N LYS B 127 -57.82 15.01 -22.70
CA LYS B 127 -58.60 15.48 -23.85
C LYS B 127 -57.81 15.36 -25.17
N GLU B 128 -56.55 15.77 -25.15
CA GLU B 128 -55.70 15.69 -26.34
C GLU B 128 -55.47 14.23 -26.74
N ALA B 129 -55.29 13.37 -25.75
CA ALA B 129 -55.07 11.95 -25.99
C ALA B 129 -56.26 11.29 -26.68
N VAL B 130 -57.47 11.54 -26.17
CA VAL B 130 -58.67 10.96 -26.76
C VAL B 130 -58.79 11.42 -28.21
N LYS B 131 -58.46 12.68 -28.47
CA LYS B 131 -58.55 13.22 -29.83
C LYS B 131 -57.60 12.51 -30.78
N ASN B 132 -56.36 12.29 -30.34
CA ASN B 132 -55.40 11.58 -31.15
C ASN B 132 -55.67 10.07 -31.21
N LEU B 133 -56.20 9.52 -30.11
CA LEU B 133 -56.68 8.14 -30.11
C LEU B 133 -57.67 7.88 -31.24
N GLU B 134 -58.56 8.85 -31.47
CA GLU B 134 -59.57 8.71 -32.50
C GLU B 134 -58.99 8.84 -33.92
N LYS B 135 -57.99 9.71 -34.08
CA LYS B 135 -57.33 9.83 -35.38
C LYS B 135 -56.61 8.52 -35.71
N LEU B 136 -56.03 7.90 -34.68
CA LEU B 136 -55.39 6.59 -34.83
C LEU B 136 -56.37 5.51 -35.27
N ARG B 137 -57.59 5.55 -34.78
CA ARG B 137 -58.61 4.59 -35.19
C ARG B 137 -58.93 4.75 -36.67
N LYS B 138 -58.88 5.99 -37.15
CA LYS B 138 -59.22 6.28 -38.54
C LYS B 138 -58.16 5.69 -39.46
N ASP B 139 -56.95 5.53 -38.94
CA ASP B 139 -55.86 4.89 -39.66
C ASP B 139 -55.88 3.38 -39.50
N GLY B 140 -56.82 2.89 -38.69
CA GLY B 140 -57.03 1.46 -38.56
C GLY B 140 -56.35 0.83 -37.37
N PHE B 141 -55.92 1.65 -36.42
CA PHE B 141 -55.19 1.15 -35.25
C PHE B 141 -56.03 1.17 -33.99
N ALA B 142 -56.01 0.06 -33.24
CA ALA B 142 -56.57 0.05 -31.90
C ALA B 142 -55.53 0.66 -30.95
N ALA B 143 -55.86 0.78 -29.67
CA ALA B 143 -54.91 1.32 -28.71
C ALA B 143 -55.07 0.70 -27.34
N VAL B 144 -53.96 0.66 -26.60
CA VAL B 144 -54.00 0.46 -25.17
C VAL B 144 -53.43 1.72 -24.56
N VAL B 145 -54.24 2.43 -23.79
CA VAL B 145 -53.88 3.77 -23.33
C VAL B 145 -53.22 3.73 -21.97
N ASP B 146 -52.13 4.48 -21.82
CA ASP B 146 -51.41 4.53 -20.55
C ASP B 146 -51.23 5.97 -20.05
N VAL B 147 -51.40 6.17 -18.75
CA VAL B 147 -51.08 7.47 -18.15
C VAL B 147 -49.63 7.45 -17.69
N LEU B 148 -48.78 8.30 -18.26
CA LEU B 148 -47.36 8.28 -17.90
C LEU B 148 -47.19 8.48 -16.41
N GLY B 149 -46.33 7.66 -15.80
CA GLY B 149 -46.12 7.69 -14.36
C GLY B 149 -45.73 6.33 -13.83
N GLU B 150 -44.81 6.32 -12.85
CA GLU B 150 -44.30 5.10 -12.26
C GLU B 150 -43.49 5.49 -11.04
N ALA B 151 -43.28 4.53 -10.14
CA ALA B 151 -42.46 4.76 -8.94
C ALA B 151 -42.94 6.01 -8.21
N THR B 152 -44.23 6.03 -7.89
CA THR B 152 -44.84 7.19 -7.25
C THR B 152 -44.19 7.50 -5.89
N LEU B 153 -44.28 8.75 -5.44
CA LEU B 153 -43.59 9.13 -4.20
C LEU B 153 -44.53 9.46 -3.03
N SER B 154 -45.84 9.42 -3.26
CA SER B 154 -46.75 9.76 -2.18
C SER B 154 -48.13 9.16 -2.42
N GLU B 155 -48.94 9.10 -1.37
CA GLU B 155 -50.33 8.68 -1.53
C GLU B 155 -51.09 9.66 -2.40
N GLU B 156 -50.85 10.95 -2.19
CA GLU B 156 -51.52 11.99 -2.96
C GLU B 156 -51.20 11.87 -4.45
N GLU B 157 -49.94 11.61 -4.79
CA GLU B 157 -49.55 11.38 -6.18
C GLU B 157 -50.23 10.14 -6.75
N ALA B 158 -50.29 9.06 -5.96
CA ALA B 158 -50.98 7.83 -6.39
C ALA B 158 -52.44 8.10 -6.67
N GLU B 159 -53.06 8.93 -5.84
CA GLU B 159 -54.45 9.32 -6.03
C GLU B 159 -54.65 10.14 -7.30
N VAL B 160 -53.69 10.99 -7.64
CA VAL B 160 -53.80 11.79 -8.87
C VAL B 160 -53.77 10.87 -10.08
N TYR B 161 -52.84 9.93 -10.05
CA TYR B 161 -52.66 8.94 -11.10
C TYR B 161 -53.93 8.09 -11.25
N THR B 162 -54.43 7.57 -10.13
CA THR B 162 -55.68 6.81 -10.17
C THR B 162 -56.82 7.65 -10.74
N ASN B 163 -56.94 8.89 -10.28
CA ASN B 163 -58.03 9.74 -10.73
C ASN B 163 -57.91 10.14 -12.21
N THR B 164 -56.68 10.15 -12.71
CA THR B 164 -56.43 10.40 -14.13
C THR B 164 -57.00 9.25 -14.96
N TYR B 165 -56.80 8.00 -14.52
CA TYR B 165 -57.42 6.87 -15.22
C TYR B 165 -58.95 6.90 -15.17
N LEU B 166 -59.49 7.32 -14.02
CA LEU B 166 -60.95 7.41 -13.88
C LEU B 166 -61.49 8.49 -14.81
N GLU B 167 -60.73 9.56 -14.97
CA GLU B 167 -61.11 10.64 -15.87
C GLU B 167 -61.03 10.20 -17.32
N LEU B 168 -59.97 9.48 -17.66
CA LEU B 168 -59.83 8.89 -19.00
C LEU B 168 -61.00 7.97 -19.32
N LEU B 169 -61.29 7.04 -18.41
CA LEU B 169 -62.37 6.08 -18.64
C LEU B 169 -63.72 6.79 -18.80
N GLU B 170 -63.90 7.89 -18.07
CA GLU B 170 -65.15 8.64 -18.17
C GLU B 170 -65.27 9.27 -19.55
N ALA B 171 -64.17 9.85 -20.03
CA ALA B 171 -64.15 10.48 -21.36
C ALA B 171 -64.33 9.42 -22.46
N LEU B 172 -63.73 8.26 -22.26
CA LEU B 172 -63.78 7.19 -23.25
C LEU B 172 -65.15 6.54 -23.29
N LYS B 173 -65.79 6.44 -22.13
CA LYS B 173 -67.14 5.90 -22.02
C LYS B 173 -68.13 6.68 -22.86
N LYS B 174 -67.87 7.98 -23.02
CA LYS B 174 -68.77 8.89 -23.71
C LYS B 174 -68.48 8.98 -25.23
N GLU B 175 -67.37 8.39 -25.65
CA GLU B 175 -66.98 8.46 -27.07
C GLU B 175 -67.12 7.13 -27.80
N GLN B 176 -66.94 6.02 -27.08
CA GLN B 176 -66.84 4.70 -27.74
C GLN B 176 -68.11 4.24 -28.44
N GLY B 177 -69.27 4.71 -27.97
CA GLY B 177 -70.52 4.42 -28.65
C GLY B 177 -70.52 4.93 -30.08
N SER B 178 -69.87 6.07 -30.30
CA SER B 178 -69.81 6.70 -31.62
C SER B 178 -68.67 6.13 -32.48
N TRP B 179 -67.96 5.14 -31.96
CA TRP B 179 -66.89 4.50 -32.69
C TRP B 179 -67.38 3.25 -33.40
N LYS B 180 -67.23 3.20 -34.72
CA LYS B 180 -67.46 1.97 -35.46
C LYS B 180 -66.28 1.04 -35.17
N GLY B 181 -66.58 -0.25 -34.98
CA GLY B 181 -65.55 -1.22 -34.65
C GLY B 181 -64.58 -1.42 -35.81
N LEU B 182 -63.29 -1.55 -35.50
CA LEU B 182 -62.27 -1.74 -36.54
C LEU B 182 -62.60 -2.96 -37.40
N PRO B 183 -62.32 -2.86 -38.72
CA PRO B 183 -62.65 -3.91 -39.71
C PRO B 183 -62.18 -5.30 -39.30
N GLY B 184 -63.06 -6.28 -39.46
CA GLY B 184 -62.76 -7.66 -39.09
C GLY B 184 -63.53 -8.61 -39.99
N LYS B 185 -63.36 -9.92 -39.77
CA LYS B 185 -64.02 -10.93 -40.56
C LYS B 185 -65.31 -11.42 -39.90
N GLY B 186 -66.11 -10.50 -39.39
CA GLY B 186 -67.38 -10.86 -38.78
C GLY B 186 -67.39 -10.76 -37.27
N GLY B 187 -68.44 -11.32 -36.66
CA GLY B 187 -68.69 -11.12 -35.24
C GLY B 187 -69.51 -9.85 -35.03
N ASP B 188 -69.28 -9.20 -33.88
CA ASP B 188 -70.02 -7.99 -33.52
C ASP B 188 -69.36 -6.75 -34.14
N PRO B 189 -70.10 -6.05 -35.01
CA PRO B 189 -69.58 -4.83 -35.65
C PRO B 189 -69.43 -3.68 -34.64
N GLY B 190 -69.93 -3.87 -33.43
CA GLY B 190 -69.75 -2.88 -32.38
C GLY B 190 -68.38 -3.00 -31.73
N LEU B 191 -67.72 -4.14 -31.96
CA LEU B 191 -66.43 -4.44 -31.33
C LEU B 191 -65.29 -4.44 -32.34
N ASP B 192 -64.07 -4.15 -31.87
CA ASP B 192 -62.91 -4.09 -32.76
C ASP B 192 -62.55 -5.45 -33.35
N TRP B 193 -62.50 -5.50 -34.68
CA TRP B 193 -62.25 -6.72 -35.44
C TRP B 193 -63.37 -7.73 -35.24
N GLY B 194 -64.45 -7.28 -34.60
CA GLY B 194 -65.59 -8.14 -34.33
C GLY B 194 -65.67 -8.72 -32.93
N HIS B 195 -64.60 -8.59 -32.15
CA HIS B 195 -64.53 -9.27 -30.84
C HIS B 195 -63.79 -8.53 -29.72
N ALA B 196 -62.86 -7.63 -30.07
CA ALA B 196 -62.10 -6.94 -29.04
C ALA B 196 -62.81 -5.71 -28.50
N PRO B 197 -62.85 -5.57 -27.16
CA PRO B 197 -63.36 -4.37 -26.50
C PRO B 197 -62.65 -3.14 -27.04
N LYS B 198 -63.39 -2.06 -27.27
CA LYS B 198 -62.80 -0.87 -27.87
C LYS B 198 -61.96 -0.05 -26.90
N VAL B 199 -62.29 -0.13 -25.62
CA VAL B 199 -61.52 0.56 -24.59
C VAL B 199 -60.54 -0.40 -23.91
N ASN B 200 -59.26 -0.06 -24.01
CA ASN B 200 -58.19 -0.90 -23.48
C ASN B 200 -57.17 0.01 -22.81
N ILE B 201 -56.95 -0.17 -21.51
CA ILE B 201 -55.98 0.65 -20.79
C ILE B 201 -54.93 -0.19 -20.10
N ALA B 202 -53.76 0.42 -19.89
CA ALA B 202 -52.64 -0.19 -19.18
C ALA B 202 -52.32 0.63 -17.93
N VAL B 203 -52.02 -0.06 -16.82
CA VAL B 203 -51.68 0.64 -15.59
C VAL B 203 -50.38 0.08 -15.03
N LYS B 204 -49.49 0.95 -14.55
CA LYS B 204 -48.26 0.52 -13.91
C LYS B 204 -48.41 0.47 -12.39
N PRO B 205 -48.31 -0.74 -11.79
CA PRO B 205 -48.50 -0.91 -10.34
C PRO B 205 -47.66 0.00 -9.45
N THR B 206 -46.39 0.23 -9.77
CA THR B 206 -45.57 1.08 -8.89
C THR B 206 -46.01 2.54 -8.88
N ALA B 207 -46.92 2.93 -9.77
CA ALA B 207 -47.49 4.28 -9.71
C ALA B 207 -48.61 4.32 -8.67
N LEU B 208 -48.99 3.15 -8.18
CA LEU B 208 -50.12 3.04 -7.26
C LEU B 208 -49.74 2.99 -5.77
N PHE B 209 -48.47 2.78 -5.47
CA PHE B 209 -48.03 2.73 -4.07
C PHE B 209 -46.59 3.16 -3.93
N CYS B 210 -46.36 4.19 -3.14
CA CYS B 210 -45.02 4.79 -3.08
C CYS B 210 -44.04 3.95 -2.29
N LEU B 211 -44.53 2.99 -1.51
CA LEU B 211 -43.63 2.17 -0.71
C LEU B 211 -43.64 0.70 -1.17
N ALA B 212 -43.94 0.48 -2.46
CA ALA B 212 -43.98 -0.89 -2.98
C ALA B 212 -42.62 -1.57 -2.86
N ASN B 213 -42.59 -2.73 -2.20
CA ASN B 213 -41.32 -3.35 -1.83
C ASN B 213 -41.62 -4.76 -1.36
N PRO B 214 -40.96 -5.76 -1.96
CA PRO B 214 -41.22 -7.15 -1.55
C PRO B 214 -40.84 -7.41 -0.09
N GLN B 215 -40.07 -6.52 0.51
CA GLN B 215 -39.76 -6.64 1.93
C GLN B 215 -41.04 -6.53 2.75
N ASP B 216 -41.99 -5.71 2.28
CA ASP B 216 -43.35 -5.72 2.83
C ASP B 216 -44.28 -6.28 1.76
N PHE B 217 -44.15 -7.57 1.49
CA PHE B 217 -44.83 -8.18 0.36
C PHE B 217 -46.35 -8.01 0.43
N GLU B 218 -46.97 -8.38 1.54
CA GLU B 218 -48.42 -8.29 1.66
C GLU B 218 -48.96 -6.85 1.60
N GLY B 219 -48.35 -5.94 2.36
CA GLY B 219 -48.78 -4.55 2.34
C GLY B 219 -48.71 -3.91 0.95
N SER B 220 -47.66 -4.22 0.20
CA SER B 220 -47.54 -3.72 -1.17
C SER B 220 -48.63 -4.27 -2.07
N VAL B 221 -48.89 -5.58 -1.98
CA VAL B 221 -49.95 -6.19 -2.79
C VAL B 221 -51.30 -5.53 -2.50
N VAL B 222 -51.63 -5.36 -1.22
CA VAL B 222 -52.91 -4.80 -0.81
C VAL B 222 -53.10 -3.34 -1.23
N ALA B 223 -52.07 -2.53 -1.02
CA ALA B 223 -52.12 -1.11 -1.39
C ALA B 223 -52.32 -0.91 -2.90
N ILE B 224 -51.58 -1.67 -3.70
CA ILE B 224 -51.67 -1.59 -5.15
C ILE B 224 -52.99 -2.17 -5.62
N LEU B 225 -53.34 -3.35 -5.10
CA LEU B 225 -54.60 -4.01 -5.46
C LEU B 225 -55.83 -3.13 -5.22
N ASP B 226 -55.85 -2.41 -4.10
CA ASP B 226 -56.99 -1.56 -3.76
C ASP B 226 -57.22 -0.42 -4.76
N ARG B 227 -56.15 0.22 -5.22
CA ARG B 227 -56.28 1.25 -6.25
C ARG B 227 -56.60 0.60 -7.60
N MET B 228 -55.94 -0.51 -7.91
CA MET B 228 -56.19 -1.22 -9.18
C MET B 228 -57.64 -1.67 -9.27
N ARG B 229 -58.21 -2.13 -8.16
CA ARG B 229 -59.61 -2.54 -8.13
C ARG B 229 -60.54 -1.39 -8.45
N ARG B 230 -60.27 -0.21 -7.90
CA ARG B 230 -61.08 0.97 -8.19
C ARG B 230 -61.06 1.32 -9.67
N ILE B 231 -59.91 1.19 -10.30
CA ILE B 231 -59.78 1.42 -11.73
C ILE B 231 -60.51 0.32 -12.52
N PHE B 232 -60.29 -0.92 -12.11
CA PHE B 232 -60.85 -2.07 -12.81
C PHE B 232 -62.38 -2.06 -12.80
N LYS B 233 -62.97 -1.62 -11.69
CA LYS B 233 -64.42 -1.55 -11.59
C LYS B 233 -65.02 -0.58 -12.62
N LYS B 234 -64.35 0.54 -12.85
CA LYS B 234 -64.80 1.48 -13.87
C LYS B 234 -64.59 0.91 -15.27
N VAL B 235 -63.45 0.25 -15.49
CA VAL B 235 -63.22 -0.47 -16.73
C VAL B 235 -64.37 -1.45 -17.03
N MET B 236 -64.74 -2.27 -16.05
CA MET B 236 -65.81 -3.25 -16.25
C MET B 236 -67.16 -2.59 -16.52
N GLU B 237 -67.35 -1.39 -15.97
CA GLU B 237 -68.55 -0.60 -16.24
C GLU B 237 -68.75 -0.38 -17.73
N LEU B 238 -67.67 -0.08 -18.46
CA LEU B 238 -67.80 0.18 -19.89
C LEU B 238 -67.38 -1.00 -20.77
N ASN B 239 -67.32 -2.18 -20.15
CA ASN B 239 -66.90 -3.40 -20.84
C ASN B 239 -65.60 -3.26 -21.61
N GLY B 240 -64.57 -2.78 -20.90
CA GLY B 240 -63.26 -2.57 -21.49
C GLY B 240 -62.25 -3.58 -21.02
N PHE B 241 -60.99 -3.38 -21.40
CA PHE B 241 -59.91 -4.29 -21.09
C PHE B 241 -58.90 -3.56 -20.22
N LEU B 242 -58.44 -4.21 -19.15
CA LEU B 242 -57.38 -3.67 -18.32
C LEU B 242 -56.19 -4.60 -18.40
N CYS B 243 -55.04 -4.02 -18.74
CA CYS B 243 -53.80 -4.78 -18.76
C CYS B 243 -52.83 -4.24 -17.72
N ILE B 244 -52.30 -5.13 -16.89
CA ILE B 244 -51.37 -4.71 -15.87
C ILE B 244 -49.94 -4.80 -16.41
N ASP B 245 -49.25 -3.66 -16.48
CA ASP B 245 -47.87 -3.65 -16.98
C ASP B 245 -46.96 -4.36 -15.99
N MET B 246 -45.85 -4.89 -16.49
CA MET B 246 -44.84 -5.48 -15.62
C MET B 246 -43.61 -4.56 -15.55
N GLU B 247 -43.10 -4.32 -14.35
CA GLU B 247 -42.04 -3.34 -14.17
C GLU B 247 -40.74 -4.02 -13.76
N SER B 248 -39.92 -3.40 -12.91
CA SER B 248 -38.62 -4.01 -12.61
C SER B 248 -38.81 -5.31 -11.82
N TYR B 249 -37.78 -6.15 -11.83
CA TYR B 249 -37.84 -7.48 -11.24
C TYR B 249 -38.19 -7.44 -9.76
N ARG B 250 -37.74 -6.38 -9.09
CA ARG B 250 -38.05 -6.12 -7.68
C ARG B 250 -39.54 -6.29 -7.35
N HIS B 251 -40.42 -5.94 -8.29
CA HIS B 251 -41.86 -5.99 -8.02
C HIS B 251 -42.60 -7.07 -8.81
N LYS B 252 -41.86 -7.89 -9.55
CA LYS B 252 -42.49 -8.91 -10.40
C LYS B 252 -43.44 -9.83 -9.63
N GLU B 253 -42.99 -10.36 -8.50
CA GLU B 253 -43.84 -11.26 -7.72
C GLU B 253 -45.06 -10.54 -7.14
N ILE B 254 -44.86 -9.32 -6.67
CA ILE B 254 -45.96 -8.51 -6.14
C ILE B 254 -47.03 -8.31 -7.22
N ILE B 255 -46.58 -7.96 -8.42
CA ILE B 255 -47.51 -7.71 -9.53
C ILE B 255 -48.29 -8.95 -9.95
N LEU B 256 -47.62 -10.10 -10.00
CA LEU B 256 -48.36 -11.34 -10.33
C LEU B 256 -49.45 -11.60 -9.31
N GLU B 257 -49.16 -11.32 -8.04
CA GLU B 257 -50.14 -11.58 -6.97
C GLU B 257 -51.34 -10.64 -7.04
N VAL B 258 -51.10 -9.38 -7.43
CA VAL B 258 -52.19 -8.42 -7.64
C VAL B 258 -53.12 -8.91 -8.75
N PHE B 259 -52.52 -9.34 -9.86
CA PHE B 259 -53.30 -9.89 -10.96
C PHE B 259 -54.13 -11.10 -10.52
N ARG B 260 -53.51 -12.06 -9.84
CA ARG B 260 -54.23 -13.25 -9.40
C ARG B 260 -55.40 -12.88 -8.50
N ARG B 261 -55.16 -11.98 -7.55
CA ARG B 261 -56.20 -11.58 -6.60
C ARG B 261 -57.35 -10.85 -7.28
N LEU B 262 -57.01 -9.87 -8.12
CA LEU B 262 -58.05 -9.14 -8.84
C LEU B 262 -58.84 -10.07 -9.76
N LYS B 263 -58.13 -10.98 -10.42
CA LYS B 263 -58.77 -11.94 -11.33
C LYS B 263 -59.80 -12.79 -10.57
N LEU B 264 -59.40 -13.37 -9.44
CA LEU B 264 -60.35 -14.21 -8.68
C LEU B 264 -61.53 -13.42 -8.13
N GLU B 265 -61.35 -12.12 -7.91
CA GLU B 265 -62.47 -11.28 -7.46
C GLU B 265 -63.50 -11.10 -8.57
N TYR B 266 -63.06 -11.18 -9.82
CA TYR B 266 -63.95 -11.04 -10.98
C TYR B 266 -63.74 -12.17 -11.97
N ARG B 267 -63.97 -13.39 -11.49
CA ARG B 267 -63.57 -14.61 -12.19
C ARG B 267 -64.20 -14.78 -13.57
N ASP B 268 -65.35 -14.15 -13.77
CA ASP B 268 -66.11 -14.31 -15.01
C ASP B 268 -65.79 -13.22 -16.01
N TYR B 269 -65.12 -12.16 -15.58
CA TYR B 269 -64.80 -11.06 -16.49
C TYR B 269 -63.51 -11.38 -17.26
N PRO B 270 -63.63 -11.56 -18.59
CA PRO B 270 -62.50 -12.07 -19.39
C PRO B 270 -61.43 -11.03 -19.74
N HIS B 271 -61.74 -9.74 -19.69
CA HIS B 271 -60.83 -8.72 -20.21
C HIS B 271 -59.88 -8.14 -19.18
N LEU B 272 -59.05 -9.00 -18.60
CA LEU B 272 -58.01 -8.58 -17.68
C LEU B 272 -56.73 -9.28 -18.11
N GLY B 273 -55.67 -8.50 -18.31
CA GLY B 273 -54.44 -9.05 -18.80
C GLY B 273 -53.24 -8.74 -17.93
N ILE B 274 -52.18 -9.52 -18.13
CA ILE B 274 -50.94 -9.31 -17.40
C ILE B 274 -49.78 -9.42 -18.40
N VAL B 275 -48.74 -8.63 -18.18
CA VAL B 275 -47.52 -8.71 -18.98
C VAL B 275 -46.57 -9.74 -18.34
N LEU B 276 -46.04 -10.64 -19.17
CA LEU B 276 -44.95 -11.50 -18.74
C LEU B 276 -43.73 -11.18 -19.60
N GLN B 277 -42.56 -11.14 -18.98
CA GLN B 277 -41.35 -10.73 -19.66
C GLN B 277 -40.46 -11.91 -20.02
N ALA B 278 -40.34 -12.21 -21.32
CA ALA B 278 -39.51 -13.31 -21.81
C ALA B 278 -38.02 -13.17 -21.50
N TYR B 279 -37.54 -11.96 -21.21
CA TYR B 279 -36.12 -11.79 -20.90
C TYR B 279 -35.75 -12.25 -19.49
N LEU B 280 -36.76 -12.64 -18.71
CA LEU B 280 -36.55 -13.13 -17.35
C LEU B 280 -36.37 -14.64 -17.33
N LYS B 281 -35.30 -15.12 -16.69
CA LYS B 281 -35.08 -16.56 -16.49
C LYS B 281 -36.29 -17.22 -15.84
N ASP B 282 -36.94 -16.49 -14.92
CA ASP B 282 -38.15 -16.96 -14.25
C ASP B 282 -39.34 -17.21 -15.17
N ASN B 283 -39.31 -16.71 -16.41
CA ASN B 283 -40.55 -16.68 -17.17
C ASN B 283 -41.08 -18.03 -17.68
N ASP B 284 -40.21 -18.99 -17.92
CA ASP B 284 -40.69 -20.32 -18.33
C ASP B 284 -41.57 -20.92 -17.23
N LYS B 285 -41.09 -20.83 -15.99
CA LYS B 285 -41.84 -21.28 -14.83
C LYS B 285 -43.04 -20.39 -14.51
N ASP B 286 -42.85 -19.07 -14.57
CA ASP B 286 -43.96 -18.16 -14.26
C ASP B 286 -45.16 -18.40 -15.18
N LEU B 287 -44.89 -18.52 -16.48
CA LEU B 287 -45.95 -18.80 -17.45
C LEU B 287 -46.58 -20.18 -17.22
N ASP B 288 -45.76 -21.19 -16.94
CA ASP B 288 -46.32 -22.51 -16.65
C ASP B 288 -47.18 -22.43 -15.40
N ASP B 289 -46.65 -21.84 -14.33
CA ASP B 289 -47.44 -21.67 -13.10
C ASP B 289 -48.77 -20.97 -13.37
N LEU B 290 -48.74 -19.90 -14.17
CA LEU B 290 -49.95 -19.11 -14.40
C LEU B 290 -51.01 -19.84 -15.24
N LEU B 291 -50.57 -20.60 -16.23
CA LEU B 291 -51.50 -21.40 -17.03
C LEU B 291 -52.15 -22.50 -16.19
N ALA B 292 -51.34 -23.14 -15.34
CA ALA B 292 -51.85 -24.18 -14.45
C ALA B 292 -52.82 -23.57 -13.45
N TRP B 293 -52.45 -22.41 -12.91
CA TRP B 293 -53.28 -21.68 -11.95
C TRP B 293 -54.64 -21.36 -12.55
N ALA B 294 -54.64 -20.84 -13.77
CA ALA B 294 -55.88 -20.55 -14.49
C ALA B 294 -56.75 -21.80 -14.64
N LYS B 295 -56.14 -22.93 -14.91
CA LYS B 295 -56.90 -24.17 -15.09
C LYS B 295 -57.47 -24.61 -13.75
N GLU B 296 -56.66 -24.56 -12.71
CA GLU B 296 -57.08 -25.02 -11.39
C GLU B 296 -58.26 -24.20 -10.90
N HIS B 297 -58.25 -22.89 -11.16
CA HIS B 297 -59.32 -22.01 -10.71
C HIS B 297 -60.43 -21.88 -11.74
N LYS B 298 -60.28 -22.58 -12.86
CA LYS B 298 -61.24 -22.56 -13.95
C LYS B 298 -61.59 -21.16 -14.45
N VAL B 299 -60.55 -20.36 -14.67
CA VAL B 299 -60.73 -19.02 -15.22
C VAL B 299 -59.96 -18.87 -16.52
N GLN B 300 -60.28 -17.82 -17.26
CA GLN B 300 -59.48 -17.47 -18.44
C GLN B 300 -58.57 -16.30 -18.10
N ILE B 301 -57.45 -16.20 -18.80
CA ILE B 301 -56.54 -15.10 -18.60
C ILE B 301 -56.13 -14.48 -19.95
N SER B 302 -55.41 -13.37 -19.89
CA SER B 302 -54.82 -12.78 -21.09
C SER B 302 -53.38 -12.44 -20.73
N VAL B 303 -52.44 -12.80 -21.60
CA VAL B 303 -51.04 -12.45 -21.37
C VAL B 303 -50.51 -11.60 -22.53
N ARG B 304 -49.95 -10.44 -22.20
CA ARG B 304 -49.18 -9.69 -23.20
C ARG B 304 -47.73 -10.10 -23.03
N LEU B 305 -47.22 -10.91 -23.97
CA LEU B 305 -45.86 -11.40 -23.84
C LEU B 305 -44.94 -10.36 -24.44
N VAL B 306 -43.96 -9.92 -23.66
CA VAL B 306 -42.96 -8.98 -24.14
C VAL B 306 -41.60 -9.57 -23.85
N LYS B 307 -40.55 -8.93 -24.35
CA LYS B 307 -39.21 -9.35 -23.96
C LYS B 307 -38.87 -8.70 -22.63
N GLY B 308 -38.81 -7.37 -22.62
CA GLY B 308 -38.61 -6.65 -21.38
C GLY B 308 -37.90 -5.32 -21.55
N ALA B 309 -38.27 -4.35 -20.74
CA ALA B 309 -37.90 -2.95 -20.99
C ALA B 309 -36.76 -2.46 -20.11
N TYR B 310 -36.43 -3.23 -19.08
CA TYR B 310 -35.49 -2.78 -18.04
C TYR B 310 -34.13 -3.48 -18.02
N TRP B 311 -33.67 -3.99 -19.16
CA TRP B 311 -32.51 -4.88 -19.17
C TRP B 311 -31.23 -4.21 -18.64
N ASP B 312 -30.97 -3.00 -19.14
CA ASP B 312 -29.80 -2.23 -18.71
C ASP B 312 -29.84 -2.05 -17.19
N TYR B 313 -31.02 -1.78 -16.66
CA TYR B 313 -31.20 -1.58 -15.22
C TYR B 313 -31.02 -2.88 -14.43
N GLU B 314 -31.67 -3.96 -14.84
CA GLU B 314 -31.63 -5.19 -14.06
C GLU B 314 -30.21 -5.72 -13.93
N THR B 315 -29.45 -5.68 -15.00
CA THR B 315 -28.09 -6.20 -14.99
C THR B 315 -27.23 -5.46 -13.96
N VAL B 316 -27.24 -4.13 -14.05
CA VAL B 316 -26.49 -3.27 -13.13
C VAL B 316 -27.00 -3.39 -11.69
N LYS B 317 -28.31 -3.24 -11.53
CA LYS B 317 -28.93 -3.28 -10.20
C LYS B 317 -28.57 -4.56 -9.47
N ALA B 318 -28.64 -5.69 -10.16
CA ALA B 318 -28.27 -6.95 -9.53
C ALA B 318 -26.82 -6.93 -9.01
N LYS B 319 -25.87 -6.67 -9.90
CA LYS B 319 -24.44 -6.62 -9.54
C LYS B 319 -24.15 -5.64 -8.40
N GLN B 320 -24.81 -4.49 -8.41
CA GLN B 320 -24.62 -3.45 -7.39
C GLN B 320 -25.15 -3.83 -6.02
N ASN B 321 -26.26 -4.56 -6.00
CA ASN B 321 -26.90 -4.92 -4.74
C ASN B 321 -26.58 -6.35 -4.31
N ASP B 322 -25.66 -6.98 -5.03
CA ASP B 322 -25.19 -8.33 -4.71
C ASP B 322 -26.34 -9.32 -4.74
N TRP B 323 -27.19 -9.19 -5.77
CA TRP B 323 -28.22 -10.19 -6.05
C TRP B 323 -27.90 -10.88 -7.36
N GLU B 324 -28.56 -12.00 -7.61
CA GLU B 324 -28.36 -12.75 -8.85
C GLU B 324 -29.07 -12.06 -10.04
N VAL B 325 -28.41 -12.04 -11.20
CA VAL B 325 -28.96 -11.37 -12.38
C VAL B 325 -30.20 -12.10 -12.91
N PRO B 326 -31.35 -11.41 -12.96
CA PRO B 326 -32.61 -12.10 -13.26
C PRO B 326 -32.94 -12.19 -14.74
N VAL B 327 -32.20 -11.47 -15.59
CA VAL B 327 -32.43 -11.53 -17.02
C VAL B 327 -31.42 -12.44 -17.73
N TRP B 328 -31.83 -13.00 -18.86
CA TRP B 328 -30.87 -13.59 -19.79
C TRP B 328 -29.87 -12.49 -20.19
N THR B 329 -28.63 -12.87 -20.50
CA THR B 329 -27.63 -11.86 -20.88
C THR B 329 -27.09 -12.04 -22.29
N ILE B 330 -27.56 -13.09 -22.97
CA ILE B 330 -27.37 -13.24 -24.41
C ILE B 330 -28.70 -12.88 -25.06
N LYS B 331 -28.69 -11.92 -26.00
CA LYS B 331 -29.95 -11.38 -26.54
C LYS B 331 -30.80 -12.46 -27.22
N ALA B 332 -30.14 -13.35 -27.96
CA ALA B 332 -30.86 -14.43 -28.62
C ALA B 332 -31.61 -15.34 -27.63
N GLU B 333 -31.13 -15.41 -26.39
CA GLU B 333 -31.84 -16.18 -25.37
C GLU B 333 -33.22 -15.58 -25.11
N SER B 334 -33.30 -14.25 -25.10
CA SER B 334 -34.61 -13.59 -24.95
C SER B 334 -35.51 -13.84 -26.16
N ASP B 335 -34.93 -13.84 -27.37
CA ASP B 335 -35.73 -14.15 -28.55
C ASP B 335 -36.24 -15.59 -28.51
N ALA B 336 -35.37 -16.53 -28.15
CA ALA B 336 -35.74 -17.94 -28.14
C ALA B 336 -36.81 -18.20 -27.08
N ALA B 337 -36.62 -17.61 -25.90
CA ALA B 337 -37.62 -17.72 -24.84
C ALA B 337 -38.95 -17.17 -25.31
N TYR B 338 -38.92 -16.06 -26.04
CA TYR B 338 -40.17 -15.49 -26.54
C TYR B 338 -40.88 -16.48 -27.44
N GLU B 339 -40.14 -17.07 -28.37
CA GLU B 339 -40.77 -18.01 -29.30
C GLU B 339 -41.28 -19.26 -28.59
N ARG B 340 -40.52 -19.76 -27.62
CA ARG B 340 -40.94 -20.86 -26.73
C ARG B 340 -42.26 -20.55 -26.06
N GLN B 341 -42.29 -19.42 -25.37
CA GLN B 341 -43.38 -19.04 -24.51
C GLN B 341 -44.64 -18.65 -25.29
N ALA B 342 -44.45 -17.99 -26.44
CA ALA B 342 -45.57 -17.65 -27.32
C ALA B 342 -46.24 -18.93 -27.81
N ARG B 343 -45.44 -19.92 -28.17
CA ARG B 343 -45.98 -21.19 -28.62
C ARG B 343 -46.80 -21.86 -27.52
N LYS B 344 -46.29 -21.85 -26.30
CA LYS B 344 -46.98 -22.44 -25.15
C LYS B 344 -48.33 -21.77 -24.91
N ILE B 345 -48.34 -20.45 -25.05
CA ILE B 345 -49.56 -19.65 -24.91
C ILE B 345 -50.58 -20.00 -25.99
N LEU B 346 -50.13 -19.97 -27.24
CA LEU B 346 -51.01 -20.33 -28.36
C LEU B 346 -51.58 -21.74 -28.26
N GLU B 347 -50.76 -22.68 -27.77
CA GLU B 347 -51.24 -24.07 -27.60
C GLU B 347 -52.40 -24.08 -26.61
N ASN B 348 -52.37 -23.11 -25.70
CA ASN B 348 -53.36 -22.96 -24.64
C ASN B 348 -54.34 -21.82 -24.90
N HIS B 349 -54.61 -21.54 -26.17
CA HIS B 349 -55.44 -20.39 -26.55
C HIS B 349 -56.86 -20.43 -25.96
N GLN B 350 -57.35 -21.61 -25.62
CA GLN B 350 -58.71 -21.73 -25.09
C GLN B 350 -58.85 -21.04 -23.73
N ILE B 351 -57.78 -21.02 -22.94
CA ILE B 351 -57.82 -20.36 -21.63
C ILE B 351 -57.01 -19.07 -21.60
N CYS B 352 -56.05 -18.94 -22.52
CA CYS B 352 -55.14 -17.80 -22.48
C CYS B 352 -55.20 -16.96 -23.77
N HIS B 353 -55.79 -15.78 -23.68
CA HIS B 353 -55.77 -14.81 -24.77
C HIS B 353 -54.35 -14.25 -24.88
N PHE B 354 -53.90 -13.95 -26.10
CA PHE B 354 -52.50 -13.61 -26.37
C PHE B 354 -52.32 -12.26 -27.06
N ALA B 355 -51.51 -11.40 -26.46
CA ALA B 355 -51.08 -10.17 -27.13
C ALA B 355 -49.59 -10.26 -27.42
N CYS B 356 -49.25 -10.39 -28.70
CA CYS B 356 -47.86 -10.43 -29.14
C CYS B 356 -47.36 -9.00 -29.21
N ALA B 357 -46.46 -8.65 -28.30
CA ALA B 357 -45.95 -7.29 -28.23
C ALA B 357 -44.47 -7.29 -28.59
N SER B 358 -44.18 -7.03 -29.86
CA SER B 358 -42.83 -7.06 -30.40
C SER B 358 -42.74 -6.24 -31.67
N HIS B 359 -41.56 -5.64 -31.91
CA HIS B 359 -41.27 -4.90 -33.14
C HIS B 359 -40.33 -5.71 -34.04
N ASN B 360 -40.03 -6.94 -33.61
CA ASN B 360 -39.09 -7.82 -34.30
C ASN B 360 -39.77 -8.71 -35.36
N ILE B 361 -39.37 -8.55 -36.62
CA ILE B 361 -40.00 -9.27 -37.73
C ILE B 361 -39.91 -10.80 -37.59
N ARG B 362 -38.78 -11.28 -37.10
CA ARG B 362 -38.61 -12.71 -36.85
C ARG B 362 -39.64 -13.16 -35.83
N THR B 363 -39.63 -12.51 -34.68
CA THR B 363 -40.55 -12.84 -33.58
C THR B 363 -42.00 -12.78 -34.01
N ILE B 364 -42.34 -11.75 -34.76
CA ILE B 364 -43.70 -11.57 -35.23
C ILE B 364 -44.07 -12.68 -36.21
N SER B 365 -43.18 -12.98 -37.15
CA SER B 365 -43.46 -14.01 -38.13
C SER B 365 -43.56 -15.38 -37.49
N ALA B 366 -42.77 -15.60 -36.44
CA ALA B 366 -42.83 -16.84 -35.67
C ALA B 366 -44.24 -17.03 -35.08
N VAL B 367 -44.73 -16.00 -34.39
CA VAL B 367 -46.08 -16.01 -33.83
C VAL B 367 -47.16 -16.25 -34.89
N MET B 368 -47.02 -15.63 -36.06
CA MET B 368 -48.00 -15.82 -37.13
C MET B 368 -48.04 -17.25 -37.66
N GLU B 369 -46.88 -17.87 -37.80
CA GLU B 369 -46.82 -19.23 -38.35
C GLU B 369 -47.12 -20.29 -37.30
N MET B 370 -46.81 -20.00 -36.04
CA MET B 370 -47.18 -20.93 -34.97
C MET B 370 -48.70 -20.92 -34.75
N ALA B 371 -49.30 -19.74 -34.85
CA ALA B 371 -50.75 -19.60 -34.71
C ALA B 371 -51.46 -20.30 -35.86
N ARG B 372 -50.92 -20.16 -37.07
CA ARG B 372 -51.46 -20.81 -38.24
C ARG B 372 -51.43 -22.33 -38.08
N GLU B 373 -50.28 -22.86 -37.67
CA GLU B 373 -50.11 -24.29 -37.49
C GLU B 373 -51.03 -24.87 -36.43
N LEU B 374 -51.16 -24.15 -35.31
CA LEU B 374 -52.03 -24.59 -34.21
C LEU B 374 -53.50 -24.28 -34.49
N ASN B 375 -53.79 -23.70 -35.65
CA ASN B 375 -55.15 -23.31 -36.03
C ASN B 375 -55.86 -22.47 -34.98
N VAL B 376 -55.16 -21.49 -34.43
CA VAL B 376 -55.70 -20.64 -33.38
C VAL B 376 -56.69 -19.64 -33.97
N PRO B 377 -57.89 -19.54 -33.38
CA PRO B 377 -58.87 -18.55 -33.84
C PRO B 377 -58.31 -17.14 -33.65
N GLU B 378 -58.58 -16.25 -34.59
CA GLU B 378 -58.00 -14.91 -34.55
C GLU B 378 -58.49 -14.09 -33.35
N ASP B 379 -59.63 -14.49 -32.78
CA ASP B 379 -60.10 -13.77 -31.60
C ASP B 379 -59.27 -14.09 -30.34
N ARG B 380 -58.32 -15.02 -30.47
CA ARG B 380 -57.46 -15.43 -29.35
C ARG B 380 -56.05 -14.80 -29.36
N TYR B 381 -55.75 -14.03 -30.41
CA TYR B 381 -54.44 -13.35 -30.47
C TYR B 381 -54.42 -12.07 -31.30
N GLU B 382 -53.66 -11.08 -30.83
CA GLU B 382 -53.52 -9.81 -31.52
C GLU B 382 -52.08 -9.33 -31.42
N PHE B 383 -51.74 -8.30 -32.20
CA PHE B 383 -50.39 -7.77 -32.20
C PHE B 383 -50.32 -6.36 -31.66
N GLN B 384 -49.26 -6.05 -30.92
CA GLN B 384 -49.09 -4.74 -30.32
C GLN B 384 -47.70 -4.17 -30.58
N VAL B 385 -47.64 -2.87 -30.79
CA VAL B 385 -46.36 -2.18 -30.89
C VAL B 385 -46.44 -0.87 -30.11
N LEU B 386 -45.30 -0.29 -29.77
CA LEU B 386 -45.29 0.97 -29.05
C LEU B 386 -45.59 2.12 -30.01
N TYR B 387 -46.33 3.12 -29.52
CA TYR B 387 -46.61 4.30 -30.32
C TYR B 387 -45.30 4.98 -30.69
N GLY B 388 -45.19 5.44 -31.93
CA GLY B 388 -44.01 6.17 -32.38
C GLY B 388 -42.81 5.33 -32.77
N MET B 389 -43.01 4.03 -32.93
CA MET B 389 -41.90 3.15 -33.29
C MET B 389 -42.27 2.20 -34.42
N ALA B 390 -41.26 1.71 -35.14
CA ALA B 390 -41.40 0.58 -36.05
C ALA B 390 -42.56 0.69 -37.03
N GLU B 391 -42.80 1.90 -37.51
CA GLU B 391 -43.93 2.16 -38.40
C GLU B 391 -44.04 1.22 -39.63
N PRO B 392 -42.89 0.92 -40.30
CA PRO B 392 -43.01 -0.03 -41.41
C PRO B 392 -43.42 -1.44 -40.96
N VAL B 393 -42.91 -1.88 -39.80
CA VAL B 393 -43.30 -3.18 -39.26
C VAL B 393 -44.80 -3.18 -38.95
N ARG B 394 -45.23 -2.09 -38.33
CA ARG B 394 -46.62 -1.87 -37.97
C ARG B 394 -47.52 -1.93 -39.18
N LYS B 395 -47.09 -1.29 -40.26
CA LYS B 395 -47.86 -1.25 -41.50
C LYS B 395 -48.02 -2.66 -42.05
N GLY B 396 -46.94 -3.45 -41.98
CA GLY B 396 -46.99 -4.83 -42.43
C GLY B 396 -48.01 -5.66 -41.68
N ILE B 397 -48.03 -5.53 -40.34
CA ILE B 397 -48.95 -6.28 -39.50
C ILE B 397 -50.40 -5.92 -39.82
N LEU B 398 -50.67 -4.62 -39.95
CA LEU B 398 -51.99 -4.16 -40.35
C LEU B 398 -52.43 -4.81 -41.66
N LYS B 399 -51.53 -4.86 -42.64
CA LYS B 399 -51.89 -5.45 -43.94
C LYS B 399 -52.13 -6.95 -43.83
N VAL B 400 -51.19 -7.66 -43.21
CA VAL B 400 -51.22 -9.13 -43.15
C VAL B 400 -52.21 -9.68 -42.12
N ALA B 401 -52.19 -9.15 -40.91
CA ALA B 401 -53.03 -9.67 -39.84
C ALA B 401 -54.31 -8.87 -39.60
N GLY B 402 -54.22 -7.55 -39.75
CA GLY B 402 -55.37 -6.68 -39.58
C GLY B 402 -55.60 -6.22 -38.16
N ARG B 403 -55.02 -6.93 -37.20
CA ARG B 403 -55.30 -6.67 -35.79
C ARG B 403 -54.05 -6.14 -35.10
N ILE B 404 -53.96 -4.82 -35.02
CA ILE B 404 -52.77 -4.17 -34.47
C ILE B 404 -53.18 -3.06 -33.52
N ARG B 405 -52.65 -3.12 -32.30
CA ARG B 405 -52.98 -2.17 -31.23
C ARG B 405 -51.71 -1.42 -30.83
N LEU B 406 -51.82 -0.10 -30.65
CA LEU B 406 -50.67 0.72 -30.26
C LEU B 406 -50.72 1.04 -28.77
N TYR B 407 -49.62 0.81 -28.07
CA TYR B 407 -49.49 1.25 -26.70
C TYR B 407 -49.30 2.77 -26.74
N ALA B 408 -50.29 3.50 -26.23
CA ALA B 408 -50.31 4.96 -26.35
C ALA B 408 -50.25 5.69 -25.02
N PRO B 409 -49.05 6.15 -24.63
CA PRO B 409 -48.96 6.86 -23.35
C PRO B 409 -49.27 8.34 -23.53
N TYR B 410 -49.76 8.99 -22.48
CA TYR B 410 -49.90 10.45 -22.50
C TYR B 410 -49.58 11.05 -21.13
N GLY B 411 -49.15 12.31 -21.12
CA GLY B 411 -48.79 12.97 -19.89
C GLY B 411 -47.60 13.90 -20.12
N ASN B 412 -47.05 14.44 -19.05
CA ASN B 412 -45.93 15.37 -19.17
C ASN B 412 -44.57 14.69 -19.19
N MET B 413 -43.56 15.48 -19.53
CA MET B 413 -42.22 14.98 -19.75
C MET B 413 -41.56 14.42 -18.50
N VAL B 414 -41.74 15.06 -17.37
CA VAL B 414 -41.06 14.61 -16.16
C VAL B 414 -41.61 13.27 -15.60
N PRO B 415 -42.94 13.11 -15.52
CA PRO B 415 -43.44 11.78 -15.17
C PRO B 415 -43.20 10.75 -16.29
N GLY B 416 -43.10 11.23 -17.53
CA GLY B 416 -42.78 10.34 -18.64
C GLY B 416 -41.30 10.15 -18.95
N MET B 417 -40.42 10.65 -18.09
CA MET B 417 -38.98 10.60 -18.38
C MET B 417 -38.38 9.18 -18.37
N GLY B 418 -38.78 8.37 -17.39
CA GLY B 418 -38.35 6.98 -17.36
C GLY B 418 -38.71 6.25 -18.65
N TYR B 419 -39.97 6.38 -19.06
CA TYR B 419 -40.46 5.77 -20.29
C TYR B 419 -39.70 6.29 -21.51
N LEU B 420 -39.55 7.61 -21.60
CA LEU B 420 -38.84 8.22 -22.72
C LEU B 420 -37.42 7.68 -22.87
N VAL B 421 -36.69 7.61 -21.76
CA VAL B 421 -35.32 7.12 -21.81
C VAL B 421 -35.27 5.64 -22.20
N ARG B 422 -36.25 4.86 -21.74
CA ARG B 422 -36.28 3.46 -22.16
C ARG B 422 -36.46 3.34 -23.67
N ARG B 423 -37.19 4.28 -24.27
CA ARG B 423 -37.40 4.26 -25.73
C ARG B 423 -36.12 4.66 -26.46
N LEU B 424 -35.40 5.64 -25.90
CA LEU B 424 -34.17 6.08 -26.53
C LEU B 424 -33.15 4.94 -26.54
N LEU B 425 -33.01 4.28 -25.39
CA LEU B 425 -32.14 3.11 -25.25
C LEU B 425 -32.56 1.98 -26.18
N GLU B 426 -33.87 1.72 -26.21
CA GLU B 426 -34.41 0.62 -27.00
C GLU B 426 -34.10 0.77 -28.48
N ASN B 427 -34.27 1.98 -29.01
CA ASN B 427 -34.10 2.19 -30.43
C ASN B 427 -32.65 2.31 -30.89
N THR B 428 -31.73 2.59 -29.96
CA THR B 428 -30.33 2.76 -30.33
C THR B 428 -29.39 1.66 -29.87
N ALA B 429 -29.92 0.67 -29.16
CA ALA B 429 -29.06 -0.38 -28.60
C ALA B 429 -28.36 -1.17 -29.71
N ASN B 430 -27.11 -1.57 -29.48
CA ASN B 430 -26.39 -2.41 -30.45
C ASN B 430 -27.18 -3.66 -30.82
N GLU B 431 -27.78 -4.28 -29.81
CA GLU B 431 -28.52 -5.53 -29.98
C GLU B 431 -29.94 -5.35 -30.48
N SER B 432 -30.34 -4.11 -30.74
CA SER B 432 -31.71 -3.83 -31.15
C SER B 432 -32.03 -4.33 -32.56
N PHE B 433 -33.12 -5.09 -32.69
CA PHE B 433 -33.58 -5.55 -34.00
C PHE B 433 -33.82 -4.35 -34.94
N LEU B 434 -34.51 -3.34 -34.43
CA LEU B 434 -34.82 -2.14 -35.22
C LEU B 434 -33.57 -1.39 -35.68
N ARG B 435 -32.60 -1.22 -34.80
CA ARG B 435 -31.34 -0.59 -35.21
C ARG B 435 -30.68 -1.40 -36.31
N GLN B 436 -30.65 -2.72 -36.15
CA GLN B 436 -29.99 -3.58 -37.15
C GLN B 436 -30.75 -3.71 -38.46
N SER B 437 -32.03 -3.38 -38.44
CA SER B 437 -32.83 -3.41 -39.68
C SER B 437 -32.83 -2.06 -40.40
N PHE B 438 -32.79 -0.97 -39.64
CA PHE B 438 -33.02 0.35 -40.23
C PHE B 438 -31.89 1.38 -40.06
N ALA B 439 -31.01 1.16 -39.08
CA ALA B 439 -29.87 2.06 -38.86
C ALA B 439 -28.59 1.45 -39.41
N GLU B 440 -28.58 0.13 -39.59
CA GLU B 440 -27.46 -0.56 -40.22
C GLU B 440 -27.93 -1.21 -41.53
N ASP B 441 -26.99 -1.77 -42.28
CA ASP B 441 -27.32 -2.50 -43.50
C ASP B 441 -27.86 -3.89 -43.15
N ALA B 442 -29.11 -4.14 -43.52
CA ALA B 442 -29.81 -5.36 -43.12
C ALA B 442 -29.12 -6.66 -43.57
N GLN B 443 -28.85 -7.52 -42.60
CA GLN B 443 -28.41 -8.88 -42.87
C GLN B 443 -29.57 -9.82 -42.54
N ILE B 444 -30.47 -9.94 -43.52
CA ILE B 444 -31.77 -10.57 -43.35
C ILE B 444 -31.69 -12.03 -42.92
N GLU B 445 -30.78 -12.78 -43.52
CA GLU B 445 -30.62 -14.19 -43.23
C GLU B 445 -30.21 -14.38 -41.77
N ARG B 446 -29.37 -13.48 -41.27
CA ARG B 446 -28.91 -13.51 -39.89
C ARG B 446 -30.02 -13.06 -38.94
N LEU B 447 -30.78 -12.06 -39.38
CA LEU B 447 -31.85 -11.50 -38.56
C LEU B 447 -33.03 -12.48 -38.42
N LEU B 448 -33.23 -13.34 -39.41
CA LEU B 448 -34.36 -14.26 -39.41
C LEU B 448 -34.04 -15.67 -38.90
N GLU B 449 -32.82 -15.87 -38.43
CA GLU B 449 -32.42 -17.18 -37.94
C GLU B 449 -33.31 -17.60 -36.78
N ASP B 450 -33.60 -18.90 -36.69
CA ASP B 450 -34.20 -19.44 -35.47
C ASP B 450 -33.28 -19.08 -34.31
N PRO B 451 -33.79 -18.25 -33.38
CA PRO B 451 -32.96 -17.80 -32.26
C PRO B 451 -32.46 -18.93 -31.36
N ALA B 452 -33.18 -20.05 -31.31
CA ALA B 452 -32.70 -21.20 -30.54
C ALA B 452 -31.36 -21.68 -31.12
N VAL B 453 -31.27 -21.70 -32.45
CA VAL B 453 -30.02 -22.00 -33.13
C VAL B 453 -28.95 -20.99 -32.75
N THR B 454 -29.32 -19.71 -32.79
CA THR B 454 -28.39 -18.63 -32.43
C THR B 454 -27.86 -18.82 -31.01
N VAL B 455 -28.75 -19.27 -30.13
CA VAL B 455 -28.38 -19.48 -28.72
C VAL B 455 -27.31 -20.56 -28.60
N GLU B 456 -27.50 -21.67 -29.31
CA GLU B 456 -26.55 -22.78 -29.27
C GLU B 456 -25.14 -22.35 -29.69
N ARG B 457 -25.04 -21.65 -30.81
CA ARG B 457 -23.77 -21.16 -31.32
C ARG B 457 -23.10 -20.22 -30.32
N GLU B 458 -23.82 -19.19 -29.88
CA GLU B 458 -23.26 -18.16 -29.02
C GLU B 458 -22.96 -18.66 -27.60
N ARG B 459 -23.74 -19.62 -27.12
CA ARG B 459 -23.46 -20.25 -25.82
C ARG B 459 -22.17 -21.05 -25.91
N ALA B 460 -22.00 -21.78 -27.01
CA ALA B 460 -20.76 -22.49 -27.27
C ALA B 460 -19.57 -21.53 -27.29
N ALA B 461 -19.68 -20.49 -28.11
CA ALA B 461 -18.62 -19.48 -28.25
C ALA B 461 -18.21 -18.82 -26.93
N ARG B 462 -19.20 -18.53 -26.08
CA ARG B 462 -18.93 -17.95 -24.75
C ARG B 462 -18.08 -18.91 -23.92
N ALA B 463 -18.15 -20.21 -24.26
CA ALA B 463 -17.26 -21.21 -23.69
C ALA B 463 -16.19 -21.62 -24.70
N GLY B 472 -6.96 -14.78 -7.79
CA GLY B 472 -6.28 -14.20 -6.64
C GLY B 472 -5.17 -15.07 -6.09
N LEU B 473 -4.50 -14.60 -5.03
CA LEU B 473 -3.34 -15.30 -4.49
C LEU B 473 -3.63 -16.11 -3.23
N GLY B 474 -2.70 -17.00 -2.89
CA GLY B 474 -2.91 -17.94 -1.80
C GLY B 474 -3.94 -18.98 -2.19
N GLY B 475 -4.15 -19.12 -3.51
CA GLY B 475 -5.14 -20.05 -4.03
C GLY B 475 -6.57 -19.56 -3.92
N LEU B 476 -6.77 -18.45 -3.22
CA LEU B 476 -8.11 -17.94 -2.94
C LEU B 476 -8.72 -17.22 -4.13
N PRO B 477 -10.01 -17.44 -4.39
CA PRO B 477 -10.73 -16.67 -5.41
C PRO B 477 -10.74 -15.23 -4.99
N PRO B 478 -10.80 -14.28 -5.94
CA PRO B 478 -10.77 -12.87 -5.53
C PRO B 478 -11.92 -12.53 -4.60
N PHE B 479 -11.79 -11.45 -3.82
CA PHE B 479 -12.84 -11.07 -2.89
C PHE B 479 -14.13 -10.67 -3.62
N ASN B 480 -15.26 -11.12 -3.09
CA ASN B 480 -16.57 -10.62 -3.51
C ASN B 480 -17.43 -10.39 -2.28
N ASN B 481 -18.20 -9.31 -2.27
CA ASN B 481 -19.10 -9.06 -1.14
C ASN B 481 -20.12 -10.19 -1.06
N GLU B 482 -20.55 -10.52 0.16
CA GLU B 482 -21.52 -11.58 0.37
C GLU B 482 -22.87 -11.21 -0.24
N ALA B 483 -23.58 -12.20 -0.80
CA ALA B 483 -24.91 -11.96 -1.38
C ALA B 483 -25.84 -11.27 -0.39
N MET B 484 -26.52 -10.22 -0.82
CA MET B 484 -27.51 -9.54 0.03
C MET B 484 -28.83 -10.31 -0.01
N VAL B 485 -29.58 -10.29 1.10
CA VAL B 485 -30.90 -10.92 1.13
C VAL B 485 -31.75 -10.36 0.01
N ASP B 486 -32.62 -11.19 -0.58
CA ASP B 486 -33.33 -10.81 -1.78
C ASP B 486 -34.78 -11.16 -1.59
N PHE B 487 -35.61 -10.19 -1.16
CA PHE B 487 -37.00 -10.51 -0.83
C PHE B 487 -37.90 -10.71 -2.05
N THR B 488 -37.32 -10.72 -3.25
CA THR B 488 -38.10 -11.22 -4.38
C THR B 488 -38.32 -12.71 -4.20
N ARG B 489 -37.45 -13.35 -3.41
CA ARG B 489 -37.53 -14.79 -3.17
C ARG B 489 -38.51 -15.13 -2.06
N ALA B 490 -39.44 -16.05 -2.33
CA ALA B 490 -40.36 -16.50 -1.30
C ALA B 490 -39.61 -17.09 -0.09
N ASP B 491 -38.55 -17.86 -0.34
CA ASP B 491 -37.82 -18.45 0.78
C ASP B 491 -37.13 -17.40 1.68
N HIS B 492 -36.62 -16.33 1.10
CA HIS B 492 -36.03 -15.27 1.92
C HIS B 492 -37.10 -14.54 2.73
N ARG B 493 -38.28 -14.36 2.13
CA ARG B 493 -39.38 -13.69 2.83
C ARG B 493 -39.89 -14.57 3.99
N ALA B 494 -39.87 -15.87 3.79
CA ALA B 494 -40.34 -16.80 4.82
C ALA B 494 -39.30 -16.97 5.93
N ALA B 495 -38.05 -16.70 5.62
CA ALA B 495 -36.96 -16.98 6.56
C ALA B 495 -37.03 -16.10 7.80
N PHE B 496 -37.33 -14.83 7.63
CA PHE B 496 -37.30 -13.92 8.80
C PHE B 496 -38.32 -14.22 9.90
N PRO B 497 -39.62 -14.33 9.55
CA PRO B 497 -40.58 -14.66 10.60
C PRO B 497 -40.18 -15.95 11.31
N LYS B 498 -39.71 -16.93 10.53
CA LYS B 498 -39.26 -18.20 11.10
C LYS B 498 -38.09 -18.03 12.05
N HIS B 499 -37.04 -17.32 11.62
CA HIS B 499 -35.87 -17.21 12.49
C HIS B 499 -36.14 -16.31 13.67
N ILE B 500 -36.97 -15.29 13.50
CA ILE B 500 -37.38 -14.48 14.64
C ILE B 500 -38.11 -15.33 15.68
N ALA B 501 -39.04 -16.19 15.24
CA ALA B 501 -39.71 -17.09 16.16
C ALA B 501 -38.74 -18.05 16.86
N GLN B 502 -37.80 -18.62 16.11
CA GLN B 502 -36.80 -19.53 16.68
C GLN B 502 -35.94 -18.83 17.73
N VAL B 503 -35.51 -17.60 17.44
CA VAL B 503 -34.80 -16.81 18.43
C VAL B 503 -35.59 -16.70 19.72
N ARG B 504 -36.91 -16.55 19.60
CA ARG B 504 -37.74 -16.41 20.80
C ARG B 504 -37.89 -17.70 21.63
N THR B 505 -37.48 -18.83 21.06
CA THR B 505 -37.43 -20.08 21.83
C THR B 505 -36.13 -20.16 22.64
N GLN B 506 -35.21 -19.22 22.40
CA GLN B 506 -33.88 -19.23 23.00
C GLN B 506 -33.64 -18.09 24.00
N LEU B 507 -34.69 -17.47 24.49
CA LEU B 507 -34.50 -16.35 25.41
C LEU B 507 -34.20 -16.85 26.82
N GLY B 508 -33.69 -15.95 27.67
CA GLY B 508 -33.54 -16.26 29.09
C GLY B 508 -32.19 -16.81 29.48
N LYS B 509 -31.31 -17.00 28.50
CA LYS B 509 -30.00 -17.55 28.78
C LYS B 509 -29.10 -16.54 29.48
N THR B 510 -28.14 -17.06 30.25
CA THR B 510 -27.10 -16.23 30.85
C THR B 510 -25.82 -16.31 30.03
N TYR B 511 -25.36 -15.17 29.55
CA TYR B 511 -24.16 -15.11 28.71
C TYR B 511 -22.91 -14.76 29.53
N PRO B 512 -21.95 -15.68 29.60
CA PRO B 512 -20.76 -15.51 30.44
C PRO B 512 -19.66 -14.77 29.70
N LEU B 513 -18.60 -14.41 30.41
CA LEU B 513 -17.39 -13.91 29.79
C LEU B 513 -16.73 -15.07 29.07
N PHE B 514 -15.82 -14.78 28.15
CA PHE B 514 -15.04 -15.82 27.51
C PHE B 514 -13.57 -15.46 27.59
N ILE B 515 -12.82 -16.16 28.42
CA ILE B 515 -11.46 -15.77 28.71
C ILE B 515 -10.54 -16.97 28.59
N ASN B 516 -9.51 -16.86 27.75
CA ASN B 516 -8.54 -17.94 27.61
C ASN B 516 -9.22 -19.25 27.24
N GLY B 517 -10.12 -19.20 26.27
CA GLY B 517 -10.78 -20.37 25.75
C GLY B 517 -11.85 -20.97 26.66
N LYS B 518 -12.17 -20.28 27.75
CA LYS B 518 -13.14 -20.81 28.70
C LYS B 518 -14.23 -19.82 29.08
N GLU B 519 -15.43 -20.37 29.36
CA GLU B 519 -16.54 -19.55 29.83
C GLU B 519 -16.35 -19.20 31.30
N VAL B 520 -16.46 -17.91 31.62
CA VAL B 520 -16.30 -17.45 32.99
C VAL B 520 -17.56 -16.71 33.45
N ARG B 521 -18.23 -17.24 34.47
CA ARG B 521 -19.42 -16.59 35.01
C ARG B 521 -19.07 -15.57 36.10
N THR B 522 -19.79 -14.46 36.14
CA THR B 522 -19.70 -13.54 37.27
C THR B 522 -21.10 -13.35 37.85
N ASN B 523 -21.18 -12.75 39.05
CA ASN B 523 -22.46 -12.52 39.73
C ASN B 523 -23.28 -11.38 39.16
N ASP B 524 -22.60 -10.35 38.65
CA ASP B 524 -23.25 -9.15 38.14
C ASP B 524 -23.87 -9.38 36.77
N LEU B 525 -25.20 -9.39 36.70
CA LEU B 525 -25.89 -9.61 35.43
C LEU B 525 -26.59 -8.34 34.97
N ILE B 526 -26.55 -8.07 33.67
CA ILE B 526 -27.33 -6.99 33.08
C ILE B 526 -28.25 -7.58 32.04
N PRO B 527 -29.57 -7.38 32.17
CA PRO B 527 -30.49 -7.92 31.18
C PRO B 527 -30.36 -7.16 29.87
N THR B 528 -30.57 -7.85 28.76
CA THR B 528 -30.63 -7.17 27.48
C THR B 528 -32.06 -7.32 26.97
N VAL B 529 -32.65 -6.22 26.51
CA VAL B 529 -34.06 -6.25 26.14
C VAL B 529 -34.29 -5.70 24.73
N ASN B 530 -35.46 -5.99 24.21
CA ASN B 530 -35.91 -5.55 22.90
C ASN B 530 -36.32 -4.08 22.96
N PRO B 531 -35.62 -3.17 22.22
CA PRO B 531 -36.00 -1.76 22.32
C PRO B 531 -37.43 -1.48 21.84
N ASN B 532 -37.94 -2.30 20.93
CA ASN B 532 -39.32 -2.12 20.49
C ASN B 532 -40.34 -2.67 21.48
N LYS B 533 -39.86 -3.44 22.45
CA LYS B 533 -40.74 -3.98 23.47
C LYS B 533 -39.92 -4.37 24.70
N PRO B 534 -39.60 -3.37 25.52
CA PRO B 534 -38.56 -3.56 26.55
C PRO B 534 -38.97 -4.53 27.66
N SER B 535 -40.25 -4.86 27.78
CA SER B 535 -40.66 -5.88 28.74
C SER B 535 -40.14 -7.23 28.30
N GLU B 536 -39.90 -7.39 27.00
CA GLU B 536 -39.34 -8.63 26.49
C GLU B 536 -37.82 -8.71 26.74
N VAL B 537 -37.44 -9.52 27.73
CA VAL B 537 -36.04 -9.72 28.08
C VAL B 537 -35.45 -10.87 27.26
N LEU B 538 -34.37 -10.59 26.54
CA LEU B 538 -33.76 -11.59 25.65
C LEU B 538 -32.76 -12.48 26.37
N GLY B 539 -32.12 -11.93 27.40
CA GLY B 539 -31.07 -12.66 28.11
C GLY B 539 -30.43 -11.85 29.21
N GLN B 540 -29.53 -12.49 29.95
CA GLN B 540 -28.78 -11.84 31.03
C GLN B 540 -27.29 -11.93 30.69
N ILE B 541 -26.56 -10.82 30.81
CA ILE B 541 -25.14 -10.78 30.45
C ILE B 541 -24.23 -10.63 31.67
N CYS B 542 -23.29 -11.54 31.87
CA CYS B 542 -22.31 -11.39 32.96
C CYS B 542 -21.41 -10.17 32.71
N GLN B 543 -21.04 -9.48 33.78
CA GLN B 543 -20.19 -8.28 33.64
C GLN B 543 -18.83 -8.56 34.20
N ALA B 544 -17.80 -8.12 33.49
CA ALA B 544 -16.42 -8.28 33.96
C ALA B 544 -16.03 -7.13 34.89
N GLY B 545 -15.51 -7.47 36.06
CA GLY B 545 -14.89 -6.46 36.91
C GLY B 545 -13.47 -6.25 36.43
N THR B 546 -12.71 -5.41 37.13
CA THR B 546 -11.31 -5.16 36.75
C THR B 546 -10.46 -6.42 36.82
N THR B 547 -10.78 -7.29 37.77
CA THR B 547 -10.07 -8.56 37.95
C THR B 547 -10.20 -9.44 36.71
N GLU B 548 -11.42 -9.60 36.21
CA GLU B 548 -11.68 -10.43 35.03
C GLU B 548 -11.08 -9.80 33.78
N VAL B 549 -11.19 -8.48 33.64
CA VAL B 549 -10.60 -7.83 32.49
C VAL B 549 -9.07 -8.01 32.57
N GLY B 550 -8.52 -7.92 33.78
CA GLY B 550 -7.09 -8.16 33.96
C GLY B 550 -6.68 -9.56 33.58
N ASP B 551 -7.51 -10.54 33.97
CA ASP B 551 -7.32 -11.92 33.55
C ASP B 551 -7.34 -12.09 32.03
N ALA B 552 -8.25 -11.37 31.36
CA ALA B 552 -8.37 -11.43 29.90
C ALA B 552 -7.12 -10.87 29.23
N ILE B 553 -6.67 -9.71 29.72
CA ILE B 553 -5.43 -9.09 29.20
C ILE B 553 -4.23 -9.99 29.40
N ALA B 554 -4.14 -10.65 30.55
CA ALA B 554 -3.03 -11.54 30.83
C ALA B 554 -3.05 -12.75 29.90
N ALA B 555 -4.26 -13.27 29.63
CA ALA B 555 -4.41 -14.43 28.74
C ALA B 555 -4.06 -14.06 27.30
N ALA B 556 -4.50 -12.87 26.88
CA ALA B 556 -4.16 -12.35 25.57
C ALA B 556 -2.65 -12.19 25.47
N LYS B 557 -2.06 -11.69 26.54
CA LYS B 557 -0.61 -11.44 26.51
C LYS B 557 0.16 -12.76 26.43
N ALA B 558 -0.29 -13.76 27.17
CA ALA B 558 0.37 -15.08 27.18
C ALA B 558 0.25 -15.80 25.84
N ALA B 559 -0.87 -15.60 25.16
CA ALA B 559 -1.14 -16.22 23.87
C ALA B 559 -0.40 -15.49 22.73
N PHE B 560 -0.03 -14.24 22.96
CA PHE B 560 0.52 -13.39 21.90
C PHE B 560 1.77 -13.93 21.20
N PRO B 561 2.80 -14.38 21.96
CA PRO B 561 4.00 -14.83 21.26
C PRO B 561 3.76 -15.98 20.27
N ALA B 562 2.98 -16.99 20.65
CA ALA B 562 2.73 -18.10 19.73
C ALA B 562 1.87 -17.64 18.54
N TRP B 563 0.92 -16.76 18.79
CA TRP B 563 0.03 -16.26 17.72
C TRP B 563 0.83 -15.37 16.75
N ARG B 564 1.65 -14.49 17.30
CA ARG B 564 2.53 -13.65 16.49
C ARG B 564 3.38 -14.51 15.57
N ASP B 565 3.83 -15.65 16.08
CA ASP B 565 4.67 -16.55 15.30
C ASP B 565 3.89 -17.49 14.37
N THR B 566 2.57 -17.36 14.34
CA THR B 566 1.77 -18.22 13.47
C THR B 566 1.75 -17.62 12.07
N ASP B 567 2.02 -18.45 11.07
CA ASP B 567 2.04 -18.06 9.65
C ASP B 567 0.83 -17.21 9.30
N PRO B 568 1.05 -16.06 8.62
CA PRO B 568 -0.04 -15.16 8.25
C PRO B 568 -1.17 -15.90 7.51
N ARG B 569 -0.80 -16.85 6.67
CA ARG B 569 -1.78 -17.59 5.88
C ARG B 569 -2.65 -18.46 6.77
N THR B 570 -2.06 -18.97 7.85
CA THR B 570 -2.79 -19.78 8.81
C THR B 570 -3.72 -18.88 9.62
N ARG B 571 -3.23 -17.72 10.03
CA ARG B 571 -4.10 -16.77 10.72
C ARG B 571 -5.29 -16.40 9.81
N ALA B 572 -5.01 -16.17 8.53
CA ALA B 572 -6.07 -15.86 7.56
C ALA B 572 -7.10 -16.98 7.49
N GLU B 573 -6.63 -18.22 7.52
CA GLU B 573 -7.52 -19.37 7.42
C GLU B 573 -8.55 -19.38 8.56
N TYR B 574 -8.15 -18.95 9.75
CA TYR B 574 -9.10 -18.84 10.85
C TYR B 574 -10.23 -17.86 10.55
N LEU B 575 -9.91 -16.72 9.94
CA LEU B 575 -10.96 -15.76 9.58
C LEU B 575 -11.90 -16.35 8.54
N LEU B 576 -11.33 -17.08 7.57
CA LEU B 576 -12.17 -17.71 6.54
C LEU B 576 -13.12 -18.75 7.12
N LYS B 577 -12.66 -19.47 8.14
CA LYS B 577 -13.51 -20.44 8.82
C LYS B 577 -14.60 -19.74 9.62
N ALA B 578 -14.25 -18.61 10.23
CA ALA B 578 -15.25 -17.84 10.97
C ALA B 578 -16.33 -17.31 10.01
N ALA B 579 -15.91 -16.88 8.83
CA ALA B 579 -16.86 -16.40 7.82
C ALA B 579 -17.81 -17.51 7.35
N GLN B 580 -17.28 -18.70 7.10
CA GLN B 580 -18.13 -19.82 6.72
C GLN B 580 -19.13 -20.17 7.83
N ALA B 581 -18.69 -20.11 9.08
CA ALA B 581 -19.56 -20.36 10.21
C ALA B 581 -20.71 -19.34 10.29
N ALA B 582 -20.40 -18.09 9.98
CA ALA B 582 -21.42 -17.04 10.02
C ALA B 582 -22.39 -17.22 8.86
N ARG B 583 -21.83 -17.57 7.71
CA ARG B 583 -22.58 -17.79 6.48
C ARG B 583 -23.67 -18.82 6.71
N LYS B 584 -23.32 -19.89 7.41
CA LYS B 584 -24.24 -20.96 7.74
C LYS B 584 -25.38 -20.50 8.64
N ARG B 585 -25.17 -19.41 9.37
CA ARG B 585 -26.13 -18.93 10.36
C ARG B 585 -26.72 -17.58 10.00
N LEU B 586 -26.65 -17.21 8.71
CA LEU B 586 -26.94 -15.84 8.29
C LEU B 586 -28.30 -15.31 8.78
N PHE B 587 -29.36 -16.06 8.54
CA PHE B 587 -30.69 -15.61 8.98
C PHE B 587 -30.84 -15.61 10.49
N GLU B 588 -30.29 -16.62 11.15
CA GLU B 588 -30.36 -16.70 12.61
C GLU B 588 -29.64 -15.50 13.21
N LEU B 589 -28.44 -15.21 12.73
CA LEU B 589 -27.67 -14.07 13.24
C LEU B 589 -28.43 -12.76 13.03
N SER B 590 -29.06 -12.61 11.87
CA SER B 590 -29.83 -11.41 11.55
C SER B 590 -31.04 -11.25 12.48
N ALA B 591 -31.76 -12.34 12.70
CA ALA B 591 -32.94 -12.31 13.56
C ALA B 591 -32.61 -11.80 14.96
N TRP B 592 -31.48 -12.25 15.53
CA TRP B 592 -31.03 -11.76 16.84
C TRP B 592 -30.93 -10.24 16.86
N GLN B 593 -30.40 -9.66 15.79
CA GLN B 593 -30.22 -8.20 15.73
C GLN B 593 -31.56 -7.47 15.62
N VAL B 594 -32.50 -8.08 14.89
CA VAL B 594 -33.85 -7.53 14.83
C VAL B 594 -34.40 -7.31 16.24
N LEU B 595 -34.31 -8.33 17.09
CA LEU B 595 -34.83 -8.23 18.44
C LEU B 595 -33.94 -7.48 19.44
N GLU B 596 -32.61 -7.65 19.39
CA GLU B 596 -31.78 -7.06 20.43
C GLU B 596 -31.53 -5.55 20.28
N ILE B 597 -31.50 -5.06 19.05
CA ILE B 597 -31.21 -3.64 18.83
C ILE B 597 -32.19 -2.95 17.86
N GLY B 598 -33.22 -3.69 17.43
CA GLY B 598 -34.27 -3.08 16.59
C GLY B 598 -33.83 -2.79 15.16
N LYS B 599 -33.04 -3.69 14.59
CA LYS B 599 -32.72 -3.61 13.17
C LYS B 599 -33.92 -4.05 12.34
N GLN B 600 -34.13 -3.37 11.22
CA GLN B 600 -35.11 -3.84 10.25
C GLN B 600 -34.50 -5.05 9.56
N TRP B 601 -35.30 -5.85 8.85
CA TRP B 601 -34.80 -7.12 8.31
C TRP B 601 -33.59 -6.93 7.42
N ASP B 602 -33.69 -5.97 6.49
CA ASP B 602 -32.62 -5.72 5.56
C ASP B 602 -31.39 -5.13 6.30
N GLN B 603 -31.64 -4.28 7.30
CA GLN B 603 -30.55 -3.70 8.08
C GLN B 603 -29.80 -4.78 8.85
N ALA B 604 -30.54 -5.73 9.40
CA ALA B 604 -29.95 -6.82 10.17
C ALA B 604 -29.10 -7.70 9.28
N TYR B 605 -29.66 -8.10 8.14
CA TYR B 605 -28.97 -9.00 7.24
C TYR B 605 -27.70 -8.32 6.72
N ALA B 606 -27.78 -7.03 6.42
CA ALA B 606 -26.60 -6.32 5.90
C ALA B 606 -25.53 -6.18 6.96
N ASP B 607 -25.93 -6.18 8.22
CA ASP B 607 -24.95 -6.12 9.31
C ASP B 607 -24.12 -7.42 9.31
N VAL B 608 -24.80 -8.56 9.17
CA VAL B 608 -24.11 -9.84 9.20
C VAL B 608 -23.27 -10.06 7.94
N THR B 609 -23.77 -9.67 6.78
CA THR B 609 -23.00 -9.85 5.55
C THR B 609 -21.76 -8.97 5.59
N GLU B 610 -21.86 -7.80 6.24
CA GLU B 610 -20.67 -6.94 6.35
C GLU B 610 -19.62 -7.54 7.28
N ALA B 611 -20.05 -8.25 8.32
CA ALA B 611 -19.11 -8.93 9.22
C ALA B 611 -18.38 -9.99 8.41
N ILE B 612 -19.16 -10.71 7.61
CA ILE B 612 -18.60 -11.72 6.71
C ILE B 612 -17.63 -11.11 5.71
N ASP B 613 -17.97 -9.95 5.14
CA ASP B 613 -17.06 -9.31 4.18
C ASP B 613 -15.72 -8.93 4.83
N PHE B 614 -15.79 -8.37 6.04
CA PHE B 614 -14.56 -8.03 6.76
C PHE B 614 -13.67 -9.26 6.93
N LEU B 615 -14.27 -10.38 7.33
CA LEU B 615 -13.53 -11.62 7.50
C LEU B 615 -12.84 -12.07 6.21
N GLU B 616 -13.57 -12.02 5.10
CA GLU B 616 -13.04 -12.45 3.82
C GLU B 616 -12.02 -11.47 3.27
N TYR B 617 -12.28 -10.19 3.48
CA TYR B 617 -11.41 -9.17 2.93
C TYR B 617 -10.11 -9.09 3.72
N TYR B 618 -10.20 -9.14 5.05
CA TYR B 618 -9.00 -8.98 5.88
C TYR B 618 -8.14 -10.24 5.84
N ALA B 619 -8.76 -11.41 5.66
CA ALA B 619 -8.00 -12.64 5.37
C ALA B 619 -7.10 -12.44 4.15
N ARG B 620 -7.69 -11.93 3.07
CA ARG B 620 -6.94 -11.72 1.85
C ARG B 620 -5.89 -10.61 2.00
N GLU B 621 -6.22 -9.56 2.72
CA GLU B 621 -5.27 -8.48 2.98
C GLU B 621 -4.04 -8.95 3.77
N MET B 622 -4.23 -9.85 4.74
CA MET B 622 -3.10 -10.35 5.52
C MET B 622 -2.20 -11.23 4.66
N ILE B 623 -2.81 -12.06 3.83
CA ILE B 623 -2.10 -12.90 2.87
C ILE B 623 -1.23 -12.05 1.95
N ARG B 624 -1.77 -10.90 1.53
CA ARG B 624 -1.04 -9.98 0.66
C ARG B 624 0.13 -9.31 1.39
N LEU B 625 -0.14 -8.83 2.59
CA LEU B 625 0.84 -8.08 3.37
C LEU B 625 1.83 -8.99 4.08
N GLY B 626 1.52 -10.29 4.12
CA GLY B 626 2.26 -11.22 4.96
C GLY B 626 3.58 -11.69 4.39
N GLN B 627 3.84 -11.39 3.12
CA GLN B 627 5.10 -11.81 2.52
C GLN B 627 6.11 -10.66 2.49
N PRO B 628 7.31 -10.90 3.05
CA PRO B 628 8.35 -9.88 3.09
C PRO B 628 8.70 -9.42 1.68
N GLN B 629 8.97 -8.13 1.52
CA GLN B 629 9.35 -7.58 0.23
C GLN B 629 10.81 -7.18 0.25
N ARG B 630 11.56 -7.59 -0.75
CA ARG B 630 12.92 -7.10 -0.89
C ARG B 630 12.85 -5.62 -1.25
N VAL B 631 13.66 -4.79 -0.60
CA VAL B 631 13.69 -3.37 -0.92
C VAL B 631 15.11 -2.97 -1.27
N GLY B 632 15.25 -2.02 -2.19
CA GLY B 632 16.56 -1.67 -2.72
C GLY B 632 16.99 -2.68 -3.77
N HIS B 633 18.08 -2.38 -4.48
CA HIS B 633 18.57 -3.26 -5.53
C HIS B 633 20.10 -3.21 -5.62
N ALA B 634 20.73 -2.80 -4.53
CA ALA B 634 22.20 -2.76 -4.47
C ALA B 634 22.72 -4.18 -4.28
N PRO B 635 23.78 -4.55 -5.03
CA PRO B 635 24.39 -5.88 -4.89
C PRO B 635 25.12 -6.00 -3.55
N GLY B 636 25.47 -7.23 -3.16
CA GLY B 636 26.20 -7.45 -1.93
C GLY B 636 25.34 -7.23 -0.69
N GLU B 637 24.05 -7.03 -0.89
CA GLU B 637 23.18 -6.63 0.21
C GLU B 637 21.75 -7.14 -0.02
N LEU B 638 21.10 -7.60 1.04
CA LEU B 638 19.68 -8.00 0.97
C LEU B 638 18.88 -7.28 2.04
N ASN B 639 17.88 -6.50 1.64
CA ASN B 639 16.98 -5.87 2.59
C ASN B 639 15.58 -6.40 2.42
N HIS B 640 14.98 -6.84 3.52
CA HIS B 640 13.58 -7.27 3.50
C HIS B 640 12.74 -6.45 4.47
N TYR B 641 11.61 -5.97 3.98
CA TYR B 641 10.72 -5.09 4.72
C TYR B 641 9.47 -5.92 4.97
N PHE B 642 9.03 -5.99 6.21
CA PHE B 642 7.89 -6.83 6.55
C PHE B 642 7.18 -6.29 7.77
N TYR B 643 6.08 -6.92 8.15
CA TYR B 643 5.25 -6.38 9.22
C TYR B 643 5.08 -7.34 10.37
N GLU B 644 4.97 -6.80 11.57
CA GLU B 644 4.67 -7.62 12.76
C GLU B 644 3.59 -6.99 13.61
N PRO B 645 2.91 -7.81 14.43
CA PRO B 645 1.83 -7.26 15.25
C PRO B 645 2.38 -6.44 16.42
N LYS B 646 1.48 -5.90 17.23
CA LYS B 646 1.85 -5.00 18.30
C LYS B 646 1.76 -5.64 19.67
N GLY B 647 0.73 -6.45 19.89
CA GLY B 647 0.54 -7.06 21.20
C GLY B 647 -0.93 -7.28 21.48
N VAL B 648 -1.39 -6.77 22.62
CA VAL B 648 -2.78 -6.95 23.00
C VAL B 648 -3.55 -5.72 22.55
N ALA B 649 -4.65 -5.97 21.85
CA ALA B 649 -5.54 -4.91 21.38
C ALA B 649 -6.81 -4.91 22.22
N ALA B 650 -7.18 -3.74 22.74
CA ALA B 650 -8.51 -3.55 23.32
C ALA B 650 -9.43 -3.12 22.19
N VAL B 651 -10.56 -3.81 22.07
CA VAL B 651 -11.58 -3.52 21.05
C VAL B 651 -12.89 -3.15 21.75
N ILE B 652 -13.32 -1.91 21.56
CA ILE B 652 -14.47 -1.35 22.25
C ILE B 652 -15.51 -1.00 21.17
N ALA B 653 -16.58 -1.79 21.09
CA ALA B 653 -17.47 -1.74 19.93
C ALA B 653 -18.80 -1.03 20.22
N PRO B 654 -19.44 -0.50 19.16
CA PRO B 654 -20.71 0.21 19.35
C PRO B 654 -21.90 -0.74 19.24
N TRP B 655 -23.09 -0.28 19.60
CA TRP B 655 -24.29 -1.10 19.51
C TRP B 655 -24.93 -0.99 18.12
N ASN B 656 -24.58 0.03 17.35
CA ASN B 656 -25.36 0.33 16.15
C ASN B 656 -25.10 -0.56 14.94
N PHE B 657 -23.88 -1.09 14.83
CA PHE B 657 -23.58 -2.15 13.88
C PHE B 657 -22.88 -3.21 14.70
N PRO B 658 -23.68 -3.95 15.48
CA PRO B 658 -23.16 -4.70 16.62
C PRO B 658 -22.39 -5.94 16.21
N LEU B 659 -22.60 -6.46 15.00
CA LEU B 659 -21.77 -7.57 14.56
C LEU B 659 -20.71 -7.08 13.59
N ALA B 660 -21.16 -6.31 12.59
CA ALA B 660 -20.27 -5.84 11.53
C ALA B 660 -19.03 -5.09 12.04
N ILE B 661 -19.23 -4.04 12.82
CA ILE B 661 -18.08 -3.22 13.23
C ILE B 661 -17.25 -3.95 14.29
N SER B 662 -17.94 -4.67 15.18
CA SER B 662 -17.29 -5.50 16.19
C SER B 662 -16.36 -6.48 15.51
N MET B 663 -16.88 -7.19 14.51
CA MET B 663 -16.09 -8.21 13.81
C MET B 663 -14.97 -7.60 12.98
N GLY B 664 -15.23 -6.43 12.41
CA GLY B 664 -14.25 -5.75 11.60
C GLY B 664 -13.02 -5.38 12.40
N MET B 665 -13.25 -4.74 13.54
CA MET B 665 -12.12 -4.34 14.39
C MET B 665 -11.42 -5.54 15.01
N ALA B 666 -12.19 -6.50 15.52
CA ALA B 666 -11.61 -7.65 16.22
C ALA B 666 -10.80 -8.52 15.25
N SER B 667 -11.39 -8.80 14.10
CA SER B 667 -10.74 -9.71 13.16
C SER B 667 -9.53 -9.07 12.49
N ALA B 668 -9.55 -7.76 12.27
CA ALA B 668 -8.38 -7.08 11.72
C ALA B 668 -7.22 -7.20 12.72
N ALA B 669 -7.50 -6.95 13.99
CA ALA B 669 -6.48 -7.08 15.02
C ALA B 669 -5.99 -8.53 15.11
N ILE B 670 -6.92 -9.47 15.02
CA ILE B 670 -6.57 -10.88 15.16
C ILE B 670 -5.73 -11.40 14.00
N VAL B 671 -6.15 -11.12 12.77
CA VAL B 671 -5.47 -11.68 11.61
C VAL B 671 -4.06 -11.12 11.46
N THR B 672 -3.85 -9.90 11.95
CA THR B 672 -2.51 -9.28 11.87
C THR B 672 -1.58 -9.76 12.98
N GLY B 673 -2.06 -10.67 13.81
CA GLY B 673 -1.20 -11.28 14.80
C GLY B 673 -1.32 -10.75 16.22
N ASN B 674 -2.27 -9.85 16.47
CA ASN B 674 -2.49 -9.37 17.83
C ASN B 674 -3.49 -10.26 18.53
N CYS B 675 -3.56 -10.16 19.86
CA CYS B 675 -4.62 -10.83 20.60
C CYS B 675 -5.57 -9.76 21.15
N VAL B 676 -6.83 -10.13 21.33
CA VAL B 676 -7.89 -9.15 21.50
C VAL B 676 -8.63 -9.31 22.81
N VAL B 677 -8.87 -8.19 23.50
CA VAL B 677 -9.81 -8.17 24.62
C VAL B 677 -10.95 -7.27 24.16
N PHE B 678 -12.14 -7.85 24.05
CA PHE B 678 -13.25 -7.22 23.35
C PHE B 678 -14.40 -6.87 24.28
N LYS B 679 -14.81 -5.60 24.29
CA LYS B 679 -15.93 -5.16 25.10
C LYS B 679 -17.05 -4.75 24.15
N PRO B 680 -18.09 -5.58 24.04
CA PRO B 680 -19.24 -5.16 23.22
C PRO B 680 -19.99 -4.09 23.98
N SER B 681 -20.84 -3.35 23.28
CA SER B 681 -21.76 -2.44 23.94
C SER B 681 -22.65 -3.21 24.89
N GLY B 682 -23.04 -2.57 25.98
CA GLY B 682 -23.86 -3.22 26.98
C GLY B 682 -25.27 -3.56 26.52
N ILE B 683 -25.73 -2.99 25.41
CA ILE B 683 -27.10 -3.26 24.96
C ILE B 683 -27.16 -4.20 23.76
N THR B 684 -25.99 -4.54 23.22
CA THR B 684 -25.91 -5.58 22.20
C THR B 684 -24.89 -6.66 22.54
N SER B 685 -24.94 -7.14 23.79
CA SER B 685 -23.96 -8.12 24.26
C SER B 685 -24.23 -9.54 23.77
N ILE B 686 -25.49 -9.85 23.47
CA ILE B 686 -25.79 -11.13 22.83
C ILE B 686 -25.18 -11.15 21.43
N ILE B 687 -25.31 -10.06 20.68
CA ILE B 687 -24.67 -10.00 19.37
C ILE B 687 -23.16 -10.11 19.55
N GLY B 688 -22.63 -9.51 20.61
CA GLY B 688 -21.20 -9.59 20.88
C GLY B 688 -20.80 -11.04 21.16
N TRP B 689 -21.71 -11.78 21.78
CA TRP B 689 -21.47 -13.20 22.05
C TRP B 689 -21.32 -14.00 20.75
N HIS B 690 -21.96 -13.54 19.68
CA HIS B 690 -21.81 -14.22 18.38
C HIS B 690 -20.34 -14.26 17.92
N LEU B 691 -19.58 -13.22 18.21
CA LEU B 691 -18.13 -13.26 17.90
C LEU B 691 -17.48 -14.42 18.65
N VAL B 692 -17.86 -14.64 19.90
CA VAL B 692 -17.33 -15.79 20.65
C VAL B 692 -17.66 -17.09 19.94
N GLU B 693 -18.93 -17.27 19.57
CA GLU B 693 -19.37 -18.49 18.94
C GLU B 693 -18.69 -18.73 17.60
N LEU B 694 -18.55 -17.67 16.80
CA LEU B 694 -17.92 -17.83 15.49
C LEU B 694 -16.44 -18.19 15.59
N PHE B 695 -15.71 -17.52 16.47
CA PHE B 695 -14.28 -17.78 16.60
C PHE B 695 -14.04 -19.13 17.28
N ARG B 696 -14.97 -19.52 18.15
CA ARG B 696 -14.96 -20.85 18.75
C ARG B 696 -15.15 -21.94 17.70
N GLU B 697 -16.12 -21.76 16.80
CA GLU B 697 -16.32 -22.72 15.72
C GLU B 697 -15.12 -22.78 14.78
N ALA B 698 -14.44 -21.64 14.61
CA ALA B 698 -13.25 -21.58 13.76
C ALA B 698 -12.08 -22.26 14.46
N GLY B 699 -12.18 -22.42 15.77
CA GLY B 699 -11.14 -23.11 16.52
C GLY B 699 -9.96 -22.24 16.90
N LEU B 700 -10.20 -20.94 17.02
CA LEU B 700 -9.13 -19.98 17.31
C LEU B 700 -8.44 -20.36 18.63
N PRO B 701 -7.10 -20.26 18.67
CA PRO B 701 -6.37 -20.65 19.88
C PRO B 701 -6.76 -19.86 21.14
N GLU B 702 -6.70 -20.52 22.29
CA GLU B 702 -7.13 -19.90 23.54
C GLU B 702 -6.33 -18.63 23.83
N GLY B 703 -7.01 -17.58 24.29
CA GLY B 703 -6.34 -16.34 24.62
C GLY B 703 -6.31 -15.31 23.50
N VAL B 704 -6.44 -15.77 22.26
CA VAL B 704 -6.35 -14.86 21.12
C VAL B 704 -7.57 -13.94 21.03
N PHE B 705 -8.74 -14.44 21.40
CA PHE B 705 -9.94 -13.61 21.46
C PHE B 705 -10.64 -13.78 22.80
N ASN B 706 -10.77 -12.66 23.54
CA ASN B 706 -11.42 -12.69 24.85
C ASN B 706 -12.61 -11.72 24.91
N PHE B 707 -13.69 -12.17 25.55
CA PHE B 707 -14.97 -11.47 25.53
C PHE B 707 -15.26 -10.97 26.94
N THR B 708 -15.16 -9.66 27.13
CA THR B 708 -15.35 -9.09 28.45
C THR B 708 -16.35 -7.95 28.42
N PRO B 709 -17.65 -8.29 28.26
CA PRO B 709 -18.64 -7.24 28.48
C PRO B 709 -18.47 -6.75 29.92
N GLY B 710 -18.68 -5.47 30.16
CA GLY B 710 -18.56 -4.95 31.49
C GLY B 710 -19.17 -3.57 31.55
N ARG B 711 -19.36 -3.06 32.76
CA ARG B 711 -19.87 -1.71 32.94
C ARG B 711 -18.70 -0.76 32.77
N GLY B 712 -18.85 0.21 31.87
CA GLY B 712 -17.80 1.18 31.64
C GLY B 712 -17.33 1.86 32.92
N SER B 713 -18.27 2.10 33.83
CA SER B 713 -17.93 2.74 35.09
C SER B 713 -17.04 1.84 35.95
N VAL B 714 -17.16 0.52 35.78
CA VAL B 714 -16.32 -0.41 36.53
C VAL B 714 -14.96 -0.66 35.86
N MET B 715 -14.94 -0.80 34.54
CA MET B 715 -13.74 -1.28 33.86
C MET B 715 -13.30 -0.55 32.58
N GLY B 716 -13.98 0.54 32.22
CA GLY B 716 -13.64 1.25 30.99
C GLY B 716 -12.27 1.90 30.95
N ASP B 717 -11.99 2.79 31.90
CA ASP B 717 -10.66 3.38 31.98
C ASP B 717 -9.62 2.31 32.26
N TYR B 718 -9.98 1.33 33.10
CA TYR B 718 -9.06 0.24 33.45
C TYR B 718 -8.50 -0.44 32.20
N LEU B 719 -9.41 -0.81 31.30
CA LEU B 719 -9.04 -1.45 30.04
C LEU B 719 -8.17 -0.55 29.16
N VAL B 720 -8.51 0.73 29.06
CA VAL B 720 -7.77 1.65 28.20
C VAL B 720 -6.41 2.01 28.80
N ASP B 721 -6.38 2.17 30.13
CA ASP B 721 -5.16 2.57 30.86
C ASP B 721 -4.12 1.46 30.97
N HIS B 722 -4.54 0.22 30.80
CA HIS B 722 -3.69 -0.93 31.17
C HIS B 722 -2.34 -0.94 30.44
N PRO B 723 -1.25 -1.14 31.20
CA PRO B 723 0.09 -1.08 30.60
C PRO B 723 0.34 -2.17 29.58
N ASP B 724 -0.42 -3.26 29.60
CA ASP B 724 -0.20 -4.33 28.63
C ASP B 724 -0.99 -4.20 27.31
N ILE B 725 -1.76 -3.12 27.18
CA ILE B 725 -2.50 -2.86 25.93
C ILE B 725 -1.57 -2.09 25.00
N SER B 726 -1.50 -2.48 23.71
CA SER B 726 -0.65 -1.76 22.74
C SER B 726 -1.45 -1.04 21.66
N LEU B 727 -2.72 -1.43 21.52
CA LEU B 727 -3.61 -0.87 20.50
C LEU B 727 -5.02 -0.79 21.08
N ILE B 728 -5.75 0.27 20.74
CA ILE B 728 -7.15 0.37 21.09
C ILE B 728 -7.91 0.67 19.79
N ALA B 729 -8.91 -0.15 19.51
CA ALA B 729 -9.77 0.08 18.35
C ALA B 729 -11.13 0.42 18.88
N PHE B 730 -11.58 1.64 18.58
CA PHE B 730 -12.79 2.17 19.14
C PHE B 730 -13.67 2.77 18.06
N THR B 731 -14.97 2.49 18.14
CA THR B 731 -15.95 3.18 17.31
C THR B 731 -17.06 3.62 18.23
N GLY B 732 -17.35 4.92 18.25
CA GLY B 732 -18.32 5.45 19.20
C GLY B 732 -18.49 6.95 19.07
N SER B 733 -18.94 7.60 20.14
CA SER B 733 -19.11 9.04 20.12
C SER B 733 -17.76 9.75 20.18
N MET B 734 -17.74 10.99 19.70
CA MET B 734 -16.54 11.82 19.76
C MET B 734 -16.06 11.98 21.19
N GLU B 735 -16.97 12.34 22.08
CA GLU B 735 -16.61 12.59 23.48
C GLU B 735 -15.83 11.42 24.08
N THR B 736 -16.34 10.20 23.90
CA THR B 736 -15.69 9.01 24.43
C THR B 736 -14.39 8.70 23.71
N GLY B 737 -14.39 8.89 22.40
CA GLY B 737 -13.20 8.62 21.59
C GLY B 737 -12.05 9.54 21.95
N LEU B 738 -12.37 10.81 22.16
CA LEU B 738 -11.36 11.79 22.52
C LEU B 738 -10.79 11.52 23.90
N ARG B 739 -11.63 11.00 24.79
CA ARG B 739 -11.20 10.68 26.15
C ARG B 739 -10.23 9.50 26.10
N ILE B 740 -10.57 8.48 25.32
CA ILE B 740 -9.68 7.34 25.12
C ILE B 740 -8.36 7.81 24.53
N ILE B 741 -8.40 8.73 23.57
CA ILE B 741 -7.18 9.20 22.94
C ILE B 741 -6.24 9.90 23.94
N GLU B 742 -6.81 10.72 24.82
CA GLU B 742 -6.01 11.35 25.88
C GLU B 742 -5.42 10.33 26.86
N ARG B 743 -6.25 9.42 27.36
CA ARG B 743 -5.78 8.48 28.39
C ARG B 743 -4.77 7.50 27.82
N ALA B 744 -4.97 7.14 26.55
CA ALA B 744 -4.09 6.18 25.89
C ALA B 744 -2.70 6.74 25.62
N ALA B 745 -2.59 8.07 25.59
CA ALA B 745 -1.32 8.71 25.24
C ALA B 745 -0.26 8.51 26.32
N LYS B 746 -0.71 8.32 27.55
CA LYS B 746 0.20 8.13 28.69
C LYS B 746 0.93 6.79 28.59
N VAL B 747 2.24 6.81 28.78
CA VAL B 747 2.99 5.56 28.87
C VAL B 747 3.22 5.24 30.35
N HIS B 748 2.59 4.17 30.83
CA HIS B 748 2.66 3.78 32.24
C HIS B 748 3.88 2.89 32.45
N PRO B 749 4.31 2.71 33.72
CA PRO B 749 5.44 1.80 33.96
C PRO B 749 5.15 0.39 33.43
N GLY B 750 6.13 -0.19 32.74
CA GLY B 750 6.00 -1.54 32.20
C GLY B 750 5.30 -1.61 30.85
N GLN B 751 4.76 -0.49 30.40
CA GLN B 751 4.06 -0.43 29.11
C GLN B 751 5.07 -0.52 27.97
N ALA B 752 4.88 -1.48 27.06
CA ALA B 752 5.92 -1.76 26.06
C ALA B 752 5.89 -0.81 24.87
N ASN B 753 4.71 -0.36 24.46
CA ASN B 753 4.56 0.45 23.26
C ASN B 753 3.84 1.76 23.54
N VAL B 754 4.06 2.73 22.67
CA VAL B 754 3.15 3.87 22.58
C VAL B 754 1.84 3.32 22.00
N LYS B 755 0.72 3.55 22.67
CA LYS B 755 -0.54 2.94 22.24
C LYS B 755 -1.06 3.49 20.92
N LYS B 756 -1.39 2.59 19.99
CA LYS B 756 -1.91 2.96 18.68
C LYS B 756 -3.42 3.12 18.79
N ILE B 757 -3.93 4.20 18.20
CA ILE B 757 -5.35 4.52 18.26
C ILE B 757 -6.03 4.30 16.90
N ILE B 758 -7.09 3.51 16.90
CA ILE B 758 -7.93 3.42 15.71
C ILE B 758 -9.30 3.83 16.22
N SER B 759 -9.78 4.97 15.74
CA SER B 759 -10.99 5.59 16.30
C SER B 759 -11.88 6.10 15.19
N GLU B 760 -13.17 5.78 15.28
CA GLU B 760 -14.18 6.34 14.40
C GLU B 760 -15.21 6.99 15.32
N MET B 761 -15.48 8.28 15.12
CA MET B 761 -16.18 9.06 16.13
C MET B 761 -17.42 9.82 15.64
N GLY B 762 -18.09 9.34 14.61
CA GLY B 762 -19.37 9.93 14.25
C GLY B 762 -19.34 11.13 13.30
N GLY B 763 -20.53 11.63 12.97
CA GLY B 763 -20.63 12.65 11.96
C GLY B 763 -21.86 13.50 12.13
N LYS B 764 -21.92 14.57 11.36
CA LYS B 764 -23.10 15.39 11.24
C LYS B 764 -23.22 15.62 9.74
N ASN B 765 -23.66 14.57 9.04
CA ASN B 765 -23.48 14.49 7.59
C ASN B 765 -24.57 15.17 6.79
N ALA B 766 -24.16 15.94 5.77
CA ALA B 766 -25.12 16.66 4.93
C ALA B 766 -25.31 15.98 3.58
N ILE B 767 -26.52 16.09 3.04
CA ILE B 767 -26.72 15.84 1.62
C ILE B 767 -27.13 17.17 0.99
N ILE B 768 -26.49 17.54 -0.11
CA ILE B 768 -26.84 18.76 -0.83
C ILE B 768 -27.79 18.43 -1.99
N ILE B 769 -28.85 19.23 -2.13
CA ILE B 769 -29.79 19.09 -3.24
C ILE B 769 -29.61 20.27 -4.20
N ASP B 770 -28.91 20.05 -5.32
CA ASP B 770 -28.62 21.14 -6.26
C ASP B 770 -29.90 21.48 -7.03
N ASP B 771 -29.94 22.63 -7.70
CA ASP B 771 -31.18 23.02 -8.37
C ASP B 771 -31.53 22.16 -9.59
N ASP B 772 -30.56 21.41 -10.10
CA ASP B 772 -30.85 20.49 -11.22
C ASP B 772 -31.00 19.04 -10.79
N ALA B 773 -31.08 18.82 -9.48
CA ALA B 773 -31.22 17.48 -8.92
C ALA B 773 -32.46 16.77 -9.45
N ASP B 774 -32.35 15.47 -9.67
CA ASP B 774 -33.53 14.65 -9.91
C ASP B 774 -34.22 14.46 -8.59
N LEU B 775 -35.31 15.20 -8.34
CA LEU B 775 -35.99 15.12 -7.05
C LEU B 775 -36.66 13.76 -6.81
N ASP B 776 -37.07 13.09 -7.87
CA ASP B 776 -37.66 11.74 -7.75
C ASP B 776 -36.67 10.74 -7.20
N GLU B 777 -35.38 10.95 -7.49
CA GLU B 777 -34.32 10.12 -6.92
C GLU B 777 -33.94 10.60 -5.52
N ALA B 778 -33.81 11.92 -5.38
CA ALA B 778 -33.26 12.49 -4.15
C ALA B 778 -34.14 12.21 -2.96
N VAL B 779 -35.46 12.30 -3.15
CA VAL B 779 -36.38 12.15 -2.01
C VAL B 779 -36.26 10.78 -1.30
N PRO B 780 -36.36 9.66 -2.05
CA PRO B 780 -36.24 8.39 -1.30
C PRO B 780 -34.85 8.12 -0.76
N HIS B 781 -33.81 8.59 -1.44
CA HIS B 781 -32.46 8.43 -0.92
C HIS B 781 -32.22 9.26 0.35
N VAL B 782 -32.74 10.49 0.38
CA VAL B 782 -32.61 11.33 1.57
C VAL B 782 -33.41 10.72 2.73
N LEU B 783 -34.62 10.27 2.44
CA LEU B 783 -35.45 9.67 3.47
C LEU B 783 -34.75 8.45 4.06
N TYR B 784 -34.19 7.59 3.21
CA TYR B 784 -33.46 6.43 3.72
C TYR B 784 -32.18 6.84 4.48
N SER B 785 -31.49 7.87 4.00
CA SER B 785 -30.24 8.28 4.63
C SER B 785 -30.47 8.81 6.04
N ALA B 786 -31.58 9.50 6.22
CA ALA B 786 -31.91 10.13 7.50
C ALA B 786 -32.59 9.18 8.47
N PHE B 787 -33.46 8.31 7.95
CA PHE B 787 -34.32 7.52 8.84
C PHE B 787 -34.12 6.01 8.79
N GLY B 788 -33.23 5.54 7.92
CA GLY B 788 -32.84 4.13 7.91
C GLY B 788 -32.30 3.76 9.27
N PHE B 789 -32.79 2.66 9.85
CA PHE B 789 -32.40 2.28 11.20
C PHE B 789 -32.59 3.45 12.16
N GLN B 790 -33.70 4.18 11.98
CA GLN B 790 -34.04 5.29 12.85
C GLN B 790 -32.95 6.34 12.94
N GLY B 791 -32.11 6.46 11.92
CA GLY B 791 -31.05 7.47 11.92
C GLY B 791 -29.84 7.15 12.78
N GLN B 792 -29.76 5.92 13.28
CA GLN B 792 -28.69 5.55 14.21
C GLN B 792 -27.44 5.06 13.49
N LYS B 793 -26.90 5.89 12.59
CA LYS B 793 -25.68 5.56 11.88
C LYS B 793 -24.74 6.74 11.96
N CYS B 794 -23.46 6.46 12.12
CA CYS B 794 -22.43 7.49 12.02
C CYS B 794 -22.45 8.16 10.64
N SER B 795 -22.89 7.42 9.63
CA SER B 795 -23.00 7.92 8.26
C SER B 795 -24.32 8.63 7.96
N ALA B 796 -25.29 8.59 8.88
CA ALA B 796 -26.65 9.07 8.59
C ALA B 796 -26.72 10.53 8.14
N CYS B 797 -27.65 10.85 7.26
CA CYS B 797 -27.88 12.23 6.87
C CYS B 797 -28.69 12.90 7.97
N SER B 798 -28.15 13.96 8.57
CA SER B 798 -28.87 14.66 9.62
C SER B 798 -29.08 16.10 9.23
N ARG B 799 -28.53 16.47 8.07
CA ARG B 799 -28.66 17.79 7.50
C ARG B 799 -28.94 17.65 6.00
N VAL B 800 -30.05 18.19 5.54
CA VAL B 800 -30.26 18.22 4.10
C VAL B 800 -30.27 19.67 3.65
N ILE B 801 -29.32 20.02 2.79
CA ILE B 801 -29.08 21.40 2.44
C ILE B 801 -29.62 21.59 1.03
N VAL B 802 -30.74 22.32 0.93
CA VAL B 802 -31.51 22.38 -0.31
C VAL B 802 -31.42 23.77 -0.91
N LEU B 803 -31.07 23.86 -2.18
CA LEU B 803 -31.00 25.17 -2.85
C LEU B 803 -32.37 25.81 -2.90
N ASP B 804 -32.39 27.12 -2.65
CA ASP B 804 -33.63 27.89 -2.62
C ASP B 804 -34.51 27.67 -3.85
N ALA B 805 -33.90 27.54 -5.02
CA ALA B 805 -34.66 27.44 -6.27
C ALA B 805 -35.57 26.22 -6.37
N VAL B 806 -35.19 25.12 -5.72
CA VAL B 806 -36.03 23.93 -5.76
C VAL B 806 -36.54 23.56 -4.37
N TYR B 807 -36.47 24.50 -3.44
CA TYR B 807 -36.79 24.19 -2.05
C TYR B 807 -38.24 23.73 -1.86
N ASP B 808 -39.20 24.56 -2.24
CA ASP B 808 -40.61 24.22 -2.00
C ASP B 808 -40.99 22.90 -2.65
N LYS B 809 -40.50 22.70 -3.85
CA LYS B 809 -40.78 21.49 -4.62
C LYS B 809 -40.19 20.24 -3.97
N PHE B 810 -38.94 20.35 -3.50
CA PHE B 810 -38.30 19.20 -2.82
C PHE B 810 -38.94 18.90 -1.47
N ILE B 811 -39.17 19.93 -0.66
CA ILE B 811 -39.71 19.74 0.67
C ILE B 811 -41.13 19.15 0.62
N GLU B 812 -41.92 19.59 -0.35
CA GLU B 812 -43.27 19.09 -0.51
C GLU B 812 -43.21 17.60 -0.79
N ARG B 813 -42.32 17.20 -1.69
CA ARG B 813 -42.20 15.78 -2.04
C ARG B 813 -41.59 14.95 -0.93
N LEU B 814 -40.58 15.48 -0.26
CA LEU B 814 -39.98 14.77 0.87
C LEU B 814 -41.01 14.53 1.97
N VAL B 815 -41.75 15.57 2.35
CA VAL B 815 -42.71 15.44 3.45
C VAL B 815 -43.83 14.46 3.08
N SER B 816 -44.30 14.56 1.84
CA SER B 816 -45.36 13.70 1.35
C SER B 816 -45.02 12.20 1.39
N MET B 817 -43.79 11.85 1.01
CA MET B 817 -43.33 10.47 1.15
C MET B 817 -43.18 10.10 2.61
N ALA B 818 -42.58 10.97 3.42
CA ALA B 818 -42.47 10.72 4.85
C ALA B 818 -43.81 10.34 5.47
N LYS B 819 -44.88 11.08 5.13
CA LYS B 819 -46.22 10.88 5.68
C LYS B 819 -46.77 9.49 5.41
N ALA B 820 -46.33 8.89 4.32
CA ALA B 820 -46.81 7.57 3.94
C ALA B 820 -46.13 6.48 4.76
N THR B 821 -44.98 6.79 5.36
CA THR B 821 -44.20 5.77 6.09
C THR B 821 -44.73 5.59 7.49
N LYS B 822 -44.53 4.39 8.05
CA LYS B 822 -45.01 4.07 9.38
C LYS B 822 -43.85 3.78 10.34
N VAL B 823 -44.00 4.19 11.61
CA VAL B 823 -43.02 3.87 12.64
C VAL B 823 -43.58 2.76 13.53
N GLY B 824 -42.77 1.75 13.83
CA GLY B 824 -43.21 0.62 14.64
C GLY B 824 -42.15 -0.45 14.68
N PRO B 825 -42.42 -1.57 15.39
CA PRO B 825 -41.49 -2.67 15.64
C PRO B 825 -40.73 -3.11 14.38
N SER B 826 -39.41 -3.22 14.48
CA SER B 826 -38.59 -3.56 13.32
C SER B 826 -38.80 -4.99 12.83
N GLU B 827 -39.40 -5.84 13.67
CA GLU B 827 -39.68 -7.20 13.25
C GLU B 827 -40.82 -7.25 12.23
N ASP B 828 -41.63 -6.18 12.20
CA ASP B 828 -42.72 -6.05 11.23
C ASP B 828 -42.18 -5.24 10.06
N PRO B 829 -42.03 -5.91 8.90
CA PRO B 829 -41.35 -5.32 7.75
C PRO B 829 -42.12 -4.18 7.09
N ALA B 830 -43.38 -4.01 7.45
CA ALA B 830 -44.18 -2.89 6.93
C ALA B 830 -43.70 -1.55 7.49
N ASN B 831 -43.04 -1.58 8.64
CA ASN B 831 -42.60 -0.36 9.28
C ASN B 831 -41.31 0.15 8.65
N TYR B 832 -41.20 1.46 8.48
CA TYR B 832 -40.00 2.02 7.86
C TYR B 832 -38.84 2.09 8.86
N MET B 833 -39.16 2.50 10.07
CA MET B 833 -38.15 2.61 11.14
C MET B 833 -38.90 2.35 12.45
N GLY B 834 -38.16 2.19 13.53
CA GLY B 834 -38.78 1.80 14.79
C GLY B 834 -38.11 2.43 15.99
N ALA B 835 -38.19 1.75 17.13
CA ALA B 835 -37.65 2.31 18.36
C ALA B 835 -36.16 2.55 18.24
N VAL B 836 -35.68 3.57 18.94
CA VAL B 836 -34.25 3.77 19.07
C VAL B 836 -33.70 2.83 20.13
N ALA B 837 -32.38 2.85 20.34
CA ALA B 837 -31.67 1.78 21.02
C ALA B 837 -32.05 1.46 22.45
N ASP B 838 -32.29 2.50 23.26
CA ASP B 838 -32.63 2.30 24.67
C ASP B 838 -33.27 3.56 25.24
N ASP B 839 -33.62 3.51 26.53
CA ASP B 839 -34.30 4.63 27.17
C ASP B 839 -33.46 5.91 27.22
N LYS B 840 -32.15 5.77 27.44
CA LYS B 840 -31.27 6.93 27.50
C LYS B 840 -31.19 7.61 26.12
N ALA B 841 -31.14 6.81 25.07
CA ALA B 841 -31.08 7.36 23.72
C ALA B 841 -32.36 8.10 23.38
N MET B 842 -33.51 7.54 23.77
CA MET B 842 -34.79 8.19 23.53
C MET B 842 -34.87 9.55 24.22
N LYS B 843 -34.50 9.60 25.50
CA LYS B 843 -34.54 10.87 26.24
C LYS B 843 -33.61 11.93 25.61
N SER B 844 -32.40 11.53 25.25
CA SER B 844 -31.46 12.44 24.60
C SER B 844 -31.96 12.94 23.23
N ILE B 845 -32.45 12.02 22.41
CA ILE B 845 -32.98 12.39 21.10
C ILE B 845 -34.20 13.31 21.24
N LYS B 846 -35.12 12.97 22.15
CA LYS B 846 -36.29 13.83 22.36
C LYS B 846 -35.93 15.24 22.84
N GLU B 847 -34.92 15.37 23.70
CA GLU B 847 -34.46 16.69 24.12
C GLU B 847 -33.91 17.49 22.93
N TYR B 848 -33.12 16.83 22.09
CA TYR B 848 -32.63 17.45 20.86
C TYR B 848 -33.77 17.83 19.92
N ALA B 849 -34.78 16.97 19.82
CA ALA B 849 -35.94 17.30 18.99
C ALA B 849 -36.62 18.57 19.52
N GLU B 850 -36.70 18.71 20.83
CA GLU B 850 -37.31 19.92 21.41
C GLU B 850 -36.46 21.16 21.16
N ILE B 851 -35.14 21.02 21.28
CA ILE B 851 -34.23 22.11 20.92
C ILE B 851 -34.44 22.51 19.46
N GLY B 852 -34.47 21.51 18.58
CA GLY B 852 -34.64 21.75 17.15
C GLY B 852 -35.95 22.44 16.82
N LYS B 853 -37.01 22.06 17.52
CA LYS B 853 -38.33 22.64 17.25
C LYS B 853 -38.34 24.12 17.61
N ARG B 854 -37.54 24.49 18.60
CA ARG B 854 -37.44 25.88 18.99
C ARG B 854 -36.53 26.65 18.03
N GLU B 855 -35.48 26.00 17.56
CA GLU B 855 -34.53 26.65 16.64
C GLU B 855 -35.14 26.87 15.25
N GLY B 856 -35.89 25.89 14.75
CA GLY B 856 -36.51 26.01 13.44
C GLY B 856 -38.04 25.89 13.47
N HIS B 857 -38.60 25.25 12.44
CA HIS B 857 -40.05 24.98 12.44
C HIS B 857 -40.28 23.53 12.01
N VAL B 858 -41.18 22.84 12.71
CA VAL B 858 -41.49 21.45 12.37
C VAL B 858 -42.14 21.38 11.00
N LEU B 859 -41.61 20.51 10.15
CA LEU B 859 -42.20 20.27 8.82
C LEU B 859 -42.97 18.96 8.84
N TYR B 860 -42.53 18.03 9.68
CA TYR B 860 -43.21 16.75 9.82
C TYR B 860 -42.79 16.07 11.11
N GLU B 861 -43.77 15.56 11.85
CA GLU B 861 -43.50 14.80 13.06
C GLU B 861 -44.45 13.60 13.07
N SER B 862 -43.93 12.40 12.89
CA SER B 862 -44.80 11.23 12.69
C SER B 862 -45.55 10.81 13.94
N PRO B 863 -46.68 10.12 13.76
CA PRO B 863 -47.25 9.45 14.93
C PRO B 863 -46.32 8.30 15.35
N VAL B 864 -46.45 7.82 16.57
CA VAL B 864 -45.73 6.64 17.01
C VAL B 864 -46.70 5.64 17.66
N PRO B 865 -46.28 4.38 17.83
CA PRO B 865 -47.25 3.45 18.44
C PRO B 865 -47.51 3.81 19.89
N ALA B 866 -48.69 3.47 20.41
CA ALA B 866 -48.97 3.69 21.82
C ALA B 866 -48.38 2.53 22.58
N GLY B 867 -48.16 2.72 23.87
CA GLY B 867 -47.65 1.63 24.69
C GLY B 867 -46.15 1.64 24.71
N GLU B 868 -45.56 0.50 25.09
CA GLU B 868 -44.14 0.44 25.36
C GLU B 868 -43.31 0.40 24.09
N GLY B 869 -42.03 0.76 24.24
CA GLY B 869 -41.11 0.84 23.12
C GLY B 869 -40.44 2.21 23.14
N TYR B 870 -39.16 2.27 22.78
CA TYR B 870 -38.43 3.53 22.82
C TYR B 870 -38.63 4.31 21.54
N PHE B 871 -39.89 4.69 21.27
CA PHE B 871 -40.23 5.31 20.01
C PHE B 871 -39.99 6.82 19.96
N VAL B 872 -39.28 7.27 18.93
CA VAL B 872 -39.13 8.69 18.65
C VAL B 872 -39.75 8.89 17.29
N PRO B 873 -40.56 9.94 17.13
CA PRO B 873 -41.19 10.19 15.83
C PRO B 873 -40.18 10.45 14.72
N MET B 874 -40.51 10.05 13.50
CA MET B 874 -39.76 10.48 12.34
C MET B 874 -39.97 11.98 12.29
N THR B 875 -38.88 12.75 12.42
CA THR B 875 -39.02 14.19 12.62
C THR B 875 -38.20 14.97 11.60
N ILE B 876 -38.85 15.90 10.92
CA ILE B 876 -38.21 16.79 9.95
C ILE B 876 -38.45 18.25 10.36
N ILE B 877 -37.36 19.01 10.50
CA ILE B 877 -37.40 20.37 11.02
C ILE B 877 -36.73 21.33 10.02
N GLY B 878 -37.43 22.37 9.59
CA GLY B 878 -36.89 23.32 8.63
C GLY B 878 -36.42 24.61 9.29
N GLY B 879 -35.90 25.54 8.49
CA GLY B 879 -35.45 26.83 9.02
C GLY B 879 -34.15 26.75 9.78
N ILE B 880 -33.41 25.66 9.56
CA ILE B 880 -32.18 25.42 10.29
C ILE B 880 -30.98 26.05 9.58
N LYS B 881 -30.07 26.64 10.38
CA LYS B 881 -28.90 27.34 9.87
C LYS B 881 -27.64 26.86 10.62
N PRO B 882 -26.46 27.06 10.02
CA PRO B 882 -25.24 26.47 10.61
C PRO B 882 -25.01 26.81 12.07
N GLU B 883 -25.51 27.96 12.52
CA GLU B 883 -25.33 28.35 13.91
C GLU B 883 -26.18 27.54 14.91
N HIS B 884 -27.22 26.88 14.41
CA HIS B 884 -28.14 26.13 15.28
C HIS B 884 -27.49 24.88 15.87
N ARG B 885 -27.87 24.53 17.10
CA ARG B 885 -27.34 23.31 17.72
C ARG B 885 -27.65 22.05 16.92
N ILE B 886 -28.86 21.92 16.37
CA ILE B 886 -29.18 20.71 15.60
C ILE B 886 -28.57 20.71 14.19
N ALA B 887 -27.86 21.78 13.85
CA ALA B 887 -27.02 21.78 12.64
C ALA B 887 -25.56 21.44 12.97
N GLN B 888 -25.26 21.27 14.25
CA GLN B 888 -23.87 21.08 14.69
C GLN B 888 -23.66 19.80 15.50
N GLU B 889 -24.62 19.46 16.36
CA GLU B 889 -24.42 18.36 17.31
C GLU B 889 -25.04 17.03 16.83
N GLU B 890 -24.33 15.93 17.04
CA GLU B 890 -24.80 14.64 16.51
C GLU B 890 -25.94 14.13 17.38
N ILE B 891 -27.13 13.98 16.78
CA ILE B 891 -28.31 13.56 17.51
C ILE B 891 -28.41 12.04 17.54
N PHE B 892 -28.03 11.39 16.43
CA PHE B 892 -28.04 9.93 16.32
C PHE B 892 -29.45 9.38 16.49
N GLY B 893 -30.41 10.02 15.84
CA GLY B 893 -31.79 9.59 15.90
C GLY B 893 -32.53 10.13 14.70
N PRO B 894 -33.84 9.89 14.64
CA PRO B 894 -34.61 10.25 13.44
C PRO B 894 -35.04 11.72 13.46
N VAL B 895 -34.07 12.62 13.42
CA VAL B 895 -34.32 14.05 13.45
C VAL B 895 -33.55 14.68 12.30
N LEU B 896 -34.26 15.08 11.25
CA LEU B 896 -33.60 15.62 10.06
C LEU B 896 -33.71 17.15 10.02
N ALA B 897 -32.56 17.83 9.91
CA ALA B 897 -32.53 19.28 9.80
C ALA B 897 -32.55 19.69 8.33
N VAL B 898 -33.45 20.62 7.98
CA VAL B 898 -33.53 21.09 6.60
C VAL B 898 -33.02 22.52 6.50
N MET B 899 -31.99 22.70 5.68
CA MET B 899 -31.29 23.98 5.60
C MET B 899 -31.48 24.59 4.22
N ARG B 900 -32.03 25.80 4.17
CA ARG B 900 -32.32 26.43 2.89
C ARG B 900 -31.16 27.33 2.44
N ALA B 901 -30.39 26.86 1.46
CA ALA B 901 -29.20 27.57 0.99
C ALA B 901 -29.52 28.43 -0.24
N LYS B 902 -28.90 29.60 -0.35
CA LYS B 902 -29.25 30.53 -1.44
C LYS B 902 -28.65 30.11 -2.78
N ASP B 903 -27.47 29.51 -2.76
CA ASP B 903 -26.83 29.07 -3.99
C ASP B 903 -25.85 27.92 -3.72
N PHE B 904 -25.26 27.35 -4.76
CA PHE B 904 -24.42 26.18 -4.59
C PHE B 904 -23.19 26.47 -3.73
N ASP B 905 -22.64 27.67 -3.87
CA ASP B 905 -21.50 28.05 -3.04
C ASP B 905 -21.84 28.05 -1.56
N GLN B 906 -23.00 28.57 -1.20
CA GLN B 906 -23.40 28.52 0.20
C GLN B 906 -23.69 27.08 0.67
N ALA B 907 -24.25 26.26 -0.21
CA ALA B 907 -24.51 24.85 0.12
C ALA B 907 -23.22 24.14 0.51
N ILE B 908 -22.17 24.35 -0.29
CA ILE B 908 -20.86 23.76 0.00
C ILE B 908 -20.31 24.28 1.32
N GLU B 909 -20.34 25.60 1.48
CA GLU B 909 -19.87 26.20 2.71
C GLU B 909 -20.65 25.67 3.92
N TRP B 910 -21.97 25.60 3.81
CA TRP B 910 -22.78 25.08 4.90
C TRP B 910 -22.45 23.61 5.19
N ALA B 911 -22.25 22.84 4.13
CA ALA B 911 -21.89 21.43 4.27
C ALA B 911 -20.61 21.27 5.09
N ASN B 912 -19.66 22.19 4.89
CA ASN B 912 -18.37 22.12 5.57
C ASN B 912 -18.35 22.80 6.93
N SER B 913 -19.51 23.24 7.42
CA SER B 913 -19.58 24.11 8.60
C SER B 913 -19.59 23.41 9.96
N THR B 914 -19.44 22.09 10.01
CA THR B 914 -19.41 21.41 11.30
C THR B 914 -17.99 20.96 11.63
N GLN B 915 -17.80 20.38 12.81
CA GLN B 915 -16.50 19.86 13.20
C GLN B 915 -16.29 18.44 12.71
N PHE B 916 -17.34 17.85 12.15
CA PHE B 916 -17.27 16.48 11.62
C PHE B 916 -17.08 16.47 10.09
N ALA B 917 -16.69 15.32 9.56
CA ALA B 917 -16.44 15.18 8.14
C ALA B 917 -16.44 13.71 7.74
N LEU B 918 -17.48 12.98 8.14
CA LEU B 918 -17.50 11.54 7.90
C LEU B 918 -18.04 11.17 6.53
N THR B 919 -19.34 11.38 6.30
CA THR B 919 -19.90 11.18 4.96
C THR B 919 -20.59 12.44 4.47
N GLY B 920 -20.99 12.41 3.21
CA GLY B 920 -21.73 13.50 2.63
C GLY B 920 -22.34 13.02 1.33
N GLY B 921 -23.34 13.75 0.86
CA GLY B 921 -23.96 13.36 -0.39
C GLY B 921 -24.31 14.59 -1.19
N ILE B 922 -24.40 14.40 -2.51
CA ILE B 922 -24.85 15.49 -3.35
C ILE B 922 -25.72 14.94 -4.46
N PHE B 923 -26.88 15.55 -4.65
CA PHE B 923 -27.69 15.26 -5.82
C PHE B 923 -27.54 16.42 -6.77
N SER B 924 -26.96 16.13 -7.93
CA SER B 924 -26.67 17.14 -8.93
C SER B 924 -26.37 16.48 -10.26
N ARG B 925 -26.76 17.13 -11.34
CA ARG B 925 -26.45 16.62 -12.67
C ARG B 925 -25.62 17.65 -13.42
N SER B 926 -24.93 18.48 -12.65
CA SER B 926 -24.01 19.46 -13.20
C SER B 926 -22.56 18.99 -13.01
N PRO B 927 -21.87 18.69 -14.12
CA PRO B 927 -20.46 18.24 -14.02
C PRO B 927 -19.61 19.22 -13.23
N GLU B 928 -19.82 20.51 -13.43
CA GLU B 928 -19.04 21.52 -12.72
C GLU B 928 -19.30 21.51 -11.23
N HIS B 929 -20.56 21.36 -10.85
CA HIS B 929 -20.88 21.32 -9.42
C HIS B 929 -20.38 20.04 -8.78
N LEU B 930 -20.46 18.93 -9.52
CA LEU B 930 -19.97 17.66 -9.02
C LEU B 930 -18.44 17.72 -8.82
N ALA B 931 -17.74 18.35 -9.77
CA ALA B 931 -16.30 18.49 -9.63
C ALA B 931 -15.96 19.35 -8.41
N LYS B 932 -16.73 20.42 -8.21
CA LYS B 932 -16.50 21.31 -7.08
C LYS B 932 -16.72 20.57 -5.77
N ALA B 933 -17.75 19.73 -5.74
CA ALA B 933 -18.04 18.92 -4.58
C ALA B 933 -16.93 17.90 -4.32
N ARG B 934 -16.42 17.25 -5.37
CA ARG B 934 -15.37 16.25 -5.17
C ARG B 934 -14.15 16.89 -4.53
N ARG B 935 -13.87 18.14 -4.88
CA ARG B 935 -12.69 18.82 -4.35
C ARG B 935 -12.94 19.42 -2.95
N GLU B 936 -14.11 20.04 -2.77
CA GLU B 936 -14.31 20.96 -1.64
C GLU B 936 -15.20 20.43 -0.51
N PHE B 937 -16.07 19.46 -0.83
CA PHE B 937 -16.92 18.84 0.17
C PHE B 937 -16.06 17.76 0.84
N ARG B 938 -15.16 18.18 1.72
CA ARG B 938 -14.13 17.27 2.17
C ARG B 938 -14.59 16.36 3.29
N VAL B 939 -15.20 15.24 2.92
CA VAL B 939 -15.62 14.26 3.90
C VAL B 939 -14.90 12.96 3.59
N GLY B 940 -14.93 12.03 4.52
CA GLY B 940 -14.30 10.74 4.27
C GLY B 940 -14.93 9.92 3.17
N ASN B 941 -16.26 9.95 3.08
CA ASN B 941 -16.99 9.24 2.04
C ASN B 941 -18.04 10.12 1.43
N LEU B 942 -17.77 10.62 0.24
CA LEU B 942 -18.70 11.50 -0.48
C LEU B 942 -19.46 10.67 -1.49
N TYR B 943 -20.79 10.77 -1.47
CA TYR B 943 -21.61 10.03 -2.40
C TYR B 943 -22.35 10.94 -3.39
N ILE B 944 -22.32 10.58 -4.66
CA ILE B 944 -22.94 11.39 -5.70
C ILE B 944 -24.19 10.67 -6.22
N ASN B 945 -25.33 11.34 -6.08
CA ASN B 945 -26.62 10.87 -6.61
C ASN B 945 -27.08 9.52 -6.05
N ARG B 946 -26.88 9.34 -4.75
CA ARG B 946 -27.40 8.20 -4.01
C ARG B 946 -27.29 8.51 -2.53
N ASN B 947 -27.84 7.64 -1.70
CA ASN B 947 -27.80 7.82 -0.25
C ASN B 947 -26.35 7.85 0.23
N ASN B 948 -26.11 8.42 1.39
CA ASN B 948 -24.73 8.52 1.88
C ASN B 948 -24.45 7.52 3.01
N THR B 949 -25.30 6.51 3.13
CA THR B 949 -25.09 5.43 4.10
C THR B 949 -24.80 4.15 3.33
N GLY B 950 -24.46 3.06 4.01
CA GLY B 950 -24.39 1.79 3.31
C GLY B 950 -23.06 1.45 2.64
N ALA B 951 -21.96 1.94 3.19
CA ALA B 951 -20.63 1.64 2.68
C ALA B 951 -20.33 0.13 2.66
N LEU B 952 -19.89 -0.38 1.53
CA LEU B 952 -19.56 -1.81 1.41
C LEU B 952 -18.05 -2.03 1.48
N VAL B 953 -17.62 -3.15 2.07
CA VAL B 953 -16.21 -3.53 2.07
C VAL B 953 -15.62 -3.53 0.66
N GLU B 954 -14.39 -3.04 0.56
CA GLU B 954 -13.65 -2.85 -0.70
C GLU B 954 -14.17 -1.70 -1.59
N ARG B 955 -15.46 -1.71 -1.90
CA ARG B 955 -16.05 -0.67 -2.74
C ARG B 955 -16.06 0.68 -2.06
N GLN B 956 -16.40 0.72 -0.76
CA GLN B 956 -16.39 1.98 -0.02
C GLN B 956 -15.68 1.88 1.33
N PRO B 957 -14.33 1.86 1.30
CA PRO B 957 -13.52 1.90 2.53
C PRO B 957 -13.98 3.09 3.35
N PHE B 958 -14.29 2.88 4.62
CA PHE B 958 -15.13 3.81 5.36
C PHE B 958 -14.41 4.47 6.53
N GLY B 959 -14.51 5.80 6.62
CA GLY B 959 -13.87 6.51 7.72
C GLY B 959 -13.39 7.88 7.30
N GLY B 960 -13.26 8.80 8.25
CA GLY B 960 -12.80 10.14 7.93
C GLY B 960 -11.84 10.73 8.94
N ALA B 961 -11.60 12.04 8.81
CA ALA B 961 -10.70 12.76 9.69
C ALA B 961 -11.49 13.84 10.43
N ARG B 962 -10.87 14.98 10.69
CA ARG B 962 -11.48 16.02 11.53
C ARG B 962 -11.91 15.41 12.86
N MET B 963 -13.10 15.77 13.36
CA MET B 963 -13.59 15.16 14.60
C MET B 963 -14.30 13.83 14.39
N SER B 964 -14.26 13.31 13.16
CA SER B 964 -14.93 12.05 12.83
C SER B 964 -14.07 10.79 12.95
N GLY B 965 -12.77 10.97 13.14
CA GLY B 965 -11.87 9.83 13.24
C GLY B 965 -10.43 10.27 13.08
N VAL B 966 -9.55 9.30 12.94
CA VAL B 966 -8.12 9.62 12.83
C VAL B 966 -7.57 9.20 11.47
N GLY B 967 -8.45 9.04 10.49
CA GLY B 967 -7.99 8.77 9.13
C GLY B 967 -7.80 7.29 8.82
N THR B 968 -8.41 6.43 9.62
CA THR B 968 -8.37 5.00 9.32
C THR B 968 -9.64 4.68 8.52
N LYS B 969 -9.51 3.81 7.53
CA LYS B 969 -10.66 3.40 6.71
C LYS B 969 -10.81 1.90 6.71
N ALA B 970 -11.76 1.43 7.51
CA ALA B 970 -12.15 0.02 7.56
C ALA B 970 -12.60 -0.48 6.19
N GLY B 971 -12.30 -1.76 5.91
CA GLY B 971 -12.69 -2.34 4.64
C GLY B 971 -11.92 -1.80 3.44
N GLY B 972 -10.73 -1.27 3.67
CA GLY B 972 -9.88 -0.79 2.59
C GLY B 972 -8.44 -1.27 2.69
N PRO B 973 -7.63 -0.95 1.67
CA PRO B 973 -6.30 -1.54 1.54
C PRO B 973 -5.21 -0.91 2.42
N ASP B 974 -5.54 0.10 3.24
CA ASP B 974 -4.58 0.69 4.17
C ASP B 974 -4.87 0.32 5.62
N TYR B 975 -5.96 -0.40 5.87
CA TYR B 975 -6.44 -0.62 7.23
C TYR B 975 -5.56 -1.54 8.05
N LEU B 976 -5.22 -2.72 7.51
CA LEU B 976 -4.46 -3.69 8.29
C LEU B 976 -3.12 -3.13 8.78
N LEU B 977 -2.49 -2.27 7.99
CA LEU B 977 -1.19 -1.71 8.40
C LEU B 977 -1.26 -0.97 9.74
N HIS B 978 -2.44 -0.47 10.09
CA HIS B 978 -2.59 0.28 11.34
C HIS B 978 -2.45 -0.61 12.56
N PHE B 979 -2.59 -1.92 12.36
CA PHE B 979 -2.53 -2.88 13.46
C PHE B 979 -1.15 -3.53 13.57
N MET B 980 -0.19 -3.04 12.79
CA MET B 980 1.15 -3.63 12.77
C MET B 980 2.24 -2.56 12.77
N ASP B 981 3.48 -3.01 12.89
CA ASP B 981 4.65 -2.13 12.75
C ASP B 981 5.61 -2.81 11.80
N PRO B 982 6.27 -2.02 10.96
CA PRO B 982 7.22 -2.56 9.98
C PRO B 982 8.58 -2.85 10.59
N ARG B 983 9.27 -3.87 10.06
CA ARG B 983 10.65 -4.15 10.43
C ARG B 983 11.42 -4.34 9.14
N VAL B 984 12.73 -4.10 9.19
CA VAL B 984 13.61 -4.38 8.07
C VAL B 984 14.77 -5.26 8.54
N VAL B 985 15.15 -6.25 7.74
CA VAL B 985 16.35 -7.02 8.02
C VAL B 985 17.29 -6.77 6.85
N THR B 986 18.50 -6.30 7.16
CA THR B 986 19.50 -6.04 6.13
C THR B 986 20.67 -6.99 6.31
N GLU B 987 20.99 -7.75 5.26
CA GLU B 987 22.11 -8.67 5.35
C GLU B 987 23.23 -8.33 4.38
N ASN B 988 24.45 -8.33 4.89
CA ASN B 988 25.64 -8.21 4.07
C ASN B 988 25.93 -9.59 3.47
N THR B 989 25.78 -9.72 2.17
CA THR B 989 25.91 -11.03 1.52
C THR B 989 27.26 -11.24 0.87
N MET B 990 28.16 -10.28 1.04
CA MET B 990 29.52 -10.47 0.54
C MET B 990 30.37 -11.04 1.67
N ARG B 991 30.92 -12.23 1.46
CA ARG B 991 31.66 -12.92 2.52
C ARG B 991 33.16 -12.66 2.45
N ARG B 992 33.85 -13.34 1.54
CA ARG B 992 35.29 -13.13 1.36
C ARG B 992 35.55 -12.50 0.00
N GLY B 993 35.09 -11.27 -0.18
CA GLY B 993 35.22 -10.59 -1.45
C GLY B 993 34.34 -11.24 -2.52
N PHE B 994 33.34 -12.00 -2.08
CA PHE B 994 32.38 -12.61 -3.00
C PHE B 994 30.96 -12.53 -2.45
N ALA B 995 30.04 -12.15 -3.34
CA ALA B 995 28.61 -12.09 -2.99
C ALA B 995 27.80 -12.79 -4.07
N PRO B 996 26.77 -13.54 -3.68
CA PRO B 996 25.91 -14.13 -4.71
C PRO B 996 25.13 -13.02 -5.42
N ILE B 997 24.93 -13.16 -6.72
CA ILE B 997 24.07 -12.23 -7.43
C ILE B 997 22.62 -12.61 -7.20
N GLU B 998 21.77 -11.62 -6.93
CA GLU B 998 20.34 -11.87 -6.86
C GLU B 998 19.67 -11.26 -8.10
N GLU B 999 18.52 -11.83 -8.48
CA GLU B 999 17.89 -11.52 -9.77
C GLU B 999 17.63 -10.02 -10.04
N ASP B 1000 17.37 -9.26 -8.98
CA ASP B 1000 17.01 -7.86 -9.12
C ASP B 1000 18.15 -6.88 -8.83
N ASP B 1001 19.37 -7.41 -8.79
CA ASP B 1001 20.56 -6.60 -8.49
C ASP B 1001 20.91 -5.57 -9.57
N ASP B 1002 21.62 -4.51 -9.14
CA ASP B 1002 22.20 -3.54 -10.06
C ASP B 1002 23.58 -4.00 -10.51
PA FAD C . 43.01 -15.62 -15.15
O1A FAD C . 41.75 -16.51 -15.31
O2A FAD C . 43.74 -15.23 -16.33
O5B FAD C . 42.85 -14.26 -14.58
C5B FAD C . 41.70 -13.97 -13.81
C4B FAD C . 41.62 -12.47 -13.52
O4B FAD C . 40.89 -11.78 -14.48
C3B FAD C . 40.96 -12.17 -12.21
O3B FAD C . 41.78 -12.25 -11.12
C2B FAD C . 40.54 -10.75 -12.40
O2B FAD C . 41.55 -9.88 -12.08
C1B FAD C . 40.25 -10.68 -13.86
N9A FAD C . 38.84 -10.74 -14.18
C8A FAD C . 37.97 -11.77 -13.91
N7A FAD C . 36.75 -11.47 -14.37
C5A FAD C . 36.79 -10.23 -14.99
C6A FAD C . 35.86 -9.42 -15.62
N6A FAD C . 34.49 -9.87 -15.77
N1A FAD C . 36.24 -8.23 -16.12
C2A FAD C . 37.51 -7.78 -16.01
N3A FAD C . 38.44 -8.55 -15.39
C4A FAD C . 38.12 -9.74 -14.88
N1 FAD C . 46.48 -9.53 -6.65
C2 FAD C . 46.52 -8.14 -6.26
O2 FAD C . 45.43 -7.35 -6.43
N3 FAD C . 47.60 -7.66 -5.56
C4 FAD C . 48.74 -8.43 -5.41
O4 FAD C . 49.78 -7.93 -4.68
C4X FAD C . 48.85 -9.74 -6.10
N5 FAD C . 50.05 -10.45 -6.18
C5X FAD C . 50.12 -11.67 -6.86
C6 FAD C . 51.35 -12.38 -6.92
C7 FAD C . 51.42 -13.59 -7.59
C7M FAD C . 52.73 -14.34 -7.67
C8 FAD C . 50.30 -14.13 -8.19
C8M FAD C . 50.38 -15.44 -8.91
C9 FAD C . 49.07 -13.44 -8.13
C9A FAD C . 48.98 -12.22 -7.46
N10 FAD C . 47.74 -11.51 -7.40
C10 FAD C . 47.66 -10.27 -6.72
C1' FAD C . 46.53 -12.08 -8.02
C2' FAD C . 46.30 -11.59 -9.42
O2' FAD C . 46.04 -10.25 -9.42
C3' FAD C . 45.08 -12.33 -9.95
O3' FAD C . 44.14 -12.42 -8.95
C4' FAD C . 45.37 -13.72 -10.44
O4' FAD C . 46.71 -14.03 -10.36
C5' FAD C . 44.93 -13.80 -11.89
O5' FAD C . 45.00 -15.13 -12.31
P FAD C . 45.46 -15.41 -13.81
O1P FAD C . 46.28 -14.34 -14.62
O2P FAD C . 46.20 -16.75 -13.42
O3P FAD C . 44.18 -16.19 -14.43
O1 PG4 D . -9.32 16.61 -5.47
C1 PG4 D . -10.32 15.66 -5.52
C2 PG4 D . -10.93 15.64 -6.89
O2 PG4 D . -11.53 14.41 -7.10
C3 PG4 D . -10.77 13.25 -7.04
C4 PG4 D . -11.62 12.07 -7.36
O3 PG4 D . -11.41 11.66 -8.66
C5 PG4 D . -12.15 10.62 -9.19
C6 PG4 D . -12.24 10.73 -10.67
O4 PG4 D . -13.53 10.98 -11.04
C7 PG4 D . -13.90 10.94 -12.37
C8 PG4 D . -13.82 12.31 -12.99
O5 PG4 D . -15.06 12.92 -12.99
K K E . 26.71 24.48 17.44
PA FAD F . -35.71 -6.56 -30.08
O1A FAD F . -34.54 -5.72 -30.63
O2A FAD F . -36.02 -7.82 -30.72
O5B FAD F . -35.55 -7.07 -28.69
C5B FAD F . -34.80 -6.29 -27.76
C4B FAD F . -34.97 -6.82 -26.33
O4B FAD F . -34.10 -7.87 -26.08
C3B FAD F . -34.71 -5.82 -25.26
O3B FAD F . -35.78 -4.99 -25.02
C2B FAD F . -34.46 -6.71 -24.10
O2B FAD F . -35.65 -7.15 -23.58
C1B FAD F . -33.77 -7.87 -24.71
N9A FAD F . -32.33 -7.86 -24.64
C8A FAD F . -31.48 -6.86 -25.14
N7A FAD F . -30.21 -7.22 -24.91
C5A FAD F . -30.16 -8.45 -24.28
C6A FAD F . -29.14 -9.28 -23.83
N6A FAD F . -27.75 -8.91 -23.98
N1A FAD F . -29.45 -10.44 -23.24
C2A FAD F . -30.75 -10.86 -23.08
N3A FAD F . -31.76 -10.07 -23.51
C4A FAD F . -31.51 -8.89 -24.11
N1 FAD F . -41.58 -4.56 -21.27
C2 FAD F . -41.70 -4.58 -19.85
O2 FAD F . -40.60 -4.89 -19.13
N3 FAD F . -42.90 -4.31 -19.23
C4 FAD F . -44.01 -3.97 -20.00
O4 FAD F . -45.20 -3.70 -19.38
C4X FAD F . -43.92 -3.92 -21.48
N5 FAD F . -45.00 -3.58 -22.30
C5X FAD F . -44.84 -3.56 -23.69
C6 FAD F . -45.93 -3.22 -24.50
C7 FAD F . -45.78 -3.20 -25.89
C7M FAD F . -46.97 -2.84 -26.76
C8 FAD F . -44.57 -3.50 -26.47
C8M FAD F . -44.43 -3.48 -27.96
C9 FAD F . -43.47 -3.85 -25.67
C9A FAD F . -43.61 -3.87 -24.28
N10 FAD F . -42.49 -4.20 -23.46
C10 FAD F . -42.64 -4.23 -22.07
C1' FAD F . -41.18 -4.55 -24.07
C2' FAD F . -40.15 -3.44 -24.14
O2' FAD F . -40.73 -2.21 -23.93
C3' FAD F . -39.53 -3.45 -25.53
O3' FAD F . -40.42 -2.88 -26.41
C4' FAD F . -39.20 -4.83 -26.06
O4' FAD F . -38.47 -5.58 -25.13
C5' FAD F . -38.49 -4.79 -27.40
O5' FAD F . -38.39 -6.11 -27.90
P FAD F . -38.45 -6.48 -29.46
O1P FAD F . -38.91 -7.93 -29.88
O2P FAD F . -39.31 -5.25 -29.92
O3P FAD F . -37.04 -5.91 -30.03
O2 PG4 G . -3.37 9.77 15.01
C3 PG4 G . -4.19 9.23 15.96
C4 PG4 G . -3.94 9.81 17.31
O3 PG4 G . -3.04 9.00 18.00
C5 PG4 G . -2.30 9.57 19.02
C6 PG4 G . -1.17 8.70 19.49
O4 PG4 G . -0.26 8.49 18.48
C7 PG4 G . 0.83 7.66 18.68
C8 PG4 G . 0.51 6.24 18.32
O5 PG4 G . 0.56 6.05 16.95
C2 PG4 H . 11.86 -13.72 9.90
O2 PG4 H . 12.49 -12.94 8.96
C3 PG4 H . 11.79 -12.52 7.84
C4 PG4 H . 12.64 -11.56 7.04
O3 PG4 H . 12.99 -12.12 5.84
C5 PG4 H . 14.32 -12.32 5.53
C6 PG4 H . 14.43 -13.16 4.29
O4 PG4 H . 15.10 -14.33 4.56
C7 PG4 H . 16.18 -14.72 3.79
C8 PG4 H . 16.88 -15.90 4.39
O5 PG4 H . 15.97 -16.91 4.64
K K I . -30.83 -4.62 23.87
C6 C15 J . -22.06 17.97 -31.96
C7 C15 J . -23.36 18.81 -31.77
C8 C15 J . -23.53 19.20 -30.30
C9 C15 J . -24.94 18.87 -29.83
C10 C15 J . -25.62 20.07 -29.19
C11 C15 J . -26.65 19.59 -28.17
C12 C15 J . -27.91 20.41 -28.24
C13 C15 J . -29.03 19.66 -27.62
C14 C15 J . -30.34 20.38 -27.79
C 2OP K . -42.38 0.62 -20.63
O 2OP K . -42.92 1.33 -19.71
CB 2OP K . -43.34 -0.41 -22.62
OHN 2OP K . -44.37 -0.76 -20.50
CA 2OP K . -43.12 -0.60 -21.14
OXT 2OP K . -41.25 0.93 -21.09
#